data_1GJZ
#
_entry.id   1GJZ
#
_cell.length_a   1.000
_cell.length_b   1.000
_cell.length_c   1.000
_cell.angle_alpha   90.00
_cell.angle_beta   90.00
_cell.angle_gamma   90.00
#
_symmetry.space_group_name_H-M   'P 1'
#
_entity_poly.entity_id   1
_entity_poly.type   'polypeptide(L)'
_entity_poly.pdbx_seq_one_letter_code
;GSMQIFVKTLTGKTITLEVEPSDTIENVKAKIQDKEGIPPDQQRLIFAGKQLE
;
_entity_poly.pdbx_strand_id   A,B
#
# COMPACT_ATOMS: atom_id res chain seq x y z
N GLY A 1 -4.60 -1.29 15.02
CA GLY A 1 -3.52 -0.77 15.90
C GLY A 1 -2.16 -1.37 15.58
N SER A 2 -2.13 -2.68 15.38
CA SER A 2 -0.90 -3.38 15.06
C SER A 2 -0.30 -2.87 13.75
N MET A 3 -1.16 -2.73 12.74
CA MET A 3 -0.73 -2.25 11.44
C MET A 3 -1.94 -1.86 10.57
N GLN A 4 -2.79 -1.01 11.12
CA GLN A 4 -3.99 -0.57 10.41
C GLN A 4 -3.61 0.17 9.12
N ILE A 5 -3.90 -0.47 8.00
CA ILE A 5 -3.61 0.09 6.68
C ILE A 5 -4.56 1.23 6.36
N PHE A 6 -4.05 2.23 5.63
CA PHE A 6 -4.87 3.37 5.24
C PHE A 6 -5.57 3.06 3.93
N VAL A 7 -6.88 3.29 3.89
CA VAL A 7 -7.68 3.01 2.70
C VAL A 7 -8.79 4.05 2.53
N LYS A 8 -9.17 4.29 1.28
CA LYS A 8 -10.22 5.25 0.98
C LYS A 8 -11.37 4.55 0.26
N THR A 9 -12.55 4.57 0.88
CA THR A 9 -13.72 3.94 0.30
C THR A 9 -14.20 4.69 -0.93
N LEU A 10 -14.86 3.97 -1.84
CA LEU A 10 -15.38 4.56 -3.07
C LEU A 10 -16.18 5.82 -2.77
N THR A 11 -16.92 5.79 -1.67
CA THR A 11 -17.74 6.94 -1.27
C THR A 11 -16.88 8.12 -0.87
N GLY A 12 -15.83 7.86 -0.09
CA GLY A 12 -14.95 8.94 0.33
C GLY A 12 -14.43 8.76 1.74
N LYS A 13 -15.30 8.32 2.64
CA LYS A 13 -14.93 8.14 4.05
C LYS A 13 -13.67 7.28 4.19
N THR A 14 -12.80 7.68 5.13
CA THR A 14 -11.56 6.95 5.39
C THR A 14 -11.85 5.64 6.11
N ILE A 15 -11.04 4.64 5.86
CA ILE A 15 -11.21 3.33 6.48
C ILE A 15 -9.89 2.76 6.99
N THR A 16 -9.93 2.27 8.22
CA THR A 16 -8.76 1.65 8.85
C THR A 16 -8.92 0.14 8.90
N LEU A 17 -7.82 -0.57 8.75
CA LEU A 17 -7.86 -2.03 8.77
C LEU A 17 -6.50 -2.59 9.18
N GLU A 18 -6.46 -3.23 10.34
CA GLU A 18 -5.22 -3.81 10.85
C GLU A 18 -4.90 -5.16 10.21
N VAL A 19 -3.64 -5.34 9.85
CA VAL A 19 -3.16 -6.58 9.24
C VAL A 19 -1.66 -6.72 9.42
N GLU A 20 -1.21 -7.96 9.62
CA GLU A 20 0.20 -8.23 9.83
C GLU A 20 1.02 -7.84 8.61
N PRO A 21 2.15 -7.15 8.81
CA PRO A 21 3.03 -6.72 7.72
C PRO A 21 3.48 -7.90 6.87
N SER A 22 3.75 -9.02 7.53
CA SER A 22 4.19 -10.23 6.86
C SER A 22 3.11 -10.77 5.94
N ASP A 23 1.86 -10.55 6.32
CA ASP A 23 0.72 -11.02 5.53
C ASP A 23 0.84 -10.55 4.09
N THR A 24 0.57 -11.46 3.15
CA THR A 24 0.67 -11.16 1.73
C THR A 24 -0.22 -9.98 1.34
N ILE A 25 0.25 -9.18 0.40
CA ILE A 25 -0.49 -8.01 -0.06
C ILE A 25 -1.86 -8.42 -0.60
N GLU A 26 -1.89 -9.49 -1.40
CA GLU A 26 -3.14 -9.99 -1.96
C GLU A 26 -4.15 -10.30 -0.87
N ASN A 27 -3.67 -10.92 0.20
CA ASN A 27 -4.53 -11.27 1.33
C ASN A 27 -5.06 -10.01 2.01
N VAL A 28 -4.17 -9.03 2.21
CA VAL A 28 -4.56 -7.77 2.85
C VAL A 28 -5.67 -7.08 2.07
N LYS A 29 -5.47 -6.94 0.76
CA LYS A 29 -6.46 -6.30 -0.11
C LYS A 29 -7.76 -7.09 -0.11
N ALA A 30 -7.65 -8.42 -0.12
CA ALA A 30 -8.82 -9.29 -0.13
C ALA A 30 -9.74 -8.99 1.06
N LYS A 31 -9.14 -8.65 2.20
CA LYS A 31 -9.91 -8.34 3.40
C LYS A 31 -10.73 -7.08 3.17
N ILE A 32 -10.15 -6.13 2.44
CA ILE A 32 -10.84 -4.89 2.14
C ILE A 32 -12.17 -5.19 1.47
N GLN A 33 -12.20 -6.30 0.72
CA GLN A 33 -13.42 -6.73 0.05
C GLN A 33 -14.47 -7.01 1.10
N ASP A 34 -14.09 -7.84 2.07
CA ASP A 34 -14.98 -8.18 3.16
C ASP A 34 -15.38 -6.91 3.90
N LYS A 35 -14.44 -5.98 3.96
CA LYS A 35 -14.63 -4.70 4.62
C LYS A 35 -15.68 -3.86 3.89
N GLU A 36 -15.74 -4.00 2.56
CA GLU A 36 -16.70 -3.25 1.76
C GLU A 36 -17.25 -4.10 0.62
N GLY A 37 -16.42 -4.39 -0.37
CA GLY A 37 -16.85 -5.19 -1.50
C GLY A 37 -16.25 -4.74 -2.81
N ILE A 38 -14.92 -4.66 -2.86
CA ILE A 38 -14.22 -4.23 -4.06
C ILE A 38 -12.98 -5.07 -4.32
N PRO A 39 -12.84 -5.61 -5.55
CA PRO A 39 -11.70 -6.45 -5.94
C PRO A 39 -10.36 -5.85 -5.48
N PRO A 40 -9.43 -6.71 -5.04
CA PRO A 40 -8.11 -6.27 -4.57
C PRO A 40 -7.34 -5.48 -5.62
N ASP A 41 -7.51 -5.86 -6.88
CA ASP A 41 -6.82 -5.19 -7.97
C ASP A 41 -7.20 -3.71 -8.04
N GLN A 42 -8.46 -3.42 -7.77
CA GLN A 42 -8.95 -2.05 -7.79
C GLN A 42 -8.21 -1.17 -6.79
N GLN A 43 -8.02 -1.68 -5.56
CA GLN A 43 -7.35 -0.92 -4.52
C GLN A 43 -5.97 -0.46 -5.00
N ARG A 44 -5.73 0.84 -4.91
CA ARG A 44 -4.45 1.41 -5.33
C ARG A 44 -3.42 1.34 -4.23
N LEU A 45 -2.31 0.68 -4.50
CA LEU A 45 -1.24 0.57 -3.52
C LEU A 45 -0.35 1.81 -3.55
N ILE A 46 -0.05 2.37 -2.39
CA ILE A 46 0.78 3.57 -2.31
C ILE A 46 1.70 3.54 -1.10
N PHE A 47 2.90 4.11 -1.26
CA PHE A 47 3.89 4.16 -0.18
C PHE A 47 4.49 5.56 -0.09
N ALA A 48 4.70 6.04 1.14
CA ALA A 48 5.27 7.38 1.32
C ALA A 48 6.02 7.49 2.65
N GLY A 49 7.32 7.77 2.56
CA GLY A 49 8.13 7.90 3.75
C GLY A 49 7.91 9.21 4.48
N LYS A 50 7.86 9.15 5.80
CA LYS A 50 7.64 10.33 6.62
C LYS A 50 8.33 10.19 7.96
N GLN A 51 9.65 10.33 7.93
CA GLN A 51 10.44 10.27 9.13
C GLN A 51 10.11 11.47 10.00
N LEU A 52 9.33 11.22 11.05
CA LEU A 52 8.90 12.27 11.97
C LEU A 52 10.06 13.19 12.36
N GLU A 53 10.37 14.13 11.47
CA GLU A 53 11.46 15.07 11.72
C GLU A 53 11.18 15.91 12.96
N GLY B 1 5.94 -3.37 -14.23
CA GLY B 1 4.83 -3.77 -15.14
C GLY B 1 3.95 -4.85 -14.53
N SER B 2 4.58 -5.86 -13.96
CA SER B 2 3.84 -6.97 -13.34
C SER B 2 2.97 -6.47 -12.19
N MET B 3 3.52 -5.59 -11.38
CA MET B 3 2.80 -5.03 -10.24
C MET B 3 3.56 -3.84 -9.63
N GLN B 4 3.92 -2.90 -10.49
CA GLN B 4 4.64 -1.72 -10.04
C GLN B 4 3.82 -0.91 -9.04
N ILE B 5 4.28 -0.92 -7.80
CA ILE B 5 3.63 -0.21 -6.71
C ILE B 5 3.85 1.29 -6.84
N PHE B 6 2.87 2.07 -6.41
CA PHE B 6 2.97 3.52 -6.46
C PHE B 6 3.63 4.04 -5.19
N VAL B 7 4.64 4.88 -5.35
CA VAL B 7 5.37 5.42 -4.22
C VAL B 7 5.74 6.87 -4.45
N LYS B 8 5.88 7.63 -3.36
CA LYS B 8 6.25 9.03 -3.44
C LYS B 8 7.51 9.29 -2.63
N THR B 9 8.56 9.72 -3.32
CA THR B 9 9.83 9.98 -2.67
C THR B 9 9.76 11.21 -1.78
N LEU B 10 10.58 11.21 -0.73
CA LEU B 10 10.64 12.31 0.22
C LEU B 10 10.76 13.65 -0.51
N THR B 11 11.51 13.66 -1.60
CA THR B 11 11.70 14.87 -2.38
C THR B 11 10.40 15.30 -3.05
N GLY B 12 9.69 14.35 -3.63
CA GLY B 12 8.43 14.67 -4.29
C GLY B 12 8.19 13.86 -5.56
N LYS B 13 9.22 13.69 -6.37
CA LYS B 13 9.11 12.95 -7.62
C LYS B 13 8.52 11.56 -7.40
N THR B 14 7.65 11.15 -8.32
CA THR B 14 7.00 9.85 -8.23
C THR B 14 7.96 8.72 -8.55
N ILE B 15 7.74 7.58 -7.90
CA ILE B 15 8.58 6.41 -8.09
C ILE B 15 7.73 5.16 -8.34
N THR B 16 8.22 4.32 -9.23
CA THR B 16 7.52 3.09 -9.58
C THR B 16 8.41 1.88 -9.25
N LEU B 17 7.78 0.80 -8.79
CA LEU B 17 8.53 -0.39 -8.43
C LEU B 17 7.67 -1.66 -8.52
N GLU B 18 8.02 -2.54 -9.44
CA GLU B 18 7.29 -3.79 -9.63
C GLU B 18 7.67 -4.82 -8.57
N VAL B 19 6.64 -5.47 -8.02
CA VAL B 19 6.83 -6.50 -7.00
C VAL B 19 5.64 -7.45 -6.99
N GLU B 20 5.92 -8.74 -6.80
CA GLU B 20 4.87 -9.74 -6.78
C GLU B 20 3.86 -9.49 -5.65
N PRO B 21 2.56 -9.59 -5.95
CA PRO B 21 1.50 -9.38 -4.97
C PRO B 21 1.64 -10.31 -3.77
N SER B 22 2.02 -11.54 -4.05
CA SER B 22 2.21 -12.56 -3.01
C SER B 22 3.34 -12.16 -2.07
N ASP B 23 4.33 -11.45 -2.60
CA ASP B 23 5.47 -11.01 -1.80
C ASP B 23 5.00 -10.26 -0.57
N THR B 24 5.59 -10.59 0.58
CA THR B 24 5.24 -9.95 1.84
C THR B 24 5.37 -8.44 1.78
N ILE B 25 4.45 -7.75 2.43
CA ILE B 25 4.46 -6.29 2.46
C ILE B 25 5.78 -5.76 2.99
N GLU B 26 6.27 -6.36 4.07
CA GLU B 26 7.53 -5.95 4.67
C GLU B 26 8.67 -6.02 3.65
N ASN B 27 8.68 -7.09 2.87
CA ASN B 27 9.70 -7.27 1.84
C ASN B 27 9.58 -6.21 0.76
N VAL B 28 8.33 -5.92 0.36
CA VAL B 28 8.07 -4.92 -0.66
C VAL B 28 8.59 -3.55 -0.25
N LYS B 29 8.27 -3.14 0.98
CA LYS B 29 8.72 -1.85 1.49
C LYS B 29 10.23 -1.82 1.63
N ALA B 30 10.80 -2.94 2.08
CA ALA B 30 12.24 -3.05 2.26
C ALA B 30 13.00 -2.73 0.98
N LYS B 31 12.42 -3.10 -0.16
CA LYS B 31 13.04 -2.85 -1.45
C LYS B 31 13.07 -1.35 -1.72
N ILE B 32 12.04 -0.65 -1.25
CA ILE B 32 11.97 0.79 -1.41
C ILE B 32 13.21 1.43 -0.79
N GLN B 33 13.73 0.77 0.25
CA GLN B 33 14.94 1.24 0.92
C GLN B 33 16.07 1.24 -0.09
N ASP B 34 16.25 0.10 -0.73
CA ASP B 34 17.28 -0.06 -1.74
C ASP B 34 17.03 0.94 -2.86
N LYS B 35 15.75 1.19 -3.11
CA LYS B 35 15.33 2.13 -4.14
C LYS B 35 15.74 3.55 -3.79
N GLU B 36 15.75 3.87 -2.50
CA GLU B 36 16.13 5.21 -2.04
C GLU B 36 16.93 5.16 -0.74
N GLY B 37 16.26 4.76 0.34
CA GLY B 37 16.92 4.67 1.63
C GLY B 37 16.03 5.11 2.77
N ILE B 38 14.84 4.51 2.84
CA ILE B 38 13.88 4.86 3.89
C ILE B 38 13.29 3.61 4.54
N PRO B 39 13.26 3.58 5.89
CA PRO B 39 12.70 2.45 6.64
C PRO B 39 11.30 2.07 6.16
N PRO B 40 10.98 0.77 6.12
CA PRO B 40 9.67 0.28 5.66
C PRO B 40 8.52 0.89 6.45
N ASP B 41 8.74 1.10 7.74
CA ASP B 41 7.73 1.66 8.63
C ASP B 41 7.34 3.07 8.20
N GLN B 42 8.31 3.85 7.73
CA GLN B 42 8.06 5.21 7.31
C GLN B 42 7.10 5.26 6.12
N GLN B 43 7.30 4.37 5.14
CA GLN B 43 6.43 4.32 3.97
C GLN B 43 4.97 4.15 4.38
N ARG B 44 4.11 5.02 3.90
CA ARG B 44 2.69 4.96 4.22
C ARG B 44 1.94 4.03 3.28
N LEU B 45 1.27 3.03 3.83
CA LEU B 45 0.50 2.09 3.02
C LEU B 45 -0.89 2.65 2.76
N ILE B 46 -1.32 2.59 1.50
CA ILE B 46 -2.64 3.11 1.12
C ILE B 46 -3.30 2.25 0.06
N PHE B 47 -4.63 2.16 0.13
CA PHE B 47 -5.41 1.37 -0.83
C PHE B 47 -6.63 2.17 -1.28
N ALA B 48 -6.96 2.10 -2.57
CA ALA B 48 -8.12 2.82 -3.09
C ALA B 48 -8.70 2.14 -4.31
N GLY B 49 -9.96 1.70 -4.18
CA GLY B 49 -10.64 1.04 -5.28
C GLY B 49 -11.04 2.00 -6.38
N LYS B 50 -10.83 1.59 -7.63
CA LYS B 50 -11.18 2.42 -8.78
C LYS B 50 -11.55 1.56 -9.97
N GLN B 51 -12.75 1.00 -9.91
CA GLN B 51 -13.26 0.19 -10.98
C GLN B 51 -13.46 1.06 -12.21
N LEU B 52 -12.70 0.78 -13.26
CA LEU B 52 -12.79 1.56 -14.50
C LEU B 52 -14.21 1.62 -15.03
N GLU B 53 -15.02 2.51 -14.44
CA GLU B 53 -16.41 2.67 -14.85
C GLU B 53 -16.49 3.13 -16.30
N GLY A 1 -0.80 -4.14 18.54
CA GLY A 1 -1.18 -5.26 17.64
C GLY A 1 -0.55 -5.13 16.26
N SER A 2 -1.35 -5.40 15.24
CA SER A 2 -0.88 -5.32 13.85
C SER A 2 -0.57 -3.87 13.47
N MET A 3 -1.19 -3.41 12.38
CA MET A 3 -0.97 -2.02 11.93
C MET A 3 -2.12 -1.57 11.03
N GLN A 4 -2.84 -0.56 11.49
CA GLN A 4 -3.97 -0.01 10.74
C GLN A 4 -3.52 0.55 9.40
N ILE A 5 -4.22 0.15 8.34
CA ILE A 5 -3.91 0.60 6.99
C ILE A 5 -4.92 1.65 6.53
N PHE A 6 -4.43 2.66 5.84
CA PHE A 6 -5.29 3.72 5.33
C PHE A 6 -5.81 3.34 3.95
N VAL A 7 -7.14 3.35 3.81
CA VAL A 7 -7.76 2.98 2.53
C VAL A 7 -8.98 3.85 2.24
N LYS A 8 -9.16 4.16 0.96
CA LYS A 8 -10.30 4.97 0.53
C LYS A 8 -11.27 4.13 -0.29
N THR A 9 -12.55 4.18 0.10
CA THR A 9 -13.58 3.42 -0.59
C THR A 9 -13.74 3.90 -2.03
N LEU A 10 -14.91 3.66 -2.62
CA LEU A 10 -15.16 4.06 -4.00
C LEU A 10 -15.04 5.57 -4.15
N THR A 11 -15.79 6.31 -3.32
CA THR A 11 -15.75 7.77 -3.35
C THR A 11 -14.45 8.30 -2.77
N GLY A 12 -14.04 7.74 -1.64
CA GLY A 12 -12.80 8.16 -1.01
C GLY A 12 -12.91 8.18 0.51
N LYS A 13 -13.66 7.23 1.06
CA LYS A 13 -13.82 7.15 2.50
C LYS A 13 -12.63 6.47 3.16
N THR A 14 -12.04 7.12 4.14
CA THR A 14 -10.89 6.57 4.84
C THR A 14 -11.32 5.44 5.76
N ILE A 15 -10.58 4.33 5.74
CA ILE A 15 -10.90 3.19 6.57
C ILE A 15 -9.66 2.60 7.22
N THR A 16 -9.76 2.24 8.50
CA THR A 16 -8.65 1.67 9.23
C THR A 16 -8.73 0.14 9.21
N LEU A 17 -7.57 -0.51 9.14
CA LEU A 17 -7.52 -1.96 9.12
C LEU A 17 -6.12 -2.44 9.49
N GLU A 18 -6.02 -3.11 10.64
CA GLU A 18 -4.74 -3.62 11.11
C GLU A 18 -4.44 -5.01 10.57
N VAL A 19 -3.18 -5.21 10.14
CA VAL A 19 -2.73 -6.49 9.60
C VAL A 19 -1.22 -6.62 9.72
N GLU A 20 -0.74 -7.85 9.83
CA GLU A 20 0.69 -8.11 9.95
C GLU A 20 1.41 -7.85 8.63
N PRO A 21 2.57 -7.18 8.68
CA PRO A 21 3.36 -6.88 7.49
C PRO A 21 3.67 -8.13 6.67
N SER A 22 3.82 -9.26 7.37
CA SER A 22 4.11 -10.53 6.71
C SER A 22 2.95 -10.93 5.81
N ASP A 23 1.73 -10.55 6.22
CA ASP A 23 0.55 -10.86 5.45
C ASP A 23 0.66 -10.33 4.02
N THR A 24 0.41 -11.20 3.04
CA THR A 24 0.51 -10.82 1.63
C THR A 24 -0.42 -9.66 1.29
N ILE A 25 -0.01 -8.88 0.29
CA ILE A 25 -0.80 -7.74 -0.16
C ILE A 25 -2.19 -8.21 -0.57
N GLU A 26 -2.24 -9.45 -1.06
CA GLU A 26 -3.49 -10.06 -1.49
C GLU A 26 -4.44 -10.24 -0.29
N ASN A 27 -3.87 -10.58 0.86
CA ASN A 27 -4.66 -10.80 2.06
C ASN A 27 -5.15 -9.48 2.64
N VAL A 28 -4.25 -8.50 2.77
CA VAL A 28 -4.62 -7.19 3.31
C VAL A 28 -5.74 -6.55 2.50
N LYS A 29 -5.64 -6.63 1.18
CA LYS A 29 -6.66 -6.07 0.30
C LYS A 29 -7.94 -6.90 0.36
N ALA A 30 -7.78 -8.21 0.49
CA ALA A 30 -8.92 -9.11 0.56
C ALA A 30 -9.89 -8.70 1.67
N LYS A 31 -9.33 -8.27 2.79
CA LYS A 31 -10.15 -7.83 3.92
C LYS A 31 -10.92 -6.59 3.53
N ILE A 32 -10.26 -5.71 2.78
CA ILE A 32 -10.87 -4.49 2.32
C ILE A 32 -12.18 -4.81 1.58
N GLN A 33 -12.20 -5.98 0.93
CA GLN A 33 -13.38 -6.43 0.22
C GLN A 33 -14.51 -6.58 1.22
N ASP A 34 -14.20 -7.32 2.29
CA ASP A 34 -15.15 -7.54 3.36
C ASP A 34 -15.53 -6.21 3.99
N LYS A 35 -14.54 -5.31 4.03
CA LYS A 35 -14.72 -3.98 4.59
C LYS A 35 -15.70 -3.15 3.76
N GLU A 36 -15.75 -3.40 2.45
CA GLU A 36 -16.66 -2.67 1.57
C GLU A 36 -17.16 -3.55 0.43
N GLY A 37 -16.28 -3.92 -0.49
CA GLY A 37 -16.69 -4.77 -1.60
C GLY A 37 -16.02 -4.38 -2.91
N ILE A 38 -14.69 -4.46 -2.96
CA ILE A 38 -13.95 -4.13 -4.16
C ILE A 38 -12.71 -5.00 -4.33
N PRO A 39 -12.58 -5.68 -5.48
CA PRO A 39 -11.44 -6.54 -5.79
C PRO A 39 -10.11 -5.95 -5.33
N PRO A 40 -9.18 -6.81 -4.85
CA PRO A 40 -7.86 -6.38 -4.37
C PRO A 40 -7.04 -5.69 -5.45
N ASP A 41 -7.14 -6.19 -6.68
CA ASP A 41 -6.40 -5.62 -7.81
C ASP A 41 -6.75 -4.15 -8.01
N GLN A 42 -8.02 -3.82 -7.77
CA GLN A 42 -8.49 -2.45 -7.94
C GLN A 42 -7.77 -1.50 -6.98
N GLN A 43 -7.60 -1.95 -5.73
CA GLN A 43 -6.94 -1.13 -4.73
C GLN A 43 -5.52 -0.77 -5.17
N ARG A 44 -5.23 0.52 -5.16
CA ARG A 44 -3.92 1.02 -5.57
C ARG A 44 -2.94 1.03 -4.40
N LEU A 45 -1.79 0.40 -4.59
CA LEU A 45 -0.76 0.35 -3.57
C LEU A 45 -0.04 1.69 -3.49
N ILE A 46 0.11 2.21 -2.27
CA ILE A 46 0.78 3.48 -2.07
C ILE A 46 1.60 3.47 -0.78
N PHE A 47 2.82 4.00 -0.86
CA PHE A 47 3.72 4.03 0.29
C PHE A 47 4.32 5.42 0.47
N ALA A 48 4.46 5.87 1.72
CA ALA A 48 5.03 7.19 1.99
C ALA A 48 5.64 7.27 3.39
N GLY A 49 6.93 7.61 3.43
CA GLY A 49 7.63 7.73 4.69
C GLY A 49 7.29 9.02 5.43
N LYS A 50 8.33 9.68 5.95
CA LYS A 50 8.14 10.94 6.67
C LYS A 50 7.70 12.05 5.74
N GLN A 51 6.44 11.99 5.35
CA GLN A 51 5.88 13.00 4.48
C GLN A 51 5.86 14.32 5.22
N LEU A 52 6.88 15.12 4.99
CA LEU A 52 7.03 16.42 5.65
C LEU A 52 5.71 17.18 5.67
N GLU A 53 4.85 16.82 6.62
CA GLU A 53 3.55 17.46 6.76
C GLU A 53 2.73 17.36 5.48
N GLY B 1 3.93 -8.76 -16.23
CA GLY B 1 4.79 -9.20 -15.09
C GLY B 1 4.13 -8.97 -13.75
N SER B 2 4.91 -8.46 -12.80
CA SER B 2 4.42 -8.19 -11.45
C SER B 2 3.40 -7.04 -11.47
N MET B 3 3.65 -6.00 -10.66
CA MET B 3 2.76 -4.86 -10.59
C MET B 3 3.45 -3.63 -10.02
N GLN B 4 3.58 -2.59 -10.82
CA GLN B 4 4.22 -1.36 -10.39
C GLN B 4 3.45 -0.72 -9.24
N ILE B 5 4.16 -0.40 -8.18
CA ILE B 5 3.56 0.22 -7.00
C ILE B 5 3.81 1.72 -6.98
N PHE B 6 2.79 2.49 -6.63
CA PHE B 6 2.92 3.93 -6.55
C PHE B 6 3.39 4.34 -5.16
N VAL B 7 4.48 5.07 -5.10
CA VAL B 7 5.03 5.50 -3.82
C VAL B 7 5.78 6.83 -3.95
N LYS B 8 5.61 7.68 -2.96
CA LYS B 8 6.26 8.99 -2.96
C LYS B 8 7.48 8.99 -2.05
N THR B 9 8.57 9.58 -2.53
CA THR B 9 9.81 9.66 -1.77
C THR B 9 9.67 10.58 -0.57
N LEU B 10 10.80 11.10 -0.09
CA LEU B 10 10.81 11.99 1.06
C LEU B 10 9.97 13.24 0.79
N THR B 11 10.24 13.92 -0.32
CA THR B 11 9.50 15.12 -0.69
C THR B 11 8.13 14.76 -1.24
N GLY B 12 8.11 13.76 -2.13
CA GLY B 12 6.86 13.32 -2.72
C GLY B 12 7.02 12.91 -4.17
N LYS B 13 8.19 12.36 -4.50
CA LYS B 13 8.47 11.91 -5.86
C LYS B 13 7.82 10.56 -6.13
N THR B 14 7.06 10.47 -7.21
CA THR B 14 6.40 9.23 -7.58
C THR B 14 7.40 8.23 -8.15
N ILE B 15 7.30 6.98 -7.73
CA ILE B 15 8.21 5.94 -8.21
C ILE B 15 7.49 4.61 -8.40
N THR B 16 7.59 4.07 -9.61
CA THR B 16 6.98 2.79 -9.94
C THR B 16 7.88 1.64 -9.54
N LEU B 17 7.27 0.53 -9.16
CA LEU B 17 8.02 -0.65 -8.75
C LEU B 17 7.14 -1.90 -8.82
N GLU B 18 7.47 -2.80 -9.73
CA GLU B 18 6.72 -4.04 -9.90
C GLU B 18 7.14 -5.07 -8.85
N VAL B 19 6.17 -5.80 -8.33
CA VAL B 19 6.42 -6.80 -7.31
C VAL B 19 5.19 -7.67 -7.08
N GLU B 20 5.39 -8.98 -7.04
CA GLU B 20 4.30 -9.92 -6.85
C GLU B 20 3.51 -9.62 -5.57
N PRO B 21 2.18 -9.73 -5.64
CA PRO B 21 1.30 -9.48 -4.49
C PRO B 21 1.58 -10.44 -3.33
N SER B 22 1.98 -11.66 -3.68
CA SER B 22 2.28 -12.67 -2.67
C SER B 22 3.45 -12.21 -1.80
N ASP B 23 4.25 -11.30 -2.35
CA ASP B 23 5.40 -10.78 -1.62
C ASP B 23 4.95 -9.98 -0.40
N THR B 24 5.59 -10.24 0.74
CA THR B 24 5.26 -9.56 1.99
C THR B 24 5.44 -8.06 1.86
N ILE B 25 4.62 -7.30 2.59
CA ILE B 25 4.70 -5.85 2.58
C ILE B 25 6.12 -5.42 2.95
N GLU B 26 6.76 -6.23 3.77
CA GLU B 26 8.12 -5.96 4.20
C GLU B 26 9.09 -5.99 3.03
N ASN B 27 8.85 -6.91 2.09
CA ASN B 27 9.70 -7.04 0.92
C ASN B 27 9.48 -5.90 -0.07
N VAL B 28 8.21 -5.62 -0.38
CA VAL B 28 7.89 -4.55 -1.32
C VAL B 28 8.48 -3.22 -0.87
N LYS B 29 8.36 -2.91 0.42
CA LYS B 29 8.88 -1.67 0.97
C LYS B 29 10.41 -1.72 1.02
N ALA B 30 10.95 -2.91 1.27
CA ALA B 30 12.40 -3.10 1.33
C ALA B 30 13.07 -2.64 0.03
N LYS B 31 12.41 -2.92 -1.09
CA LYS B 31 12.94 -2.52 -2.39
C LYS B 31 12.99 -1.01 -2.48
N ILE B 32 11.95 -0.38 -1.95
CA ILE B 32 11.84 1.06 -1.93
C ILE B 32 13.09 1.66 -1.27
N GLN B 33 13.65 0.93 -0.31
CA GLN B 33 14.86 1.37 0.37
C GLN B 33 15.98 1.50 -0.65
N ASP B 34 16.17 0.41 -1.39
CA ASP B 34 17.19 0.39 -2.44
C ASP B 34 16.84 1.44 -3.48
N LYS B 35 15.55 1.66 -3.66
CA LYS B 35 15.04 2.64 -4.61
C LYS B 35 15.41 4.06 -4.21
N GLU B 36 15.51 4.30 -2.90
CA GLU B 36 15.85 5.64 -2.41
C GLU B 36 16.65 5.56 -1.11
N GLY B 37 16.05 4.99 -0.07
CA GLY B 37 16.73 4.87 1.21
C GLY B 37 15.86 5.25 2.39
N ILE B 38 14.72 4.56 2.53
CA ILE B 38 13.80 4.84 3.62
C ILE B 38 13.26 3.55 4.24
N PRO B 39 13.33 3.43 5.58
CA PRO B 39 12.84 2.25 6.28
C PRO B 39 11.42 1.88 5.86
N PRO B 40 11.12 0.57 5.77
CA PRO B 40 9.80 0.08 5.36
C PRO B 40 8.69 0.57 6.29
N ASP B 41 8.98 0.61 7.58
CA ASP B 41 8.00 1.06 8.58
C ASP B 41 7.56 2.49 8.32
N GLN B 42 8.49 3.32 7.84
CA GLN B 42 8.19 4.71 7.57
C GLN B 42 7.16 4.84 6.44
N GLN B 43 7.30 4.01 5.41
CA GLN B 43 6.39 4.04 4.28
C GLN B 43 4.95 3.76 4.74
N ARG B 44 4.03 4.65 4.35
CA ARG B 44 2.64 4.51 4.74
C ARG B 44 1.84 3.67 3.75
N LEU B 45 1.17 2.64 4.26
CA LEU B 45 0.35 1.77 3.43
C LEU B 45 -0.95 2.46 3.05
N ILE B 46 -1.29 2.42 1.76
CA ILE B 46 -2.50 3.04 1.27
C ILE B 46 -3.12 2.21 0.14
N PHE B 47 -4.45 2.08 0.17
CA PHE B 47 -5.15 1.30 -0.84
C PHE B 47 -6.38 2.07 -1.34
N ALA B 48 -6.67 1.96 -2.63
CA ALA B 48 -7.82 2.64 -3.21
C ALA B 48 -8.31 1.95 -4.47
N GLY B 49 -9.58 1.52 -4.45
CA GLY B 49 -10.15 0.84 -5.60
C GLY B 49 -10.42 1.79 -6.75
N LYS B 50 -11.59 1.64 -7.36
CA LYS B 50 -11.99 2.48 -8.48
C LYS B 50 -12.31 3.89 -8.03
N GLN B 51 -11.26 4.65 -7.75
CA GLN B 51 -11.42 6.03 -7.33
C GLN B 51 -12.04 6.83 -8.48
N LEU B 52 -13.30 7.18 -8.34
CA LEU B 52 -14.01 7.93 -9.37
C LEU B 52 -13.26 9.21 -9.74
N GLU B 53 -12.23 9.07 -10.56
CA GLU B 53 -11.43 10.21 -10.98
C GLU B 53 -10.84 10.95 -9.78
N GLY A 1 -3.00 -7.97 14.97
CA GLY A 1 -2.56 -6.57 15.19
C GLY A 1 -1.11 -6.34 14.79
N SER A 2 -0.86 -5.24 14.07
CA SER A 2 0.49 -4.91 13.63
C SER A 2 0.55 -3.50 13.08
N MET A 3 -0.40 -3.15 12.22
CA MET A 3 -0.47 -1.83 11.63
C MET A 3 -1.75 -1.64 10.82
N GLN A 4 -2.53 -0.64 11.20
CA GLN A 4 -3.79 -0.36 10.52
C GLN A 4 -3.52 0.32 9.16
N ILE A 5 -3.81 -0.39 8.08
CA ILE A 5 -3.60 0.12 6.74
C ILE A 5 -4.63 1.20 6.39
N PHE A 6 -4.16 2.28 5.78
CA PHE A 6 -5.04 3.36 5.37
C PHE A 6 -5.55 3.10 3.96
N VAL A 7 -6.86 3.19 3.78
CA VAL A 7 -7.46 2.93 2.48
C VAL A 7 -8.70 3.79 2.24
N LYS A 8 -8.80 4.37 1.05
CA LYS A 8 -9.94 5.19 0.70
C LYS A 8 -11.00 4.35 -0.01
N THR A 9 -12.21 4.33 0.54
CA THR A 9 -13.29 3.55 -0.04
C THR A 9 -13.77 4.15 -1.35
N LEU A 10 -14.99 3.82 -1.74
CA LEU A 10 -15.57 4.34 -2.97
C LEU A 10 -16.22 5.70 -2.76
N THR A 11 -17.03 5.80 -1.73
CA THR A 11 -17.72 7.05 -1.42
C THR A 11 -16.75 8.11 -0.88
N GLY A 12 -15.88 7.70 0.03
CA GLY A 12 -14.92 8.63 0.61
C GLY A 12 -14.42 8.19 1.97
N LYS A 13 -15.31 7.59 2.76
CA LYS A 13 -14.96 7.13 4.11
C LYS A 13 -13.68 6.30 4.08
N THR A 14 -12.76 6.63 4.99
CA THR A 14 -11.50 5.92 5.09
C THR A 14 -11.63 4.66 5.94
N ILE A 15 -11.11 3.56 5.44
CA ILE A 15 -11.17 2.29 6.16
C ILE A 15 -9.89 2.03 6.92
N THR A 16 -10.03 1.70 8.20
CA THR A 16 -8.88 1.38 9.04
C THR A 16 -8.88 -0.12 9.30
N LEU A 17 -7.74 -0.76 9.07
CA LEU A 17 -7.65 -2.21 9.25
C LEU A 17 -6.21 -2.66 9.42
N GLU A 18 -5.88 -3.16 10.61
CA GLU A 18 -4.53 -3.62 10.91
C GLU A 18 -4.24 -4.97 10.27
N VAL A 19 -3.00 -5.17 9.82
CA VAL A 19 -2.60 -6.42 9.18
C VAL A 19 -1.12 -6.72 9.42
N GLU A 20 -0.80 -8.00 9.54
CA GLU A 20 0.57 -8.44 9.78
C GLU A 20 1.45 -8.19 8.56
N PRO A 21 2.71 -7.81 8.78
CA PRO A 21 3.67 -7.54 7.69
C PRO A 21 3.85 -8.74 6.78
N SER A 22 3.91 -9.91 7.39
CA SER A 22 4.10 -11.16 6.67
C SER A 22 2.92 -11.44 5.74
N ASP A 23 1.74 -10.95 6.13
CA ASP A 23 0.55 -11.15 5.33
C ASP A 23 0.74 -10.61 3.91
N THR A 24 0.42 -11.44 2.92
CA THR A 24 0.56 -11.07 1.51
C THR A 24 -0.32 -9.87 1.16
N ILE A 25 0.16 -9.07 0.21
CA ILE A 25 -0.58 -7.90 -0.23
C ILE A 25 -1.98 -8.27 -0.69
N GLU A 26 -2.09 -9.38 -1.41
CA GLU A 26 -3.37 -9.86 -1.90
C GLU A 26 -4.30 -10.22 -0.74
N ASN A 27 -3.71 -10.63 0.38
CA ASN A 27 -4.47 -11.01 1.56
C ASN A 27 -5.11 -9.79 2.21
N VAL A 28 -4.31 -8.75 2.44
CA VAL A 28 -4.80 -7.53 3.05
C VAL A 28 -5.88 -6.87 2.20
N LYS A 29 -5.65 -6.85 0.89
CA LYS A 29 -6.60 -6.25 -0.05
C LYS A 29 -7.94 -6.98 0.02
N ALA A 30 -7.87 -8.30 0.20
CA ALA A 30 -9.06 -9.12 0.28
C ALA A 30 -9.95 -8.72 1.44
N LYS A 31 -9.32 -8.33 2.56
CA LYS A 31 -10.08 -7.92 3.74
C LYS A 31 -10.90 -6.69 3.40
N ILE A 32 -10.28 -5.78 2.66
CA ILE A 32 -10.94 -4.55 2.24
C ILE A 32 -12.25 -4.89 1.53
N GLN A 33 -12.25 -6.03 0.83
CA GLN A 33 -13.46 -6.48 0.14
C GLN A 33 -14.53 -6.73 1.16
N ASP A 34 -14.17 -7.51 2.17
CA ASP A 34 -15.08 -7.82 3.26
C ASP A 34 -15.50 -6.53 3.93
N LYS A 35 -14.57 -5.57 3.94
CA LYS A 35 -14.79 -4.27 4.52
C LYS A 35 -15.78 -3.45 3.68
N GLU A 36 -15.77 -3.69 2.36
CA GLU A 36 -16.67 -2.99 1.46
C GLU A 36 -17.20 -3.92 0.37
N GLY A 37 -16.33 -4.37 -0.53
CA GLY A 37 -16.76 -5.27 -1.58
C GLY A 37 -15.95 -5.13 -2.86
N ILE A 38 -15.50 -3.91 -3.15
CA ILE A 38 -14.73 -3.63 -4.35
C ILE A 38 -13.60 -4.63 -4.61
N PRO A 39 -13.51 -5.13 -5.85
CA PRO A 39 -12.48 -6.08 -6.27
C PRO A 39 -11.07 -5.64 -5.87
N PRO A 40 -10.13 -6.59 -5.75
CA PRO A 40 -8.74 -6.30 -5.37
C PRO A 40 -7.99 -5.51 -6.44
N ASP A 41 -8.22 -5.85 -7.70
CA ASP A 41 -7.54 -5.17 -8.82
C ASP A 41 -7.80 -3.67 -8.78
N GLN A 42 -9.03 -3.29 -8.45
CA GLN A 42 -9.39 -1.88 -8.37
C GLN A 42 -8.55 -1.16 -7.33
N GLN A 43 -8.37 -1.82 -6.18
CA GLN A 43 -7.59 -1.27 -5.09
C GLN A 43 -6.17 -0.92 -5.53
N ARG A 44 -5.63 0.18 -5.00
CA ARG A 44 -4.28 0.60 -5.35
C ARG A 44 -3.51 1.04 -4.11
N LEU A 45 -2.50 0.24 -3.75
CA LEU A 45 -1.67 0.55 -2.59
C LEU A 45 -0.67 1.64 -2.93
N ILE A 46 -0.47 2.57 -1.99
CA ILE A 46 0.47 3.68 -2.20
C ILE A 46 1.32 3.92 -0.96
N PHE A 47 2.61 3.65 -1.07
CA PHE A 47 3.54 3.83 0.05
C PHE A 47 4.02 5.28 0.10
N ALA A 48 4.28 5.78 1.30
CA ALA A 48 4.75 7.15 1.48
C ALA A 48 5.46 7.33 2.81
N GLY A 49 6.69 7.85 2.75
CA GLY A 49 7.46 8.06 3.97
C GLY A 49 6.93 9.20 4.81
N LYS A 50 7.85 10.06 5.26
CA LYS A 50 7.49 11.21 6.09
C LYS A 50 6.67 12.23 5.33
N GLN A 51 5.40 11.92 5.12
CA GLN A 51 4.51 12.83 4.43
C GLN A 51 4.38 14.09 5.25
N LEU A 52 5.09 15.13 4.84
CA LEU A 52 5.08 16.41 5.55
C LEU A 52 3.67 16.84 5.93
N GLU A 53 3.20 16.33 7.07
CA GLU A 53 1.86 16.64 7.56
C GLU A 53 1.67 18.15 7.68
N GLY B 1 7.99 -9.50 -11.98
CA GLY B 1 6.92 -8.70 -12.62
C GLY B 1 5.53 -9.09 -12.16
N SER B 2 4.70 -8.09 -11.86
CA SER B 2 3.34 -8.34 -11.40
C SER B 2 2.54 -7.04 -11.33
N MET B 3 3.13 -6.02 -10.71
CA MET B 3 2.47 -4.73 -10.58
C MET B 3 3.41 -3.69 -9.95
N GLN B 4 3.68 -2.61 -10.69
CA GLN B 4 4.54 -1.55 -10.19
C GLN B 4 3.83 -0.76 -9.10
N ILE B 5 4.34 -0.86 -7.87
CA ILE B 5 3.75 -0.17 -6.73
C ILE B 5 4.03 1.33 -6.78
N PHE B 6 3.01 2.14 -6.56
CA PHE B 6 3.15 3.58 -6.56
C PHE B 6 3.49 4.07 -5.15
N VAL B 7 4.59 4.81 -5.04
CA VAL B 7 5.02 5.33 -3.75
C VAL B 7 5.78 6.65 -3.90
N LYS B 8 5.40 7.64 -3.10
CA LYS B 8 6.04 8.95 -3.14
C LYS B 8 7.30 8.96 -2.28
N THR B 9 8.39 9.47 -2.84
CA THR B 9 9.65 9.53 -2.12
C THR B 9 9.63 10.66 -1.09
N LEU B 10 10.81 11.13 -0.70
CA LEU B 10 10.93 12.20 0.28
C LEU B 10 10.82 13.57 -0.39
N THR B 11 11.58 13.75 -1.47
CA THR B 11 11.57 15.02 -2.19
C THR B 11 10.26 15.23 -2.94
N GLY B 12 9.81 14.20 -3.63
CA GLY B 12 8.57 14.29 -4.38
C GLY B 12 8.49 13.28 -5.52
N LYS B 13 9.62 13.02 -6.15
CA LYS B 13 9.69 12.09 -7.27
C LYS B 13 9.01 10.77 -6.93
N THR B 14 8.13 10.32 -7.82
CA THR B 14 7.42 9.06 -7.64
C THR B 14 8.29 7.89 -8.07
N ILE B 15 8.22 6.80 -7.31
CA ILE B 15 9.01 5.62 -7.65
C ILE B 15 8.13 4.42 -7.97
N THR B 16 8.42 3.78 -9.10
CA THR B 16 7.67 2.63 -9.54
C THR B 16 8.53 1.37 -9.49
N LEU B 17 7.94 0.28 -9.02
CA LEU B 17 8.64 -0.98 -8.93
C LEU B 17 7.65 -2.13 -8.76
N GLU B 18 7.65 -3.05 -9.72
CA GLU B 18 6.73 -4.18 -9.71
C GLU B 18 7.11 -5.19 -8.62
N VAL B 19 6.08 -5.83 -8.05
CA VAL B 19 6.28 -6.82 -7.00
C VAL B 19 5.16 -7.86 -7.01
N GLU B 20 5.53 -9.10 -6.75
CA GLU B 20 4.56 -10.20 -6.73
C GLU B 20 3.60 -10.05 -5.56
N PRO B 21 2.32 -10.41 -5.75
CA PRO B 21 1.29 -10.31 -4.71
C PRO B 21 1.67 -11.11 -3.47
N SER B 22 2.30 -12.25 -3.70
CA SER B 22 2.72 -13.12 -2.62
C SER B 22 3.77 -12.46 -1.73
N ASP B 23 4.59 -11.60 -2.34
CA ASP B 23 5.63 -10.90 -1.59
C ASP B 23 5.04 -10.15 -0.40
N THR B 24 5.66 -10.34 0.76
CA THR B 24 5.21 -9.69 1.99
C THR B 24 5.32 -8.18 1.89
N ILE B 25 4.41 -7.48 2.57
CA ILE B 25 4.42 -6.03 2.58
C ILE B 25 5.78 -5.48 3.00
N GLU B 26 6.35 -6.10 4.02
CA GLU B 26 7.66 -5.69 4.53
C GLU B 26 8.74 -5.86 3.46
N ASN B 27 8.55 -6.85 2.58
CA ASN B 27 9.50 -7.13 1.53
C ASN B 27 9.49 -6.03 0.47
N VAL B 28 8.30 -5.66 0.00
CA VAL B 28 8.16 -4.62 -1.01
C VAL B 28 8.67 -3.28 -0.49
N LYS B 29 8.34 -2.97 0.76
CA LYS B 29 8.77 -1.73 1.39
C LYS B 29 10.30 -1.65 1.44
N ALA B 30 10.92 -2.79 1.71
CA ALA B 30 12.37 -2.87 1.81
C ALA B 30 13.04 -2.45 0.50
N LYS B 31 12.42 -2.78 -0.63
CA LYS B 31 12.97 -2.42 -1.93
C LYS B 31 13.03 -0.91 -2.06
N ILE B 32 11.97 -0.26 -1.57
CA ILE B 32 11.90 1.19 -1.60
C ILE B 32 13.13 1.79 -0.93
N GLN B 33 13.64 1.07 0.08
CA GLN B 33 14.83 1.52 0.78
C GLN B 33 15.98 1.54 -0.21
N ASP B 34 16.15 0.42 -0.90
CA ASP B 34 17.19 0.29 -1.90
C ASP B 34 16.96 1.35 -2.98
N LYS B 35 15.68 1.66 -3.20
CA LYS B 35 15.27 2.64 -4.18
C LYS B 35 15.66 4.06 -3.75
N GLU B 36 15.67 4.30 -2.44
CA GLU B 36 16.03 5.62 -1.91
C GLU B 36 16.85 5.49 -0.63
N GLY B 37 16.27 4.88 0.39
CA GLY B 37 16.98 4.70 1.66
C GLY B 37 16.19 5.22 2.83
N ILE B 38 14.88 4.97 2.83
CA ILE B 38 14.02 5.42 3.91
C ILE B 38 13.52 4.25 4.74
N PRO B 39 13.53 4.38 6.08
CA PRO B 39 13.07 3.32 6.97
C PRO B 39 11.67 2.82 6.60
N PRO B 40 11.43 1.51 6.75
CA PRO B 40 10.13 0.91 6.42
C PRO B 40 8.98 1.49 7.23
N ASP B 41 9.24 1.77 8.51
CA ASP B 41 8.23 2.33 9.39
C ASP B 41 7.71 3.67 8.87
N GLN B 42 8.62 4.48 8.34
CA GLN B 42 8.26 5.78 7.81
C GLN B 42 7.31 5.64 6.61
N GLN B 43 7.56 4.64 5.78
CA GLN B 43 6.73 4.38 4.61
C GLN B 43 5.30 4.06 5.02
N ARG B 44 4.34 4.50 4.21
CA ARG B 44 2.93 4.26 4.51
C ARG B 44 2.15 3.86 3.26
N LEU B 45 1.66 2.63 3.25
CA LEU B 45 0.86 2.13 2.12
C LEU B 45 -0.56 2.67 2.18
N ILE B 46 -1.13 2.92 1.02
CA ILE B 46 -2.50 3.43 0.93
C ILE B 46 -3.24 2.83 -0.25
N PHE B 47 -4.20 1.96 0.05
CA PHE B 47 -4.99 1.30 -0.99
C PHE B 47 -6.14 2.18 -1.43
N ALA B 48 -6.46 2.11 -2.72
CA ALA B 48 -7.56 2.93 -3.27
C ALA B 48 -8.11 2.31 -4.55
N GLY B 49 -9.43 2.09 -4.57
CA GLY B 49 -10.07 1.50 -5.73
C GLY B 49 -10.12 2.44 -6.92
N LYS B 50 -11.28 2.51 -7.56
CA LYS B 50 -11.47 3.36 -8.73
C LYS B 50 -11.39 4.84 -8.36
N GLN B 51 -10.17 5.32 -8.15
CA GLN B 51 -9.97 6.72 -7.83
C GLN B 51 -10.41 7.56 -9.02
N LEU B 52 -11.51 8.29 -8.85
CA LEU B 52 -12.05 9.12 -9.91
C LEU B 52 -10.99 10.05 -10.49
N GLU B 53 -10.16 9.50 -11.38
CA GLU B 53 -9.09 10.26 -12.01
C GLU B 53 -9.66 11.23 -13.05
N GLY A 1 -2.39 -3.33 18.35
CA GLY A 1 -2.34 -4.68 17.71
C GLY A 1 -2.16 -4.62 16.21
N SER A 2 -1.24 -5.43 15.69
CA SER A 2 -0.98 -5.46 14.25
C SER A 2 -0.61 -4.06 13.75
N MET A 3 -1.30 -3.61 12.70
CA MET A 3 -1.03 -2.29 12.13
C MET A 3 -2.16 -1.86 11.17
N GLN A 4 -2.84 -0.78 11.54
CA GLN A 4 -3.92 -0.25 10.73
C GLN A 4 -3.40 0.33 9.42
N ILE A 5 -4.09 0.02 8.33
CA ILE A 5 -3.71 0.51 7.02
C ILE A 5 -4.69 1.56 6.52
N PHE A 6 -4.17 2.56 5.81
CA PHE A 6 -5.01 3.61 5.27
C PHE A 6 -5.51 3.23 3.87
N VAL A 7 -6.82 3.33 3.66
CA VAL A 7 -7.41 2.98 2.37
C VAL A 7 -8.64 3.81 2.08
N LYS A 8 -8.67 4.41 0.90
CA LYS A 8 -9.81 5.25 0.49
C LYS A 8 -10.92 4.39 -0.12
N THR A 9 -12.12 4.55 0.42
CA THR A 9 -13.27 3.79 -0.08
C THR A 9 -13.72 4.31 -1.43
N LEU A 10 -14.99 4.06 -1.78
CA LEU A 10 -15.53 4.52 -3.05
C LEU A 10 -15.79 6.02 -3.03
N THR A 11 -16.49 6.48 -1.99
CA THR A 11 -16.81 7.90 -1.85
C THR A 11 -15.59 8.71 -1.46
N GLY A 12 -14.83 8.22 -0.49
CA GLY A 12 -13.64 8.93 -0.04
C GLY A 12 -13.23 8.55 1.37
N LYS A 13 -14.21 8.22 2.21
CA LYS A 13 -13.96 7.86 3.60
C LYS A 13 -12.80 6.86 3.71
N THR A 14 -11.86 7.17 4.59
CA THR A 14 -10.70 6.31 4.82
C THR A 14 -11.03 5.22 5.83
N ILE A 15 -10.64 3.99 5.53
CA ILE A 15 -10.88 2.86 6.42
C ILE A 15 -9.65 2.49 7.21
N THR A 16 -9.80 2.40 8.52
CA THR A 16 -8.71 1.99 9.38
C THR A 16 -8.81 0.48 9.58
N LEU A 17 -7.81 -0.24 9.12
CA LEU A 17 -7.84 -1.70 9.22
C LEU A 17 -6.46 -2.28 9.50
N GLU A 18 -6.34 -2.91 10.68
CA GLU A 18 -5.09 -3.53 11.10
C GLU A 18 -4.87 -4.86 10.38
N VAL A 19 -3.62 -5.15 10.06
CA VAL A 19 -3.27 -6.39 9.37
C VAL A 19 -1.76 -6.61 9.38
N GLU A 20 -1.35 -7.86 9.62
CA GLU A 20 0.06 -8.21 9.68
C GLU A 20 0.82 -7.73 8.44
N PRO A 21 2.06 -7.22 8.64
CA PRO A 21 2.91 -6.74 7.54
C PRO A 21 3.32 -7.86 6.60
N SER A 22 3.69 -9.01 7.18
CA SER A 22 4.11 -10.16 6.41
C SER A 22 2.96 -10.68 5.56
N ASP A 23 1.74 -10.36 5.98
CA ASP A 23 0.54 -10.77 5.25
C ASP A 23 0.64 -10.33 3.79
N THR A 24 0.36 -11.26 2.88
CA THR A 24 0.41 -10.99 1.45
C THR A 24 -0.48 -9.82 1.06
N ILE A 25 -0.01 -9.00 0.12
CA ILE A 25 -0.76 -7.85 -0.35
C ILE A 25 -2.15 -8.27 -0.84
N GLU A 26 -2.23 -9.45 -1.44
CA GLU A 26 -3.49 -9.96 -1.95
C GLU A 26 -4.50 -10.18 -0.82
N ASN A 27 -4.01 -10.65 0.34
CA ASN A 27 -4.86 -10.91 1.48
C ASN A 27 -5.32 -9.63 2.17
N VAL A 28 -4.37 -8.73 2.44
CA VAL A 28 -4.70 -7.47 3.09
C VAL A 28 -5.79 -6.72 2.32
N LYS A 29 -5.66 -6.71 1.01
CA LYS A 29 -6.64 -6.05 0.15
C LYS A 29 -7.96 -6.82 0.15
N ALA A 30 -7.87 -8.14 0.15
CA ALA A 30 -9.04 -9.00 0.15
C ALA A 30 -9.94 -8.69 1.35
N LYS A 31 -9.32 -8.34 2.47
CA LYS A 31 -10.06 -8.01 3.68
C LYS A 31 -10.84 -6.72 3.48
N ILE A 32 -10.23 -5.78 2.78
CA ILE A 32 -10.88 -4.50 2.48
C ILE A 32 -12.17 -4.77 1.72
N GLN A 33 -12.12 -5.78 0.86
CA GLN A 33 -13.27 -6.18 0.08
C GLN A 33 -14.38 -6.60 1.02
N ASP A 34 -14.03 -7.48 1.94
CA ASP A 34 -14.97 -7.96 2.94
C ASP A 34 -15.47 -6.77 3.76
N LYS A 35 -14.58 -5.80 3.93
CA LYS A 35 -14.89 -4.58 4.67
C LYS A 35 -15.88 -3.70 3.90
N GLU A 36 -15.76 -3.70 2.58
CA GLU A 36 -16.66 -2.90 1.75
C GLU A 36 -17.15 -3.71 0.55
N GLY A 37 -16.23 -4.06 -0.35
CA GLY A 37 -16.61 -4.84 -1.52
C GLY A 37 -15.59 -4.77 -2.64
N ILE A 38 -15.01 -3.59 -2.86
CA ILE A 38 -14.03 -3.40 -3.92
C ILE A 38 -13.00 -4.51 -3.96
N PRO A 39 -12.89 -5.20 -5.11
CA PRO A 39 -11.94 -6.28 -5.33
C PRO A 39 -10.53 -5.90 -4.84
N PRO A 40 -9.76 -6.89 -4.35
CA PRO A 40 -8.39 -6.64 -3.86
C PRO A 40 -7.49 -6.07 -4.95
N ASP A 41 -7.68 -6.53 -6.19
CA ASP A 41 -6.87 -6.06 -7.31
C ASP A 41 -7.07 -4.57 -7.56
N GLN A 42 -8.29 -4.09 -7.38
CA GLN A 42 -8.60 -2.69 -7.59
C GLN A 42 -7.80 -1.79 -6.65
N GLN A 43 -7.59 -2.27 -5.42
CA GLN A 43 -6.83 -1.50 -4.43
C GLN A 43 -5.50 -1.05 -5.00
N ARG A 44 -5.27 0.27 -5.00
CA ARG A 44 -4.03 0.83 -5.52
C ARG A 44 -2.93 0.83 -4.47
N LEU A 45 -1.82 0.16 -4.77
CA LEU A 45 -0.69 0.12 -3.85
C LEU A 45 -0.03 1.49 -3.76
N ILE A 46 0.04 2.02 -2.54
CA ILE A 46 0.64 3.33 -2.31
C ILE A 46 1.39 3.36 -0.98
N PHE A 47 2.61 3.87 -1.02
CA PHE A 47 3.44 3.95 0.18
C PHE A 47 4.15 5.30 0.27
N ALA A 48 4.38 5.77 1.49
CA ALA A 48 5.04 7.06 1.70
C ALA A 48 5.78 7.11 3.03
N GLY A 49 7.03 7.55 2.98
CA GLY A 49 7.84 7.64 4.18
C GLY A 49 7.27 8.60 5.21
N LYS A 50 7.41 8.24 6.48
CA LYS A 50 6.90 9.07 7.57
C LYS A 50 7.66 10.38 7.67
N GLN A 51 7.35 11.28 6.74
CA GLN A 51 7.98 12.59 6.73
C GLN A 51 7.51 13.35 7.96
N LEU A 52 8.35 13.34 9.00
CA LEU A 52 8.02 14.00 10.26
C LEU A 52 7.44 15.40 10.05
N GLU A 53 6.14 15.44 9.74
CA GLU A 53 5.44 16.71 9.52
C GLU A 53 3.96 16.48 9.30
N GLY B 1 5.42 -7.09 -16.62
CA GLY B 1 5.95 -8.04 -15.61
C GLY B 1 5.64 -7.61 -14.18
N SER B 2 5.18 -8.55 -13.37
CA SER B 2 4.84 -8.26 -11.98
C SER B 2 3.81 -7.14 -11.89
N MET B 3 4.11 -6.11 -11.09
CA MET B 3 3.20 -4.98 -10.94
C MET B 3 3.88 -3.80 -10.26
N GLN B 4 4.01 -2.69 -11.00
CA GLN B 4 4.62 -1.48 -10.46
C GLN B 4 3.77 -0.86 -9.38
N ILE B 5 4.38 -0.55 -8.25
CA ILE B 5 3.69 0.06 -7.13
C ILE B 5 3.94 1.56 -7.06
N PHE B 6 2.93 2.32 -6.68
CA PHE B 6 3.05 3.77 -6.55
C PHE B 6 3.53 4.13 -5.16
N VAL B 7 4.58 4.95 -5.08
CA VAL B 7 5.14 5.36 -3.79
C VAL B 7 5.73 6.76 -3.87
N LYS B 8 5.32 7.63 -2.95
CA LYS B 8 5.82 8.99 -2.90
C LYS B 8 7.14 9.05 -2.15
N THR B 9 8.15 9.63 -2.80
CA THR B 9 9.47 9.74 -2.18
C THR B 9 9.48 10.81 -1.09
N LEU B 10 10.67 11.33 -0.79
CA LEU B 10 10.82 12.34 0.24
C LEU B 10 10.32 13.70 -0.25
N THR B 11 10.76 14.10 -1.44
CA THR B 11 10.35 15.37 -2.01
C THR B 11 8.91 15.31 -2.53
N GLY B 12 8.59 14.24 -3.25
CA GLY B 12 7.25 14.10 -3.79
C GLY B 12 7.20 13.16 -4.99
N LYS B 13 8.28 13.14 -5.76
CA LYS B 13 8.36 12.29 -6.95
C LYS B 13 7.89 10.88 -6.67
N THR B 14 6.99 10.39 -7.53
CA THR B 14 6.46 9.04 -7.40
C THR B 14 7.40 8.02 -8.01
N ILE B 15 7.50 6.85 -7.41
CA ILE B 15 8.39 5.81 -7.91
C ILE B 15 7.63 4.55 -8.29
N THR B 16 7.88 4.07 -9.50
CA THR B 16 7.25 2.85 -9.99
C THR B 16 8.22 1.69 -9.86
N LEU B 17 7.77 0.61 -9.24
CA LEU B 17 8.61 -0.55 -9.07
C LEU B 17 7.75 -1.81 -8.96
N GLU B 18 7.98 -2.74 -9.87
CA GLU B 18 7.22 -3.99 -9.92
C GLU B 18 7.62 -4.95 -8.80
N VAL B 19 6.62 -5.59 -8.19
CA VAL B 19 6.83 -6.54 -7.11
C VAL B 19 5.64 -7.48 -7.00
N GLU B 20 5.93 -8.77 -6.81
CA GLU B 20 4.88 -9.78 -6.69
C GLU B 20 3.87 -9.40 -5.61
N PRO B 21 2.57 -9.63 -5.88
CA PRO B 21 1.50 -9.32 -4.92
C PRO B 21 1.63 -10.14 -3.65
N SER B 22 1.95 -11.42 -3.81
CA SER B 22 2.11 -12.31 -2.68
C SER B 22 3.29 -11.88 -1.81
N ASP B 23 4.20 -11.11 -2.40
CA ASP B 23 5.37 -10.61 -1.68
C ASP B 23 4.93 -9.86 -0.42
N THR B 24 5.57 -10.17 0.70
CA THR B 24 5.26 -9.55 1.97
C THR B 24 5.41 -8.03 1.91
N ILE B 25 4.52 -7.32 2.59
CA ILE B 25 4.55 -5.87 2.63
C ILE B 25 5.91 -5.35 3.10
N GLU B 26 6.52 -6.09 4.03
CA GLU B 26 7.81 -5.71 4.57
C GLU B 26 8.90 -5.74 3.49
N ASN B 27 8.80 -6.71 2.57
CA ASN B 27 9.78 -6.86 1.50
C ASN B 27 9.61 -5.78 0.43
N VAL B 28 8.39 -5.60 -0.05
CA VAL B 28 8.12 -4.61 -1.07
C VAL B 28 8.62 -3.23 -0.65
N LYS B 29 8.38 -2.90 0.62
CA LYS B 29 8.82 -1.62 1.15
C LYS B 29 10.34 -1.59 1.30
N ALA B 30 10.90 -2.72 1.71
CA ALA B 30 12.34 -2.85 1.90
C ALA B 30 13.08 -2.55 0.60
N LYS B 31 12.43 -2.81 -0.53
CA LYS B 31 13.03 -2.55 -1.83
C LYS B 31 13.03 -1.05 -2.12
N ILE B 32 12.00 -0.37 -1.60
CA ILE B 32 11.87 1.06 -1.80
C ILE B 32 13.05 1.81 -1.17
N GLN B 33 13.48 1.39 0.02
CA GLN B 33 14.61 2.03 0.67
C GLN B 33 15.84 1.81 -0.18
N ASP B 34 15.99 0.59 -0.69
CA ASP B 34 17.09 0.26 -1.56
C ASP B 34 17.02 1.19 -2.77
N LYS B 35 15.79 1.51 -3.16
CA LYS B 35 15.52 2.40 -4.27
C LYS B 35 15.85 3.85 -3.91
N GLU B 36 15.66 4.19 -2.63
CA GLU B 36 15.93 5.55 -2.16
C GLU B 36 16.65 5.53 -0.81
N GLY B 37 15.96 5.05 0.23
CA GLY B 37 16.57 4.98 1.55
C GLY B 37 15.56 4.85 2.67
N ILE B 38 14.40 5.49 2.50
CA ILE B 38 13.35 5.46 3.52
C ILE B 38 13.05 4.06 4.01
N PRO B 39 13.18 3.84 5.34
CA PRO B 39 12.90 2.55 5.96
C PRO B 39 11.54 1.99 5.53
N PRO B 40 11.42 0.66 5.42
CA PRO B 40 10.17 0.01 5.02
C PRO B 40 9.01 0.35 5.95
N ASP B 41 9.28 0.44 7.24
CA ASP B 41 8.26 0.74 8.23
C ASP B 41 7.68 2.14 8.01
N GLN B 42 8.52 3.09 7.62
CA GLN B 42 8.08 4.45 7.39
C GLN B 42 7.03 4.52 6.28
N GLN B 43 7.18 3.67 5.27
CA GLN B 43 6.24 3.65 4.15
C GLN B 43 4.81 3.46 4.64
N ARG B 44 3.94 4.39 4.25
CA ARG B 44 2.54 4.35 4.66
C ARG B 44 1.72 3.47 3.73
N LEU B 45 1.05 2.47 4.29
CA LEU B 45 0.20 1.58 3.50
C LEU B 45 -1.04 2.33 3.04
N ILE B 46 -1.26 2.36 1.73
CA ILE B 46 -2.42 3.03 1.17
C ILE B 46 -2.96 2.29 -0.04
N PHE B 47 -4.28 2.09 -0.06
CA PHE B 47 -4.94 1.39 -1.15
C PHE B 47 -6.22 2.11 -1.56
N ALA B 48 -6.56 2.01 -2.85
CA ALA B 48 -7.76 2.68 -3.36
C ALA B 48 -8.34 1.95 -4.56
N GLY B 49 -9.66 1.77 -4.56
CA GLY B 49 -10.33 1.10 -5.64
C GLY B 49 -10.17 1.82 -6.97
N LYS B 50 -10.01 1.05 -8.04
CA LYS B 50 -9.83 1.61 -9.38
C LYS B 50 -11.12 2.24 -9.89
N GLN B 51 -11.46 3.42 -9.37
CA GLN B 51 -12.64 4.12 -9.82
C GLN B 51 -12.46 4.50 -11.28
N LEU B 52 -13.30 3.93 -12.13
CA LEU B 52 -13.22 4.20 -13.56
C LEU B 52 -13.35 5.69 -13.86
N GLU B 53 -12.24 6.41 -13.67
CA GLU B 53 -12.21 7.85 -13.90
C GLU B 53 -10.80 8.40 -13.73
N GLY A 1 -1.96 -6.85 17.43
CA GLY A 1 -1.30 -5.52 17.38
C GLY A 1 -0.47 -5.32 16.12
N SER A 2 -1.06 -5.68 14.98
CA SER A 2 -0.37 -5.54 13.70
C SER A 2 -0.12 -4.07 13.36
N MET A 3 -0.68 -3.60 12.23
CA MET A 3 -0.50 -2.21 11.82
C MET A 3 -1.63 -1.75 10.91
N GLN A 4 -2.33 -0.71 11.36
CA GLN A 4 -3.43 -0.15 10.59
C GLN A 4 -2.94 0.42 9.26
N ILE A 5 -3.72 0.20 8.21
CA ILE A 5 -3.38 0.68 6.88
C ILE A 5 -4.38 1.71 6.41
N PHE A 6 -3.95 2.61 5.54
CA PHE A 6 -4.83 3.63 5.00
C PHE A 6 -5.56 3.09 3.78
N VAL A 7 -6.88 3.27 3.75
CA VAL A 7 -7.69 2.77 2.64
C VAL A 7 -8.80 3.75 2.31
N LYS A 8 -9.28 3.69 1.07
CA LYS A 8 -10.34 4.55 0.59
C LYS A 8 -11.29 3.79 -0.32
N THR A 9 -12.56 3.76 0.05
CA THR A 9 -13.57 3.07 -0.73
C THR A 9 -13.82 3.78 -2.06
N LEU A 10 -15.00 3.55 -2.63
CA LEU A 10 -15.35 4.17 -3.90
C LEU A 10 -15.54 5.67 -3.74
N THR A 11 -16.28 6.07 -2.71
CA THR A 11 -16.52 7.48 -2.44
C THR A 11 -15.37 8.10 -1.66
N GLY A 12 -14.18 7.54 -1.82
CA GLY A 12 -13.01 8.05 -1.14
C GLY A 12 -13.17 8.06 0.37
N LYS A 13 -13.84 7.03 0.89
CA LYS A 13 -14.06 6.93 2.33
C LYS A 13 -12.80 6.47 3.05
N THR A 14 -12.40 7.21 4.08
CA THR A 14 -11.21 6.86 4.85
C THR A 14 -11.47 5.65 5.72
N ILE A 15 -10.54 4.71 5.73
CA ILE A 15 -10.70 3.50 6.52
C ILE A 15 -9.35 2.92 6.96
N THR A 16 -9.28 2.55 8.23
CA THR A 16 -8.08 1.97 8.81
C THR A 16 -8.21 0.44 8.85
N LEU A 17 -7.08 -0.24 8.74
CA LEU A 17 -7.09 -1.70 8.77
C LEU A 17 -5.73 -2.26 9.22
N GLU A 18 -5.72 -2.88 10.39
CA GLU A 18 -4.50 -3.46 10.94
C GLU A 18 -4.22 -4.82 10.33
N VAL A 19 -2.98 -5.01 9.86
CA VAL A 19 -2.55 -6.27 9.25
C VAL A 19 -1.03 -6.41 9.33
N GLU A 20 -0.58 -7.57 9.79
CA GLU A 20 0.85 -7.82 9.94
C GLU A 20 1.58 -7.60 8.62
N PRO A 21 2.80 -7.03 8.67
CA PRO A 21 3.61 -6.77 7.48
C PRO A 21 3.92 -8.03 6.69
N SER A 22 4.15 -9.12 7.42
CA SER A 22 4.46 -10.40 6.78
C SER A 22 3.27 -10.89 5.96
N ASP A 23 2.09 -10.39 6.28
CA ASP A 23 0.88 -10.78 5.57
C ASP A 23 0.98 -10.40 4.10
N THR A 24 0.60 -11.32 3.22
CA THR A 24 0.66 -11.09 1.79
C THR A 24 -0.30 -9.99 1.36
N ILE A 25 0.09 -9.22 0.34
CA ILE A 25 -0.74 -8.13 -0.16
C ILE A 25 -2.13 -8.63 -0.56
N GLU A 26 -2.20 -9.83 -1.12
CA GLU A 26 -3.46 -10.40 -1.54
C GLU A 26 -4.44 -10.50 -0.36
N ASN A 27 -3.91 -10.79 0.83
CA ASN A 27 -4.74 -10.92 2.03
C ASN A 27 -5.19 -9.56 2.54
N VAL A 28 -4.26 -8.62 2.66
CA VAL A 28 -4.59 -7.29 3.16
C VAL A 28 -5.69 -6.64 2.32
N LYS A 29 -5.60 -6.80 1.00
CA LYS A 29 -6.60 -6.25 0.09
C LYS A 29 -7.92 -6.99 0.23
N ALA A 30 -7.83 -8.30 0.40
CA ALA A 30 -9.01 -9.14 0.53
C ALA A 30 -9.90 -8.69 1.69
N LYS A 31 -9.28 -8.31 2.81
CA LYS A 31 -10.02 -7.86 3.97
C LYS A 31 -10.75 -6.57 3.64
N ILE A 32 -10.10 -5.73 2.85
CA ILE A 32 -10.70 -4.48 2.43
C ILE A 32 -12.03 -4.75 1.73
N GLN A 33 -12.09 -5.88 1.02
CA GLN A 33 -13.31 -6.28 0.33
C GLN A 33 -14.41 -6.48 1.36
N ASP A 34 -14.05 -7.12 2.46
CA ASP A 34 -14.98 -7.36 3.53
C ASP A 34 -15.42 -6.03 4.12
N LYS A 35 -14.46 -5.12 4.25
CA LYS A 35 -14.70 -3.80 4.78
C LYS A 35 -15.36 -2.89 3.74
N GLU A 36 -15.66 -3.47 2.58
CA GLU A 36 -16.30 -2.73 1.48
C GLU A 36 -16.76 -3.70 0.40
N GLY A 37 -16.11 -3.67 -0.76
CA GLY A 37 -16.49 -4.57 -1.84
C GLY A 37 -15.82 -4.25 -3.16
N ILE A 38 -14.50 -4.11 -3.15
CA ILE A 38 -13.74 -3.80 -4.35
C ILE A 38 -12.67 -4.85 -4.62
N PRO A 39 -12.65 -5.39 -5.85
CA PRO A 39 -11.67 -6.40 -6.26
C PRO A 39 -10.25 -6.05 -5.82
N PRO A 40 -9.41 -7.07 -5.56
CA PRO A 40 -8.02 -6.86 -5.13
C PRO A 40 -7.24 -6.03 -6.14
N ASP A 41 -7.55 -6.20 -7.41
CA ASP A 41 -6.88 -5.46 -8.48
C ASP A 41 -7.16 -3.96 -8.38
N GLN A 42 -8.40 -3.63 -8.03
CA GLN A 42 -8.81 -2.22 -7.92
C GLN A 42 -7.99 -1.52 -6.84
N GLN A 43 -7.68 -2.23 -5.76
CA GLN A 43 -6.92 -1.67 -4.66
C GLN A 43 -5.61 -1.04 -5.16
N ARG A 44 -5.43 0.25 -4.87
CA ARG A 44 -4.23 0.95 -5.30
C ARG A 44 -3.14 0.89 -4.23
N LEU A 45 -1.99 0.34 -4.59
CA LEU A 45 -0.88 0.26 -3.65
C LEU A 45 -0.13 1.58 -3.62
N ILE A 46 0.10 2.10 -2.43
CA ILE A 46 0.81 3.36 -2.26
C ILE A 46 1.70 3.33 -1.03
N PHE A 47 2.89 3.93 -1.15
CA PHE A 47 3.84 3.98 -0.06
C PHE A 47 4.43 5.37 0.07
N ALA A 48 4.59 5.85 1.30
CA ALA A 48 5.14 7.18 1.54
C ALA A 48 5.92 7.24 2.86
N GLY A 49 7.07 7.92 2.82
CA GLY A 49 7.89 8.04 4.01
C GLY A 49 7.23 8.84 5.11
N LYS A 50 7.97 9.77 5.71
CA LYS A 50 7.45 10.61 6.79
C LYS A 50 8.28 11.87 6.94
N GLN A 51 7.98 12.85 6.11
CA GLN A 51 8.67 14.12 6.17
C GLN A 51 8.32 14.79 7.49
N LEU A 52 9.23 14.64 8.45
CA LEU A 52 9.04 15.20 9.79
C LEU A 52 8.50 16.62 9.75
N GLU A 53 7.19 16.74 9.57
CA GLU A 53 6.54 18.04 9.51
C GLU A 53 6.81 18.84 10.79
N GLY B 1 6.61 -9.95 -14.57
CA GLY B 1 5.37 -9.17 -14.88
C GLY B 1 4.46 -9.05 -13.68
N SER B 2 5.03 -8.70 -12.52
CA SER B 2 4.26 -8.54 -11.30
C SER B 2 3.28 -7.38 -11.41
N MET B 3 3.41 -6.39 -10.52
CA MET B 3 2.52 -5.24 -10.54
C MET B 3 3.18 -4.01 -9.92
N GLN B 4 3.29 -2.96 -10.72
CA GLN B 4 3.89 -1.71 -10.27
C GLN B 4 3.09 -1.10 -9.13
N ILE B 5 3.80 -0.51 -8.17
CA ILE B 5 3.18 0.12 -7.02
C ILE B 5 3.48 1.61 -6.97
N PHE B 6 2.58 2.38 -6.37
CA PHE B 6 2.78 3.81 -6.25
C PHE B 6 3.57 4.12 -4.99
N VAL B 7 4.59 4.97 -5.13
CA VAL B 7 5.45 5.31 -4.00
C VAL B 7 5.88 6.78 -4.08
N LYS B 8 6.18 7.34 -2.92
CA LYS B 8 6.63 8.73 -2.83
C LYS B 8 7.78 8.85 -1.83
N THR B 9 8.91 9.37 -2.28
CA THR B 9 10.08 9.54 -1.42
C THR B 9 9.87 10.67 -0.42
N LEU B 10 10.96 11.23 0.07
CA LEU B 10 10.91 12.32 1.03
C LEU B 10 10.27 13.56 0.40
N THR B 11 10.77 13.95 -0.76
CA THR B 11 10.25 15.12 -1.48
C THR B 11 9.01 14.76 -2.28
N GLY B 12 8.26 13.76 -1.81
CA GLY B 12 7.06 13.34 -2.49
C GLY B 12 7.31 12.96 -3.95
N LYS B 13 8.46 12.36 -4.20
CA LYS B 13 8.82 11.94 -5.55
C LYS B 13 8.02 10.73 -5.98
N THR B 14 7.39 10.82 -7.15
CA THR B 14 6.62 9.70 -7.68
C THR B 14 7.54 8.58 -8.15
N ILE B 15 7.24 7.36 -7.74
CA ILE B 15 8.04 6.22 -8.12
C ILE B 15 7.20 4.96 -8.32
N THR B 16 7.51 4.24 -9.38
CA THR B 16 6.81 3.00 -9.71
C THR B 16 7.66 1.80 -9.30
N LEU B 17 7.01 0.72 -8.89
CA LEU B 17 7.74 -0.47 -8.46
C LEU B 17 6.86 -1.72 -8.57
N GLU B 18 7.24 -2.63 -9.46
CA GLU B 18 6.51 -3.87 -9.66
C GLU B 18 6.91 -4.94 -8.65
N VAL B 19 5.90 -5.60 -8.07
CA VAL B 19 6.10 -6.67 -7.10
C VAL B 19 4.87 -7.56 -6.99
N GLU B 20 5.10 -8.87 -7.01
CA GLU B 20 4.00 -9.84 -6.93
C GLU B 20 3.16 -9.61 -5.68
N PRO B 21 1.82 -9.77 -5.80
CA PRO B 21 0.89 -9.60 -4.69
C PRO B 21 1.21 -10.52 -3.53
N SER B 22 1.62 -11.73 -3.84
CA SER B 22 1.95 -12.72 -2.82
C SER B 22 3.15 -12.25 -1.99
N ASP B 23 3.97 -11.39 -2.58
CA ASP B 23 5.14 -10.87 -1.89
C ASP B 23 4.74 -10.16 -0.61
N THR B 24 5.44 -10.46 0.48
CA THR B 24 5.16 -9.84 1.77
C THR B 24 5.40 -8.34 1.76
N ILE B 25 4.60 -7.61 2.52
CA ILE B 25 4.71 -6.15 2.59
C ILE B 25 6.12 -5.73 3.01
N GLU B 26 6.74 -6.50 3.90
CA GLU B 26 8.08 -6.20 4.37
C GLU B 26 9.08 -6.15 3.21
N ASN B 27 8.89 -7.02 2.23
CA ASN B 27 9.78 -7.07 1.07
C ASN B 27 9.53 -5.91 0.11
N VAL B 28 8.26 -5.68 -0.23
CA VAL B 28 7.92 -4.60 -1.14
C VAL B 28 8.46 -3.26 -0.64
N LYS B 29 8.35 -3.02 0.66
CA LYS B 29 8.85 -1.79 1.25
C LYS B 29 10.38 -1.78 1.25
N ALA B 30 10.97 -2.94 1.50
CA ALA B 30 12.43 -3.07 1.53
C ALA B 30 13.05 -2.63 0.22
N LYS B 31 12.39 -2.95 -0.90
CA LYS B 31 12.89 -2.58 -2.21
C LYS B 31 12.84 -1.07 -2.35
N ILE B 32 11.81 -0.47 -1.79
CA ILE B 32 11.64 0.96 -1.82
C ILE B 32 12.85 1.63 -1.18
N GLN B 33 13.44 0.95 -0.19
CA GLN B 33 14.63 1.46 0.47
C GLN B 33 15.74 1.58 -0.55
N ASP B 34 15.91 0.54 -1.35
CA ASP B 34 16.91 0.53 -2.40
C ASP B 34 16.52 1.58 -3.43
N LYS B 35 15.21 1.73 -3.60
CA LYS B 35 14.64 2.70 -4.52
C LYS B 35 14.89 4.12 -4.02
N GLU B 36 15.21 4.24 -2.73
CA GLU B 36 15.47 5.53 -2.11
C GLU B 36 16.32 5.36 -0.85
N GLY B 37 15.66 5.21 0.29
CA GLY B 37 16.39 5.04 1.55
C GLY B 37 15.53 5.36 2.76
N ILE B 38 14.32 4.81 2.80
CA ILE B 38 13.41 5.05 3.91
C ILE B 38 13.07 3.78 4.65
N PRO B 39 13.10 3.82 5.99
CA PRO B 39 12.75 2.67 6.83
C PRO B 39 11.41 2.06 6.45
N PRO B 40 11.25 0.74 6.60
CA PRO B 40 9.99 0.05 6.26
C PRO B 40 8.81 0.63 7.02
N ASP B 41 9.06 1.04 8.25
CA ASP B 41 8.02 1.61 9.10
C ASP B 41 7.52 2.95 8.57
N GLN B 42 8.42 3.73 7.98
CA GLN B 42 8.05 5.03 7.45
C GLN B 42 7.10 4.91 6.26
N GLN B 43 7.31 3.90 5.42
CA GLN B 43 6.45 3.69 4.26
C GLN B 43 4.98 3.64 4.68
N ARG B 44 4.16 4.46 4.04
CA ARG B 44 2.75 4.52 4.36
C ARG B 44 1.92 3.54 3.53
N LEU B 45 1.15 2.70 4.20
CA LEU B 45 0.29 1.75 3.53
C LEU B 45 -0.99 2.44 3.07
N ILE B 46 -1.31 2.33 1.79
CA ILE B 46 -2.50 2.97 1.25
C ILE B 46 -3.15 2.11 0.17
N PHE B 47 -4.48 2.05 0.21
CA PHE B 47 -5.24 1.26 -0.76
C PHE B 47 -6.46 2.05 -1.23
N ALA B 48 -6.76 1.96 -2.53
CA ALA B 48 -7.90 2.67 -3.08
C ALA B 48 -8.50 1.95 -4.28
N GLY B 49 -9.83 1.87 -4.33
CA GLY B 49 -10.50 1.20 -5.42
C GLY B 49 -10.28 1.91 -6.74
N LYS B 50 -11.35 2.09 -7.51
CA LYS B 50 -11.24 2.76 -8.80
C LYS B 50 -12.60 3.29 -9.27
N GLN B 51 -12.72 4.60 -9.29
CA GLN B 51 -13.93 5.25 -9.76
C GLN B 51 -13.84 5.38 -11.27
N LEU B 52 -14.75 4.71 -11.97
CA LEU B 52 -14.76 4.76 -13.43
C LEU B 52 -14.96 6.19 -13.92
N GLU B 53 -13.87 6.96 -13.90
CA GLU B 53 -13.91 8.36 -14.33
C GLU B 53 -14.33 8.46 -15.79
N GLY A 1 0.10 -5.51 18.45
CA GLY A 1 -0.86 -4.84 17.52
C GLY A 1 -0.29 -4.71 16.12
N SER A 2 -1.12 -5.02 15.12
CA SER A 2 -0.72 -4.92 13.73
C SER A 2 -0.50 -3.46 13.32
N MET A 3 -1.17 -3.02 12.26
CA MET A 3 -1.03 -1.64 11.79
C MET A 3 -2.22 -1.25 10.90
N GLN A 4 -2.88 -0.17 11.27
CA GLN A 4 -4.03 0.32 10.51
C GLN A 4 -3.61 0.81 9.13
N ILE A 5 -4.02 0.08 8.10
CA ILE A 5 -3.70 0.47 6.73
C ILE A 5 -4.71 1.49 6.23
N PHE A 6 -4.22 2.54 5.56
CA PHE A 6 -5.10 3.57 5.03
C PHE A 6 -5.56 3.19 3.64
N VAL A 7 -6.85 3.32 3.38
CA VAL A 7 -7.41 2.97 2.08
C VAL A 7 -8.62 3.84 1.74
N LYS A 8 -8.57 4.47 0.58
CA LYS A 8 -9.66 5.32 0.13
C LYS A 8 -10.76 4.47 -0.51
N THR A 9 -11.94 4.46 0.10
CA THR A 9 -13.05 3.68 -0.42
C THR A 9 -13.53 4.25 -1.74
N LEU A 10 -14.76 3.92 -2.11
CA LEU A 10 -15.35 4.39 -3.35
C LEU A 10 -15.92 5.80 -3.17
N THR A 11 -16.63 6.00 -2.07
CA THR A 11 -17.23 7.30 -1.77
C THR A 11 -16.16 8.32 -1.34
N GLY A 12 -15.25 7.89 -0.47
CA GLY A 12 -14.21 8.79 -0.01
C GLY A 12 -13.66 8.41 1.35
N LYS A 13 -14.55 8.00 2.26
CA LYS A 13 -14.15 7.61 3.61
C LYS A 13 -13.02 6.59 3.60
N THR A 14 -12.03 6.81 4.46
CA THR A 14 -10.88 5.91 4.55
C THR A 14 -11.21 4.69 5.41
N ILE A 15 -10.75 3.52 4.98
CA ILE A 15 -10.97 2.30 5.72
C ILE A 15 -9.77 1.97 6.58
N THR A 16 -10.02 1.70 7.85
CA THR A 16 -8.96 1.35 8.77
C THR A 16 -8.88 -0.17 8.89
N LEU A 17 -7.67 -0.71 8.90
CA LEU A 17 -7.51 -2.16 8.98
C LEU A 17 -6.09 -2.56 9.39
N GLU A 18 -5.97 -3.16 10.57
CA GLU A 18 -4.69 -3.61 11.09
C GLU A 18 -4.30 -4.98 10.55
N VAL A 19 -3.07 -5.11 10.09
CA VAL A 19 -2.55 -6.37 9.56
C VAL A 19 -1.03 -6.41 9.63
N GLU A 20 -0.49 -7.57 9.99
CA GLU A 20 0.95 -7.75 10.10
C GLU A 20 1.66 -7.50 8.76
N PRO A 21 2.87 -6.90 8.80
CA PRO A 21 3.64 -6.62 7.58
C PRO A 21 4.03 -7.88 6.84
N SER A 22 4.36 -8.93 7.60
CA SER A 22 4.76 -10.20 7.02
C SER A 22 3.60 -10.80 6.21
N ASP A 23 2.38 -10.38 6.54
CA ASP A 23 1.20 -10.86 5.85
C ASP A 23 1.27 -10.50 4.36
N THR A 24 0.95 -11.46 3.51
CA THR A 24 0.98 -11.25 2.07
C THR A 24 0.00 -10.15 1.66
N ILE A 25 0.41 -9.34 0.69
CA ILE A 25 -0.43 -8.25 0.20
C ILE A 25 -1.81 -8.77 -0.23
N GLU A 26 -1.82 -9.90 -0.90
CA GLU A 26 -3.07 -10.50 -1.36
C GLU A 26 -4.06 -10.70 -0.22
N ASN A 27 -3.55 -11.11 0.94
CA ASN A 27 -4.40 -11.34 2.10
C ASN A 27 -5.02 -10.04 2.62
N VAL A 28 -4.18 -9.03 2.85
CA VAL A 28 -4.67 -7.75 3.35
C VAL A 28 -5.69 -7.14 2.39
N LYS A 29 -5.42 -7.25 1.10
CA LYS A 29 -6.32 -6.71 0.07
C LYS A 29 -7.67 -7.42 0.12
N ALA A 30 -7.63 -8.74 0.24
CA ALA A 30 -8.84 -9.55 0.29
C ALA A 30 -9.74 -9.12 1.45
N LYS A 31 -9.13 -8.87 2.60
CA LYS A 31 -9.86 -8.45 3.78
C LYS A 31 -10.56 -7.11 3.54
N ILE A 32 -9.91 -6.23 2.80
CA ILE A 32 -10.48 -4.93 2.49
C ILE A 32 -11.85 -5.10 1.84
N GLN A 33 -11.97 -6.13 1.00
CA GLN A 33 -13.23 -6.44 0.34
C GLN A 33 -14.28 -6.68 1.40
N ASP A 34 -13.88 -7.38 2.45
CA ASP A 34 -14.77 -7.68 3.56
C ASP A 34 -15.19 -6.38 4.24
N LYS A 35 -14.24 -5.46 4.37
CA LYS A 35 -14.49 -4.16 4.99
C LYS A 35 -15.55 -3.39 4.21
N GLU A 36 -15.46 -3.47 2.88
CA GLU A 36 -16.41 -2.79 2.01
C GLU A 36 -16.95 -3.73 0.95
N GLY A 37 -16.27 -3.81 -0.18
CA GLY A 37 -16.69 -4.70 -1.25
C GLY A 37 -16.14 -4.31 -2.61
N ILE A 38 -14.85 -4.01 -2.66
CA ILE A 38 -14.20 -3.64 -3.91
C ILE A 38 -13.03 -4.55 -4.23
N PRO A 39 -13.02 -5.15 -5.43
CA PRO A 39 -11.96 -6.05 -5.88
C PRO A 39 -10.56 -5.53 -5.53
N PRO A 40 -9.65 -6.43 -5.14
CA PRO A 40 -8.27 -6.07 -4.78
C PRO A 40 -7.52 -5.44 -5.95
N ASP A 41 -7.82 -5.91 -7.16
CA ASP A 41 -7.18 -5.40 -8.37
C ASP A 41 -7.38 -3.89 -8.47
N GLN A 42 -8.58 -3.44 -8.09
CA GLN A 42 -8.91 -2.03 -8.13
C GLN A 42 -8.02 -1.24 -7.18
N GLN A 43 -7.78 -1.83 -6.01
CA GLN A 43 -6.96 -1.21 -4.98
C GLN A 43 -5.60 -0.79 -5.54
N ARG A 44 -5.20 0.44 -5.26
CA ARG A 44 -3.92 0.95 -5.74
C ARG A 44 -2.91 1.06 -4.60
N LEU A 45 -1.79 0.33 -4.73
CA LEU A 45 -0.74 0.37 -3.73
C LEU A 45 -0.07 1.73 -3.67
N ILE A 46 -0.03 2.31 -2.47
CA ILE A 46 0.59 3.61 -2.28
C ILE A 46 1.31 3.68 -0.92
N PHE A 47 2.60 4.00 -0.97
CA PHE A 47 3.40 4.10 0.24
C PHE A 47 4.02 5.49 0.35
N ALA A 48 4.21 5.98 1.58
CA ALA A 48 4.77 7.31 1.79
C ALA A 48 5.59 7.38 3.07
N GLY A 49 6.81 7.89 2.96
CA GLY A 49 7.68 8.04 4.11
C GLY A 49 7.56 9.39 4.78
N LYS A 50 7.52 9.40 6.10
CA LYS A 50 7.40 10.65 6.85
C LYS A 50 7.82 10.46 8.30
N GLN A 51 9.14 10.33 8.49
CA GLN A 51 9.68 10.19 9.82
C GLN A 51 9.49 11.50 10.57
N LEU A 52 8.53 11.51 11.48
CA LEU A 52 8.20 12.70 12.26
C LEU A 52 9.46 13.40 12.78
N GLU A 53 10.11 14.18 11.92
CA GLU A 53 11.32 14.89 12.28
C GLU A 53 11.04 15.89 13.40
N GLY B 1 4.33 -10.09 -15.88
CA GLY B 1 4.77 -8.80 -15.27
C GLY B 1 4.09 -8.51 -13.95
N SER B 2 4.88 -8.08 -12.98
CA SER B 2 4.36 -7.75 -11.65
C SER B 2 3.45 -6.52 -11.71
N MET B 3 3.75 -5.52 -10.89
CA MET B 3 2.96 -4.29 -10.85
C MET B 3 3.73 -3.17 -10.15
N GLN B 4 4.05 -2.13 -10.90
CA GLN B 4 4.77 -1.00 -10.35
C GLN B 4 3.92 -0.27 -9.30
N ILE B 5 4.34 -0.39 -8.05
CA ILE B 5 3.64 0.25 -6.94
C ILE B 5 3.94 1.74 -6.88
N PHE B 6 2.93 2.53 -6.57
CA PHE B 6 3.09 3.98 -6.46
C PHE B 6 3.53 4.34 -5.05
N VAL B 7 4.57 5.15 -4.93
CA VAL B 7 5.09 5.55 -3.62
C VAL B 7 5.69 6.95 -3.66
N LYS B 8 5.20 7.84 -2.79
CA LYS B 8 5.71 9.19 -2.74
C LYS B 8 6.98 9.24 -1.90
N THR B 9 8.08 9.68 -2.51
CA THR B 9 9.35 9.76 -1.80
C THR B 9 9.31 10.89 -0.76
N LEU B 10 10.48 11.35 -0.35
CA LEU B 10 10.56 12.42 0.64
C LEU B 10 10.39 13.77 -0.04
N THR B 11 11.05 13.94 -1.18
CA THR B 11 10.96 15.19 -1.94
C THR B 11 9.59 15.36 -2.58
N GLY B 12 9.09 14.28 -3.19
CA GLY B 12 7.78 14.34 -3.84
C GLY B 12 7.63 13.36 -4.98
N LYS B 13 8.70 13.21 -5.77
CA LYS B 13 8.68 12.30 -6.91
C LYS B 13 8.22 10.90 -6.53
N THR B 14 7.34 10.34 -7.35
CA THR B 14 6.82 8.99 -7.11
C THR B 14 7.79 7.94 -7.63
N ILE B 15 7.91 6.85 -6.90
CA ILE B 15 8.79 5.77 -7.29
C ILE B 15 8.00 4.51 -7.64
N THR B 16 8.21 4.03 -8.85
CA THR B 16 7.54 2.83 -9.33
C THR B 16 8.34 1.59 -8.95
N LEU B 17 7.63 0.48 -8.72
CA LEU B 17 8.30 -0.76 -8.33
C LEU B 17 7.36 -1.95 -8.54
N GLU B 18 7.70 -2.81 -9.49
CA GLU B 18 6.89 -3.99 -9.77
C GLU B 18 7.20 -5.14 -8.82
N VAL B 19 6.15 -5.74 -8.28
CA VAL B 19 6.26 -6.88 -7.36
C VAL B 19 4.96 -7.66 -7.29
N GLU B 20 5.08 -8.98 -7.25
CA GLU B 20 3.93 -9.86 -7.20
C GLU B 20 3.07 -9.59 -5.97
N PRO B 21 1.74 -9.68 -6.10
CA PRO B 21 0.81 -9.44 -4.99
C PRO B 21 1.02 -10.42 -3.84
N SER B 22 1.35 -11.66 -4.18
CA SER B 22 1.59 -12.69 -3.19
C SER B 22 2.80 -12.34 -2.32
N ASP B 23 3.71 -11.56 -2.89
CA ASP B 23 4.92 -11.14 -2.17
C ASP B 23 4.54 -10.44 -0.87
N THR B 24 5.22 -10.79 0.20
CA THR B 24 4.95 -10.18 1.51
C THR B 24 5.21 -8.69 1.50
N ILE B 25 4.36 -7.95 2.20
CA ILE B 25 4.50 -6.49 2.27
C ILE B 25 5.90 -6.09 2.73
N GLU B 26 6.43 -6.81 3.71
CA GLU B 26 7.75 -6.52 4.24
C GLU B 26 8.80 -6.50 3.13
N ASN B 27 8.75 -7.49 2.24
CA ASN B 27 9.70 -7.57 1.12
C ASN B 27 9.53 -6.38 0.19
N VAL B 28 8.29 -6.09 -0.18
CA VAL B 28 7.98 -4.97 -1.06
C VAL B 28 8.51 -3.66 -0.49
N LYS B 29 8.30 -3.44 0.80
CA LYS B 29 8.75 -2.23 1.48
C LYS B 29 10.26 -2.16 1.52
N ALA B 30 10.90 -3.31 1.79
CA ALA B 30 12.36 -3.38 1.89
C ALA B 30 13.02 -2.93 0.59
N LYS B 31 12.45 -3.34 -0.54
CA LYS B 31 12.99 -2.98 -1.84
C LYS B 31 12.93 -1.48 -2.05
N ILE B 32 11.89 -0.85 -1.51
CA ILE B 32 11.71 0.58 -1.62
C ILE B 32 12.92 1.31 -1.02
N GLN B 33 13.47 0.74 0.06
CA GLN B 33 14.63 1.31 0.70
C GLN B 33 15.78 1.34 -0.29
N ASP B 34 15.98 0.22 -0.96
CA ASP B 34 17.02 0.12 -1.97
C ASP B 34 16.67 1.05 -3.12
N LYS B 35 15.38 1.23 -3.32
CA LYS B 35 14.85 2.08 -4.36
C LYS B 35 15.21 3.54 -4.10
N GLU B 36 15.28 3.92 -2.83
CA GLU B 36 15.63 5.29 -2.45
C GLU B 36 16.46 5.30 -1.17
N GLY B 37 15.84 4.93 -0.05
CA GLY B 37 16.54 4.89 1.22
C GLY B 37 15.68 5.36 2.37
N ILE B 38 14.46 4.84 2.46
CA ILE B 38 13.54 5.21 3.52
C ILE B 38 13.05 3.99 4.29
N PRO B 39 13.15 4.02 5.63
CA PRO B 39 12.70 2.91 6.47
C PRO B 39 11.26 2.51 6.13
N PRO B 40 10.97 1.19 6.08
CA PRO B 40 9.63 0.69 5.78
C PRO B 40 8.58 1.20 6.75
N ASP B 41 8.98 1.36 8.02
CA ASP B 41 8.08 1.84 9.05
C ASP B 41 7.50 3.19 8.67
N GLN B 42 8.34 4.04 8.08
CA GLN B 42 7.91 5.37 7.67
C GLN B 42 6.88 5.28 6.56
N GLN B 43 7.07 4.33 5.65
CA GLN B 43 6.16 4.12 4.53
C GLN B 43 4.73 3.94 5.02
N ARG B 44 3.79 4.63 4.39
CA ARG B 44 2.39 4.53 4.77
C ARG B 44 1.57 3.77 3.74
N LEU B 45 0.93 2.69 4.18
CA LEU B 45 0.11 1.88 3.28
C LEU B 45 -1.15 2.62 2.85
N ILE B 46 -1.37 2.69 1.54
CA ILE B 46 -2.53 3.37 1.00
C ILE B 46 -3.05 2.65 -0.24
N PHE B 47 -4.32 2.25 -0.18
CA PHE B 47 -4.96 1.55 -1.29
C PHE B 47 -6.18 2.32 -1.79
N ALA B 48 -6.43 2.27 -3.10
CA ALA B 48 -7.57 2.98 -3.67
C ALA B 48 -8.14 2.25 -4.88
N GLY B 49 -9.46 2.04 -4.85
CA GLY B 49 -10.14 1.36 -5.94
C GLY B 49 -10.70 2.34 -6.96
N LYS B 50 -10.55 2.01 -8.24
CA LYS B 50 -11.06 2.87 -9.30
C LYS B 50 -11.19 2.11 -10.61
N GLN B 51 -12.21 1.26 -10.66
CA GLN B 51 -12.48 0.50 -11.86
C GLN B 51 -12.91 1.45 -12.95
N LEU B 52 -12.07 1.62 -13.96
CA LEU B 52 -12.35 2.53 -15.07
C LEU B 52 -13.74 2.29 -15.66
N GLU B 53 -14.76 2.82 -14.99
CA GLU B 53 -16.13 2.66 -15.44
C GLU B 53 -16.32 3.26 -16.85
N GLY A 1 -3.52 0.70 14.94
CA GLY A 1 -3.07 -0.40 15.84
C GLY A 1 -1.67 -0.89 15.50
N SER A 2 -1.50 -2.21 15.47
CA SER A 2 -0.21 -2.81 15.16
C SER A 2 0.27 -2.40 13.77
N MET A 3 -0.67 -2.34 12.82
CA MET A 3 -0.35 -1.97 11.45
C MET A 3 -1.61 -1.61 10.67
N GLN A 4 -2.36 -0.63 11.18
CA GLN A 4 -3.58 -0.19 10.53
C GLN A 4 -3.27 0.36 9.14
N ILE A 5 -3.98 -0.16 8.14
CA ILE A 5 -3.79 0.26 6.76
C ILE A 5 -4.80 1.33 6.36
N PHE A 6 -4.30 2.40 5.73
CA PHE A 6 -5.16 3.49 5.28
C PHE A 6 -5.65 3.19 3.87
N VAL A 7 -6.97 3.27 3.66
CA VAL A 7 -7.54 2.98 2.35
C VAL A 7 -8.78 3.80 2.06
N LYS A 8 -8.88 4.29 0.83
CA LYS A 8 -10.04 5.08 0.40
C LYS A 8 -11.00 4.19 -0.37
N THR A 9 -12.27 4.19 0.02
CA THR A 9 -13.27 3.37 -0.66
C THR A 9 -13.55 3.88 -2.06
N LEU A 10 -14.73 3.55 -2.58
CA LEU A 10 -15.10 3.98 -3.93
C LEU A 10 -15.21 5.50 -4.02
N THR A 11 -15.96 6.10 -3.09
CA THR A 11 -16.13 7.55 -3.08
C THR A 11 -14.91 8.23 -2.47
N GLY A 12 -14.44 7.70 -1.35
CA GLY A 12 -13.29 8.28 -0.68
C GLY A 12 -13.34 8.08 0.83
N LYS A 13 -14.00 7.01 1.25
CA LYS A 13 -14.13 6.70 2.67
C LYS A 13 -12.84 6.09 3.22
N THR A 14 -12.27 6.72 4.24
CA THR A 14 -11.06 6.23 4.86
C THR A 14 -11.37 5.02 5.74
N ILE A 15 -10.51 4.01 5.69
CA ILE A 15 -10.71 2.80 6.49
C ILE A 15 -9.41 2.28 7.07
N THR A 16 -9.43 2.04 8.38
CA THR A 16 -8.26 1.52 9.09
C THR A 16 -8.38 0.03 9.27
N LEU A 17 -7.25 -0.66 9.23
CA LEU A 17 -7.25 -2.11 9.38
C LEU A 17 -5.84 -2.61 9.69
N GLU A 18 -5.66 -3.16 10.90
CA GLU A 18 -4.36 -3.67 11.33
C GLU A 18 -4.08 -5.06 10.75
N VAL A 19 -2.85 -5.26 10.31
CA VAL A 19 -2.41 -6.53 9.74
C VAL A 19 -0.89 -6.66 9.80
N GLU A 20 -0.42 -7.83 10.17
CA GLU A 20 1.01 -8.08 10.27
C GLU A 20 1.70 -7.85 8.92
N PRO A 21 2.85 -7.16 8.92
CA PRO A 21 3.61 -6.89 7.70
C PRO A 21 3.91 -8.16 6.93
N SER A 22 4.15 -9.23 7.67
CA SER A 22 4.46 -10.52 7.09
C SER A 22 3.29 -11.06 6.28
N ASP A 23 2.07 -10.68 6.68
CA ASP A 23 0.87 -11.12 5.98
C ASP A 23 0.95 -10.77 4.50
N THR A 24 0.58 -11.71 3.65
CA THR A 24 0.63 -11.50 2.21
C THR A 24 -0.26 -10.33 1.77
N ILE A 25 0.15 -9.65 0.71
CA ILE A 25 -0.59 -8.50 0.20
C ILE A 25 -2.01 -8.91 -0.22
N GLU A 26 -2.13 -10.04 -0.90
CA GLU A 26 -3.43 -10.53 -1.34
C GLU A 26 -4.36 -10.75 -0.16
N ASN A 27 -3.78 -11.09 0.99
CA ASN A 27 -4.57 -11.33 2.20
C ASN A 27 -5.12 -10.01 2.75
N VAL A 28 -4.24 -9.03 2.93
CA VAL A 28 -4.64 -7.73 3.46
C VAL A 28 -5.67 -7.06 2.55
N LYS A 29 -5.46 -7.16 1.24
CA LYS A 29 -6.37 -6.57 0.27
C LYS A 29 -7.76 -7.18 0.37
N ALA A 30 -7.81 -8.51 0.52
CA ALA A 30 -9.07 -9.22 0.63
C ALA A 30 -9.90 -8.71 1.81
N LYS A 31 -9.22 -8.33 2.88
CA LYS A 31 -9.89 -7.81 4.08
C LYS A 31 -10.56 -6.49 3.76
N ILE A 32 -9.83 -5.61 3.08
CA ILE A 32 -10.35 -4.31 2.70
C ILE A 32 -11.64 -4.50 1.91
N GLN A 33 -11.68 -5.55 1.10
CA GLN A 33 -12.84 -5.89 0.31
C GLN A 33 -14.01 -6.19 1.25
N ASP A 34 -13.73 -7.05 2.22
CA ASP A 34 -14.72 -7.41 3.21
C ASP A 34 -15.13 -6.17 3.99
N LYS A 35 -14.17 -5.26 4.14
CA LYS A 35 -14.38 -4.01 4.85
C LYS A 35 -15.33 -3.09 4.08
N GLU A 36 -15.21 -3.12 2.75
CA GLU A 36 -16.06 -2.29 1.90
C GLU A 36 -16.65 -3.11 0.76
N GLY A 37 -15.79 -3.55 -0.16
CA GLY A 37 -16.27 -4.36 -1.28
C GLY A 37 -15.40 -4.24 -2.51
N ILE A 38 -14.86 -3.05 -2.76
CA ILE A 38 -14.03 -2.81 -3.93
C ILE A 38 -13.01 -3.92 -4.16
N PRO A 39 -13.07 -4.54 -5.35
CA PRO A 39 -12.14 -5.62 -5.73
C PRO A 39 -10.69 -5.28 -5.42
N PRO A 40 -9.88 -6.30 -5.07
CA PRO A 40 -8.46 -6.09 -4.76
C PRO A 40 -7.70 -5.48 -5.93
N ASP A 41 -8.09 -5.86 -7.15
CA ASP A 41 -7.44 -5.35 -8.36
C ASP A 41 -7.61 -3.85 -8.47
N GLN A 42 -8.79 -3.35 -8.09
CA GLN A 42 -9.07 -1.92 -8.14
C GLN A 42 -8.18 -1.16 -7.16
N GLN A 43 -8.06 -1.70 -5.96
CA GLN A 43 -7.24 -1.07 -4.92
C GLN A 43 -5.81 -0.83 -5.41
N ARG A 44 -5.37 0.41 -5.30
CA ARG A 44 -4.03 0.77 -5.73
C ARG A 44 -3.05 0.80 -4.58
N LEU A 45 -1.94 0.09 -4.74
CA LEU A 45 -0.91 0.03 -3.70
C LEU A 45 -0.12 1.34 -3.66
N ILE A 46 0.01 1.92 -2.46
CA ILE A 46 0.72 3.19 -2.30
C ILE A 46 1.50 3.23 -0.98
N PHE A 47 2.71 3.77 -1.04
CA PHE A 47 3.57 3.89 0.13
C PHE A 47 4.07 5.32 0.27
N ALA A 48 4.27 5.77 1.52
CA ALA A 48 4.74 7.13 1.74
C ALA A 48 5.44 7.26 3.10
N GLY A 49 6.68 7.74 3.08
CA GLY A 49 7.44 7.90 4.30
C GLY A 49 6.95 9.05 5.17
N LYS A 50 7.89 9.84 5.68
CA LYS A 50 7.56 10.98 6.54
C LYS A 50 6.88 12.09 5.77
N GLN A 51 5.61 11.88 5.45
CA GLN A 51 4.84 12.88 4.76
C GLN A 51 4.72 14.11 5.65
N LEU A 52 5.52 15.13 5.35
CA LEU A 52 5.54 16.36 6.12
C LEU A 52 4.14 16.86 6.44
N GLU A 53 3.53 16.25 7.47
CA GLU A 53 2.17 16.62 7.89
C GLU A 53 1.78 15.88 9.16
N GLY B 1 4.22 -2.26 -14.72
CA GLY B 1 4.45 -3.66 -15.16
C GLY B 1 3.43 -4.63 -14.60
N SER B 2 3.89 -5.77 -14.10
CA SER B 2 3.00 -6.78 -13.53
C SER B 2 2.24 -6.21 -12.34
N MET B 3 2.95 -5.53 -11.46
CA MET B 3 2.34 -4.93 -10.27
C MET B 3 3.17 -3.76 -9.75
N GLN B 4 3.38 -2.77 -10.61
CA GLN B 4 4.15 -1.59 -10.25
C GLN B 4 3.48 -0.84 -9.10
N ILE B 5 4.24 -0.59 -8.04
CA ILE B 5 3.74 0.10 -6.86
C ILE B 5 4.04 1.60 -6.90
N PHE B 6 3.03 2.41 -6.61
CA PHE B 6 3.19 3.86 -6.57
C PHE B 6 3.63 4.29 -5.19
N VAL B 7 4.68 5.09 -5.11
CA VAL B 7 5.20 5.54 -3.81
C VAL B 7 5.81 6.93 -3.88
N LYS B 8 5.62 7.71 -2.82
CA LYS B 8 6.17 9.05 -2.75
C LYS B 8 7.39 9.07 -1.82
N THR B 9 8.51 9.57 -2.31
CA THR B 9 9.74 9.63 -1.52
C THR B 9 9.63 10.63 -0.38
N LEU B 10 10.79 11.11 0.09
CA LEU B 10 10.83 12.08 1.17
C LEU B 10 10.10 13.36 0.80
N THR B 11 10.53 13.98 -0.29
CA THR B 11 9.91 15.21 -0.76
C THR B 11 8.55 14.93 -1.41
N GLY B 12 8.49 13.91 -2.25
CA GLY B 12 7.26 13.56 -2.91
C GLY B 12 7.46 13.02 -4.31
N LYS B 13 8.59 12.36 -4.54
CA LYS B 13 8.88 11.79 -5.86
C LYS B 13 8.20 10.44 -6.03
N THR B 14 7.52 10.26 -7.15
CA THR B 14 6.83 9.02 -7.44
C THR B 14 7.80 7.93 -7.87
N ILE B 15 7.67 6.75 -7.25
CA ILE B 15 8.53 5.62 -7.59
C ILE B 15 7.71 4.46 -8.13
N THR B 16 8.14 3.92 -9.26
CA THR B 16 7.47 2.80 -9.86
C THR B 16 8.27 1.53 -9.62
N LEU B 17 7.59 0.45 -9.23
CA LEU B 17 8.27 -0.81 -8.95
C LEU B 17 7.31 -1.99 -8.98
N GLU B 18 7.51 -2.86 -9.95
CA GLU B 18 6.67 -4.06 -10.10
C GLU B 18 7.09 -5.13 -9.10
N VAL B 19 6.10 -5.83 -8.55
CA VAL B 19 6.37 -6.89 -7.59
C VAL B 19 5.14 -7.78 -7.41
N GLU B 20 5.36 -9.08 -7.37
CA GLU B 20 4.26 -10.03 -7.23
C GLU B 20 3.41 -9.75 -6.01
N PRO B 21 2.07 -9.76 -6.17
CA PRO B 21 1.14 -9.51 -5.07
C PRO B 21 1.36 -10.46 -3.91
N SER B 22 1.71 -11.69 -4.24
CA SER B 22 1.95 -12.73 -3.25
C SER B 22 3.14 -12.38 -2.37
N ASP B 23 4.08 -11.61 -2.93
CA ASP B 23 5.26 -11.20 -2.19
C ASP B 23 4.86 -10.48 -0.91
N THR B 24 5.52 -10.83 0.20
CA THR B 24 5.23 -10.23 1.49
C THR B 24 5.40 -8.71 1.46
N ILE B 25 4.63 -8.03 2.29
CA ILE B 25 4.67 -6.56 2.36
C ILE B 25 6.04 -6.07 2.81
N GLU B 26 6.61 -6.71 3.82
CA GLU B 26 7.92 -6.32 4.33
C GLU B 26 8.98 -6.35 3.23
N ASN B 27 8.83 -7.29 2.30
CA ASN B 27 9.78 -7.41 1.19
C ASN B 27 9.62 -6.28 0.19
N VAL B 28 8.39 -6.05 -0.26
CA VAL B 28 8.11 -5.00 -1.23
C VAL B 28 8.57 -3.63 -0.69
N LYS B 29 8.36 -3.43 0.61
CA LYS B 29 8.74 -2.17 1.25
C LYS B 29 10.26 -2.00 1.26
N ALA B 30 10.97 -3.07 1.58
CA ALA B 30 12.43 -3.05 1.62
C ALA B 30 13.03 -2.66 0.28
N LYS B 31 12.30 -2.91 -0.79
CA LYS B 31 12.77 -2.58 -2.13
C LYS B 31 12.68 -1.07 -2.35
N ILE B 32 11.61 -0.48 -1.85
CA ILE B 32 11.38 0.95 -1.99
C ILE B 32 12.51 1.75 -1.34
N GLN B 33 12.97 1.32 -0.16
CA GLN B 33 14.06 2.01 0.51
C GLN B 33 15.31 1.86 -0.34
N ASP B 34 15.49 0.66 -0.90
CA ASP B 34 16.61 0.39 -1.78
C ASP B 34 16.48 1.32 -2.98
N LYS B 35 15.23 1.61 -3.33
CA LYS B 35 14.91 2.50 -4.44
C LYS B 35 15.17 3.95 -4.06
N GLU B 36 15.00 4.27 -2.77
CA GLU B 36 15.22 5.62 -2.29
C GLU B 36 16.02 5.62 -0.98
N GLY B 37 15.40 5.10 0.08
CA GLY B 37 16.08 5.04 1.36
C GLY B 37 15.15 5.08 2.54
N ILE B 38 13.98 5.68 2.35
CA ILE B 38 12.98 5.82 3.40
C ILE B 38 12.68 4.49 4.10
N PRO B 39 12.87 4.46 5.43
CA PRO B 39 12.60 3.26 6.23
C PRO B 39 11.19 2.71 5.98
N PRO B 40 11.03 1.38 6.02
CA PRO B 40 9.73 0.74 5.80
C PRO B 40 8.66 1.24 6.77
N ASP B 41 9.07 1.53 8.00
CA ASP B 41 8.16 2.02 9.02
C ASP B 41 7.55 3.36 8.61
N GLN B 42 8.36 4.22 7.99
CA GLN B 42 7.88 5.52 7.56
C GLN B 42 6.84 5.38 6.46
N GLN B 43 7.10 4.47 5.53
CA GLN B 43 6.21 4.23 4.40
C GLN B 43 4.80 3.87 4.89
N ARG B 44 3.80 4.54 4.34
CA ARG B 44 2.42 4.29 4.72
C ARG B 44 1.65 3.53 3.66
N LEU B 45 0.91 2.49 4.08
CA LEU B 45 0.13 1.70 3.15
C LEU B 45 -1.14 2.44 2.76
N ILE B 46 -1.41 2.48 1.46
CA ILE B 46 -2.60 3.16 0.95
C ILE B 46 -3.18 2.40 -0.25
N PHE B 47 -4.48 2.12 -0.19
CA PHE B 47 -5.15 1.41 -1.27
C PHE B 47 -6.29 2.25 -1.82
N ALA B 48 -6.51 2.20 -3.13
CA ALA B 48 -7.57 2.98 -3.76
C ALA B 48 -8.09 2.31 -5.02
N GLY B 49 -9.40 2.10 -5.07
CA GLY B 49 -10.01 1.45 -6.22
C GLY B 49 -10.02 2.35 -7.44
N LYS B 50 -11.16 2.35 -8.14
CA LYS B 50 -11.32 3.15 -9.36
C LYS B 50 -11.37 4.64 -9.04
N GLN B 51 -10.20 5.22 -8.75
CA GLN B 51 -10.13 6.64 -8.46
C GLN B 51 -10.53 7.40 -9.71
N LEU B 52 -11.71 8.02 -9.66
CA LEU B 52 -12.24 8.78 -10.79
C LEU B 52 -11.21 9.76 -11.34
N GLU B 53 -10.29 9.24 -12.15
CA GLU B 53 -9.25 10.07 -12.76
C GLU B 53 -8.43 9.26 -13.76
N GLY A 1 -4.29 1.42 17.98
CA GLY A 1 -4.37 0.62 16.72
C GLY A 1 -3.00 0.20 16.22
N SER A 2 -2.88 -1.07 15.82
CA SER A 2 -1.62 -1.60 15.32
C SER A 2 -1.27 -0.98 13.96
N MET A 3 -0.83 -1.81 13.03
CA MET A 3 -0.47 -1.34 11.70
C MET A 3 -1.70 -1.09 10.83
N GLN A 4 -2.58 -0.23 11.32
CA GLN A 4 -3.82 0.09 10.60
C GLN A 4 -3.50 0.83 9.29
N ILE A 5 -3.74 0.15 8.18
CA ILE A 5 -3.50 0.71 6.86
C ILE A 5 -4.61 1.68 6.45
N PHE A 6 -4.22 2.77 5.79
CA PHE A 6 -5.18 3.75 5.32
C PHE A 6 -5.64 3.39 3.91
N VAL A 7 -6.95 3.42 3.69
CA VAL A 7 -7.52 3.08 2.39
C VAL A 7 -8.81 3.85 2.14
N LYS A 8 -8.95 4.39 0.93
CA LYS A 8 -10.15 5.14 0.56
C LYS A 8 -11.07 4.27 -0.27
N THR A 9 -12.36 4.25 0.09
CA THR A 9 -13.34 3.45 -0.63
C THR A 9 -13.55 4.02 -2.04
N LEU A 10 -14.69 3.69 -2.63
CA LEU A 10 -15.00 4.19 -3.96
C LEU A 10 -15.73 5.52 -3.88
N THR A 11 -16.73 5.61 -3.00
CA THR A 11 -17.50 6.83 -2.84
C THR A 11 -16.68 7.91 -2.11
N GLY A 12 -15.99 7.52 -1.04
CA GLY A 12 -15.19 8.47 -0.30
C GLY A 12 -14.91 8.02 1.12
N LYS A 13 -15.84 7.27 1.70
CA LYS A 13 -15.71 6.78 3.08
C LYS A 13 -14.31 6.21 3.31
N THR A 14 -13.64 6.70 4.36
CA THR A 14 -12.30 6.26 4.70
C THR A 14 -12.31 4.96 5.51
N ILE A 15 -11.40 4.05 5.19
CA ILE A 15 -11.32 2.78 5.90
C ILE A 15 -9.95 2.61 6.57
N THR A 16 -9.97 2.07 7.78
CA THR A 16 -8.75 1.82 8.53
C THR A 16 -8.76 0.36 8.98
N LEU A 17 -7.62 -0.30 8.88
CA LEU A 17 -7.56 -1.72 9.23
C LEU A 17 -6.13 -2.17 9.54
N GLU A 18 -5.92 -2.70 10.74
CA GLU A 18 -4.61 -3.17 11.18
C GLU A 18 -4.22 -4.47 10.47
N VAL A 19 -2.93 -4.61 10.15
CA VAL A 19 -2.41 -5.80 9.49
C VAL A 19 -0.91 -5.95 9.72
N GLU A 20 -0.47 -7.18 9.93
CA GLU A 20 0.93 -7.47 10.15
C GLU A 20 1.75 -7.28 8.87
N PRO A 21 2.99 -6.77 9.00
CA PRO A 21 3.87 -6.53 7.85
C PRO A 21 4.13 -7.81 7.05
N SER A 22 4.26 -8.92 7.79
CA SER A 22 4.52 -10.21 7.18
C SER A 22 3.36 -10.63 6.29
N ASP A 23 2.16 -10.23 6.67
CA ASP A 23 0.96 -10.56 5.91
C ASP A 23 1.09 -10.10 4.47
N THR A 24 0.80 -11.00 3.54
CA THR A 24 0.90 -10.69 2.11
C THR A 24 -0.08 -9.61 1.70
N ILE A 25 0.32 -8.80 0.72
CA ILE A 25 -0.51 -7.72 0.22
C ILE A 25 -1.89 -8.22 -0.20
N GLU A 26 -1.93 -9.40 -0.80
CA GLU A 26 -3.18 -10.00 -1.25
C GLU A 26 -4.12 -10.23 -0.07
N ASN A 27 -3.54 -10.53 1.09
CA ASN A 27 -4.33 -10.79 2.29
C ASN A 27 -4.91 -9.51 2.88
N VAL A 28 -4.07 -8.49 3.04
CA VAL A 28 -4.53 -7.23 3.60
C VAL A 28 -5.66 -6.63 2.77
N LYS A 29 -5.53 -6.71 1.45
CA LYS A 29 -6.56 -6.18 0.55
C LYS A 29 -7.84 -7.01 0.67
N ALA A 30 -7.66 -8.32 0.83
CA ALA A 30 -8.79 -9.23 0.94
C ALA A 30 -9.74 -8.80 2.05
N LYS A 31 -9.18 -8.27 3.15
CA LYS A 31 -9.98 -7.82 4.27
C LYS A 31 -10.76 -6.58 3.87
N ILE A 32 -10.09 -5.68 3.16
CA ILE A 32 -10.73 -4.45 2.71
C ILE A 32 -11.95 -4.81 1.85
N GLN A 33 -11.87 -5.96 1.17
CA GLN A 33 -12.97 -6.44 0.35
C GLN A 33 -14.17 -6.64 1.27
N ASP A 34 -13.89 -7.26 2.42
CA ASP A 34 -14.92 -7.50 3.42
C ASP A 34 -15.39 -6.16 3.96
N LYS A 35 -14.43 -5.24 4.08
CA LYS A 35 -14.69 -3.89 4.57
C LYS A 35 -15.64 -3.17 3.63
N GLU A 36 -15.61 -3.54 2.35
CA GLU A 36 -16.48 -2.93 1.35
C GLU A 36 -16.86 -3.96 0.28
N GLY A 37 -15.99 -4.13 -0.71
CA GLY A 37 -16.26 -5.09 -1.77
C GLY A 37 -15.55 -4.75 -3.07
N ILE A 38 -14.29 -4.36 -2.97
CA ILE A 38 -13.51 -4.01 -4.16
C ILE A 38 -12.37 -5.01 -4.38
N PRO A 39 -12.33 -5.62 -5.58
CA PRO A 39 -11.29 -6.58 -5.94
C PRO A 39 -9.90 -6.14 -5.48
N PRO A 40 -9.05 -7.08 -5.05
CA PRO A 40 -7.70 -6.78 -4.59
C PRO A 40 -6.88 -6.04 -5.64
N ASP A 41 -7.10 -6.39 -6.90
CA ASP A 41 -6.38 -5.77 -8.01
C ASP A 41 -6.74 -4.29 -8.10
N GLN A 42 -8.02 -3.98 -7.89
CA GLN A 42 -8.49 -2.61 -7.96
C GLN A 42 -7.79 -1.71 -6.94
N GLN A 43 -7.56 -2.24 -5.75
CA GLN A 43 -6.89 -1.49 -4.70
C GLN A 43 -5.48 -1.10 -5.12
N ARG A 44 -5.23 0.21 -5.17
CA ARG A 44 -3.93 0.72 -5.56
C ARG A 44 -3.01 0.89 -4.35
N LEU A 45 -1.81 0.34 -4.45
CA LEU A 45 -0.83 0.44 -3.35
C LEU A 45 -0.13 1.79 -3.38
N ILE A 46 0.02 2.39 -2.21
CA ILE A 46 0.70 3.67 -2.09
C ILE A 46 1.49 3.71 -0.79
N PHE A 47 2.78 4.03 -0.91
CA PHE A 47 3.66 4.07 0.26
C PHE A 47 4.18 5.49 0.49
N ALA A 48 4.30 5.89 1.76
CA ALA A 48 4.79 7.23 2.08
C ALA A 48 5.63 7.22 3.36
N GLY A 49 6.86 7.70 3.24
CA GLY A 49 7.76 7.75 4.39
C GLY A 49 7.26 8.67 5.49
N LYS A 50 7.41 8.25 6.74
CA LYS A 50 6.97 9.04 7.88
C LYS A 50 7.94 10.17 8.15
N GLN A 51 7.90 11.18 7.31
CA GLN A 51 8.77 12.34 7.46
C GLN A 51 8.36 13.12 8.70
N LEU A 52 8.98 12.77 9.82
CA LEU A 52 8.69 13.38 11.12
C LEU A 52 8.63 14.90 11.00
N GLU A 53 7.49 15.40 10.53
CA GLU A 53 7.27 16.83 10.35
C GLU A 53 7.25 17.55 11.70
N GLY B 1 4.14 -2.34 -17.76
CA GLY B 1 4.54 -2.54 -16.34
C GLY B 1 3.57 -3.42 -15.57
N SER B 2 4.10 -4.36 -14.80
CA SER B 2 3.26 -5.27 -14.02
C SER B 2 2.55 -4.51 -12.89
N MET B 3 2.57 -5.08 -11.68
CA MET B 3 1.93 -4.45 -10.54
C MET B 3 2.80 -3.34 -9.95
N GLN B 4 3.21 -2.42 -10.80
CA GLN B 4 4.05 -1.31 -10.37
C GLN B 4 3.31 -0.45 -9.34
N ILE B 5 3.78 -0.52 -8.10
CA ILE B 5 3.18 0.23 -7.00
C ILE B 5 3.62 1.69 -6.98
N PHE B 6 2.67 2.56 -6.67
CA PHE B 6 2.94 3.99 -6.61
C PHE B 6 3.41 4.37 -5.21
N VAL B 7 4.51 5.10 -5.11
CA VAL B 7 5.04 5.52 -3.82
C VAL B 7 5.79 6.83 -3.93
N LYS B 8 5.47 7.76 -3.03
CA LYS B 8 6.12 9.07 -3.01
C LYS B 8 7.32 9.06 -2.07
N THR B 9 8.45 9.56 -2.54
CA THR B 9 9.66 9.59 -1.73
C THR B 9 9.53 10.58 -0.58
N LEU B 10 10.66 11.04 -0.07
CA LEU B 10 10.67 11.99 1.04
C LEU B 10 10.57 13.42 0.52
N THR B 11 11.38 13.76 -0.46
CA THR B 11 11.38 15.10 -1.03
C THR B 11 10.18 15.34 -1.93
N GLY B 12 9.87 14.37 -2.79
CA GLY B 12 8.74 14.50 -3.69
C GLY B 12 8.84 13.57 -4.89
N LYS B 13 10.06 13.29 -5.32
CA LYS B 13 10.31 12.43 -6.48
C LYS B 13 9.43 11.18 -6.41
N THR B 14 8.70 10.91 -7.49
CA THR B 14 7.83 9.75 -7.56
C THR B 14 8.57 8.49 -7.98
N ILE B 15 8.22 7.38 -7.35
CA ILE B 15 8.86 6.10 -7.68
C ILE B 15 7.83 4.99 -7.83
N THR B 16 8.05 4.11 -8.80
CA THR B 16 7.14 3.01 -9.08
C THR B 16 7.91 1.74 -9.41
N LEU B 17 7.42 0.60 -8.94
CA LEU B 17 8.08 -0.68 -9.18
C LEU B 17 7.08 -1.83 -9.14
N GLU B 18 7.19 -2.73 -10.12
CA GLU B 18 6.31 -3.89 -10.20
C GLU B 18 6.61 -4.89 -9.10
N VAL B 19 5.55 -5.48 -8.53
CA VAL B 19 5.68 -6.46 -7.47
C VAL B 19 4.48 -7.40 -7.43
N GLU B 20 4.73 -8.68 -7.24
CA GLU B 20 3.67 -9.68 -7.19
C GLU B 20 2.84 -9.52 -5.92
N PRO B 21 1.51 -9.76 -6.02
CA PRO B 21 0.60 -9.66 -4.87
C PRO B 21 1.00 -10.57 -3.73
N SER B 22 1.50 -11.75 -4.10
CA SER B 22 1.91 -12.74 -3.13
C SER B 22 3.06 -12.23 -2.28
N ASP B 23 3.91 -11.40 -2.88
CA ASP B 23 5.05 -10.83 -2.17
C ASP B 23 4.58 -10.08 -0.92
N THR B 24 5.22 -10.39 0.20
CA THR B 24 4.88 -9.74 1.47
C THR B 24 5.13 -8.25 1.43
N ILE B 25 4.30 -7.49 2.15
CA ILE B 25 4.43 -6.04 2.20
C ILE B 25 5.85 -5.63 2.60
N GLU B 26 6.45 -6.38 3.50
CA GLU B 26 7.81 -6.09 3.96
C GLU B 26 8.80 -6.18 2.81
N ASN B 27 8.54 -7.08 1.86
CA ASN B 27 9.41 -7.26 0.71
C ASN B 27 9.31 -6.12 -0.28
N VAL B 28 8.07 -5.75 -0.65
CA VAL B 28 7.85 -4.67 -1.60
C VAL B 28 8.47 -3.37 -1.10
N LYS B 29 8.30 -3.08 0.19
CA LYS B 29 8.86 -1.87 0.77
C LYS B 29 10.39 -1.93 0.77
N ALA B 30 10.92 -3.13 1.01
CA ALA B 30 12.37 -3.33 1.04
C ALA B 30 13.01 -2.85 -0.26
N LYS B 31 12.33 -3.06 -1.38
CA LYS B 31 12.83 -2.64 -2.67
C LYS B 31 12.85 -1.12 -2.74
N ILE B 32 11.78 -0.52 -2.23
CA ILE B 32 11.67 0.92 -2.20
C ILE B 32 12.83 1.51 -1.42
N GLN B 33 13.32 0.75 -0.44
CA GLN B 33 14.46 1.17 0.36
C GLN B 33 15.65 1.34 -0.57
N ASP B 34 15.83 0.36 -1.45
CA ASP B 34 16.89 0.39 -2.43
C ASP B 34 16.63 1.53 -3.40
N LYS B 35 15.34 1.74 -3.68
CA LYS B 35 14.89 2.80 -4.56
C LYS B 35 15.29 4.16 -4.01
N GLU B 36 15.39 4.26 -2.69
CA GLU B 36 15.77 5.50 -2.02
C GLU B 36 16.56 5.20 -0.75
N GLY B 37 15.84 4.88 0.33
CA GLY B 37 16.48 4.58 1.59
C GLY B 37 15.62 4.90 2.79
N ILE B 38 14.34 4.53 2.71
CA ILE B 38 13.40 4.78 3.79
C ILE B 38 12.94 3.49 4.45
N PRO B 39 13.12 3.37 5.78
CA PRO B 39 12.71 2.17 6.52
C PRO B 39 11.30 1.70 6.13
N PRO B 40 11.09 0.37 6.10
CA PRO B 40 9.79 -0.20 5.73
C PRO B 40 8.67 0.32 6.60
N ASP B 41 8.96 0.54 7.88
CA ASP B 41 7.97 1.04 8.83
C ASP B 41 7.52 2.45 8.46
N GLN B 42 8.47 3.27 8.01
CA GLN B 42 8.17 4.64 7.63
C GLN B 42 7.17 4.69 6.47
N GLN B 43 7.33 3.80 5.51
CA GLN B 43 6.44 3.75 4.36
C GLN B 43 5.00 3.52 4.80
N ARG B 44 4.11 4.41 4.40
CA ARG B 44 2.70 4.33 4.77
C ARG B 44 1.88 3.63 3.69
N LEU B 45 1.20 2.56 4.08
CA LEU B 45 0.36 1.82 3.13
C LEU B 45 -0.93 2.56 2.85
N ILE B 46 -1.29 2.62 1.58
CA ILE B 46 -2.52 3.29 1.16
C ILE B 46 -3.16 2.53 0.00
N PHE B 47 -4.42 2.17 0.18
CA PHE B 47 -5.15 1.42 -0.83
C PHE B 47 -6.32 2.25 -1.37
N ALA B 48 -6.64 2.08 -2.65
CA ALA B 48 -7.73 2.83 -3.27
C ALA B 48 -8.42 2.02 -4.36
N GLY B 49 -9.74 1.93 -4.30
CA GLY B 49 -10.49 1.20 -5.29
C GLY B 49 -10.41 1.82 -6.67
N LYS B 50 -10.15 1.00 -7.68
CA LYS B 50 -10.04 1.48 -9.05
C LYS B 50 -11.41 1.60 -9.70
N GLN B 51 -12.17 2.62 -9.30
CA GLN B 51 -13.48 2.82 -9.90
C GLN B 51 -13.30 3.35 -11.31
N LEU B 52 -13.72 2.57 -12.29
CA LEU B 52 -13.57 2.94 -13.69
C LEU B 52 -14.26 4.27 -13.99
N GLU B 53 -13.61 5.37 -13.64
CA GLU B 53 -14.14 6.70 -13.87
C GLU B 53 -14.41 6.93 -15.35
N GLY A 1 -3.09 1.10 16.50
CA GLY A 1 -2.99 -0.01 15.53
C GLY A 1 -1.55 -0.34 15.16
N SER A 2 -1.22 -1.63 15.15
CA SER A 2 0.12 -2.06 14.80
C SER A 2 0.49 -1.64 13.38
N MET A 3 -0.47 -1.75 12.47
CA MET A 3 -0.25 -1.39 11.08
C MET A 3 -1.57 -1.21 10.34
N GLN A 4 -2.48 -0.45 10.93
CA GLN A 4 -3.78 -0.20 10.32
C GLN A 4 -3.61 0.51 8.98
N ILE A 5 -3.93 -0.20 7.90
CA ILE A 5 -3.80 0.33 6.54
C ILE A 5 -4.93 1.30 6.21
N PHE A 6 -4.56 2.45 5.65
CA PHE A 6 -5.53 3.46 5.26
C PHE A 6 -5.99 3.18 3.82
N VAL A 7 -7.29 3.18 3.60
CA VAL A 7 -7.82 2.90 2.28
C VAL A 7 -9.06 3.74 1.97
N LYS A 8 -9.06 4.37 0.80
CA LYS A 8 -10.20 5.19 0.39
C LYS A 8 -11.19 4.35 -0.41
N THR A 9 -12.44 4.32 0.05
CA THR A 9 -13.47 3.55 -0.63
C THR A 9 -13.84 4.19 -1.97
N LEU A 10 -15.04 3.89 -2.45
CA LEU A 10 -15.51 4.44 -3.71
C LEU A 10 -16.09 5.84 -3.51
N THR A 11 -16.95 5.98 -2.51
CA THR A 11 -17.57 7.25 -2.22
C THR A 11 -16.58 8.23 -1.58
N GLY A 12 -15.81 7.74 -0.60
CA GLY A 12 -14.84 8.58 0.06
C GLY A 12 -14.45 8.06 1.43
N LYS A 13 -15.39 7.40 2.10
CA LYS A 13 -15.17 6.86 3.44
C LYS A 13 -13.84 6.11 3.52
N THR A 14 -13.04 6.45 4.53
CA THR A 14 -11.75 5.81 4.75
C THR A 14 -11.89 4.60 5.66
N ILE A 15 -11.10 3.56 5.41
CA ILE A 15 -11.15 2.35 6.21
C ILE A 15 -9.83 2.05 6.91
N THR A 16 -9.90 1.87 8.22
CA THR A 16 -8.73 1.51 9.00
C THR A 16 -8.73 0.01 9.23
N LEU A 17 -7.61 -0.63 8.98
CA LEU A 17 -7.52 -2.07 9.13
C LEU A 17 -6.10 -2.52 9.45
N GLU A 18 -5.91 -3.04 10.66
CA GLU A 18 -4.61 -3.52 11.11
C GLU A 18 -4.21 -4.80 10.39
N VAL A 19 -2.96 -4.83 9.94
CA VAL A 19 -2.42 -5.99 9.24
C VAL A 19 -0.90 -6.05 9.39
N GLU A 20 -0.38 -7.24 9.63
CA GLU A 20 1.05 -7.42 9.81
C GLU A 20 1.81 -7.25 8.50
N PRO A 21 2.97 -6.59 8.54
CA PRO A 21 3.80 -6.38 7.35
C PRO A 21 4.07 -7.68 6.60
N SER A 22 4.25 -8.74 7.36
CA SER A 22 4.52 -10.05 6.80
C SER A 22 3.33 -10.55 5.99
N ASP A 23 2.12 -10.19 6.43
CA ASP A 23 0.91 -10.61 5.73
C ASP A 23 0.96 -10.18 4.26
N THR A 24 0.67 -11.13 3.38
CA THR A 24 0.70 -10.87 1.94
C THR A 24 -0.27 -9.77 1.54
N ILE A 25 0.11 -9.01 0.52
CA ILE A 25 -0.72 -7.93 0.02
C ILE A 25 -2.08 -8.46 -0.41
N GLU A 26 -2.08 -9.71 -0.83
CA GLU A 26 -3.30 -10.38 -1.27
C GLU A 26 -4.26 -10.56 -0.10
N ASN A 27 -3.71 -10.86 1.08
CA ASN A 27 -4.52 -11.07 2.28
C ASN A 27 -5.09 -9.74 2.79
N VAL A 28 -4.25 -8.73 2.87
CA VAL A 28 -4.69 -7.42 3.35
C VAL A 28 -5.83 -6.87 2.49
N LYS A 29 -5.71 -7.04 1.17
CA LYS A 29 -6.75 -6.57 0.25
C LYS A 29 -8.03 -7.37 0.44
N ALA A 30 -7.88 -8.68 0.64
CA ALA A 30 -9.02 -9.56 0.83
C ALA A 30 -9.93 -9.08 1.95
N LYS A 31 -9.33 -8.58 3.03
CA LYS A 31 -10.08 -8.07 4.17
C LYS A 31 -10.87 -6.85 3.75
N ILE A 32 -10.24 -5.99 2.97
CA ILE A 32 -10.89 -4.78 2.48
C ILE A 32 -12.16 -5.14 1.73
N GLN A 33 -12.12 -6.25 1.00
CA GLN A 33 -13.28 -6.72 0.26
C GLN A 33 -14.40 -7.00 1.23
N ASP A 34 -14.07 -7.68 2.32
CA ASP A 34 -15.03 -8.00 3.36
C ASP A 34 -15.47 -6.71 4.02
N LYS A 35 -14.55 -5.76 4.08
CA LYS A 35 -14.81 -4.45 4.67
C LYS A 35 -15.86 -3.69 3.88
N GLU A 36 -15.89 -3.92 2.57
CA GLU A 36 -16.86 -3.26 1.69
C GLU A 36 -17.33 -4.18 0.57
N GLY A 37 -16.42 -4.53 -0.34
CA GLY A 37 -16.76 -5.41 -1.43
C GLY A 37 -16.15 -4.97 -2.76
N ILE A 38 -14.85 -4.71 -2.75
CA ILE A 38 -14.15 -4.27 -3.95
C ILE A 38 -12.95 -5.16 -4.25
N PRO A 39 -12.85 -5.66 -5.50
CA PRO A 39 -11.74 -6.52 -5.92
C PRO A 39 -10.38 -5.96 -5.48
N PRO A 40 -9.46 -6.85 -5.04
CA PRO A 40 -8.13 -6.44 -4.60
C PRO A 40 -7.36 -5.69 -5.67
N ASP A 41 -7.60 -6.05 -6.93
CA ASP A 41 -6.91 -5.41 -8.06
C ASP A 41 -7.23 -3.92 -8.11
N GLN A 42 -8.46 -3.57 -7.78
CA GLN A 42 -8.89 -2.17 -7.80
C GLN A 42 -8.04 -1.32 -6.87
N GLN A 43 -7.83 -1.81 -5.65
CA GLN A 43 -7.04 -1.07 -4.66
C GLN A 43 -5.64 -0.78 -5.17
N ARG A 44 -5.25 0.49 -5.13
CA ARG A 44 -3.94 0.91 -5.58
C ARG A 44 -2.97 1.04 -4.42
N LEU A 45 -1.81 0.41 -4.53
CA LEU A 45 -0.79 0.48 -3.49
C LEU A 45 -0.03 1.79 -3.54
N ILE A 46 0.09 2.43 -2.38
CA ILE A 46 0.81 3.69 -2.28
C ILE A 46 1.55 3.78 -0.95
N PHE A 47 2.85 4.07 -1.02
CA PHE A 47 3.68 4.17 0.18
C PHE A 47 4.18 5.60 0.34
N ALA A 48 4.31 6.06 1.59
CA ALA A 48 4.79 7.42 1.84
C ALA A 48 5.48 7.50 3.21
N GLY A 49 6.73 7.94 3.19
CA GLY A 49 7.50 8.08 4.41
C GLY A 49 7.01 9.21 5.30
N LYS A 50 7.94 9.98 5.84
CA LYS A 50 7.60 11.09 6.72
C LYS A 50 6.89 12.20 5.97
N GLN A 51 5.69 12.51 6.43
CA GLN A 51 4.90 13.58 5.83
C GLN A 51 5.52 14.91 6.20
N LEU A 52 6.33 15.43 5.30
CA LEU A 52 7.03 16.69 5.52
C LEU A 52 6.08 17.77 6.03
N GLU A 53 5.80 17.72 7.33
CA GLU A 53 4.91 18.68 7.97
C GLU A 53 5.45 20.10 7.84
N GLY B 1 3.59 -2.72 -16.22
CA GLY B 1 3.97 -3.40 -14.95
C GLY B 1 2.82 -4.22 -14.38
N SER B 2 3.13 -5.44 -13.94
CA SER B 2 2.11 -6.32 -13.37
C SER B 2 1.47 -5.69 -12.14
N MET B 3 2.30 -5.12 -11.26
CA MET B 3 1.81 -4.51 -10.04
C MET B 3 2.80 -3.45 -9.54
N GLN B 4 3.20 -2.54 -10.43
CA GLN B 4 4.13 -1.49 -10.06
C GLN B 4 3.54 -0.59 -8.98
N ILE B 5 4.12 -0.68 -7.79
CA ILE B 5 3.67 0.10 -6.64
C ILE B 5 4.13 1.55 -6.72
N PHE B 6 3.19 2.47 -6.50
CA PHE B 6 3.50 3.89 -6.51
C PHE B 6 3.90 4.33 -5.12
N VAL B 7 4.99 5.09 -5.01
CA VAL B 7 5.48 5.54 -3.71
C VAL B 7 6.09 6.93 -3.80
N LYS B 8 5.68 7.81 -2.89
CA LYS B 8 6.20 9.16 -2.84
C LYS B 8 7.41 9.23 -1.91
N THR B 9 8.54 9.68 -2.44
CA THR B 9 9.76 9.79 -1.64
C THR B 9 9.66 10.91 -0.61
N LEU B 10 10.80 11.40 -0.16
CA LEU B 10 10.84 12.47 0.83
C LEU B 10 10.64 13.83 0.17
N THR B 11 11.40 14.09 -0.89
CA THR B 11 11.31 15.35 -1.61
C THR B 11 10.01 15.44 -2.42
N GLY B 12 9.69 14.37 -3.13
CA GLY B 12 8.48 14.35 -3.93
C GLY B 12 8.53 13.33 -5.05
N LYS B 13 9.73 13.08 -5.57
CA LYS B 13 9.92 12.13 -6.66
C LYS B 13 9.16 10.83 -6.41
N THR B 14 8.38 10.41 -7.40
CA THR B 14 7.61 9.17 -7.29
C THR B 14 8.43 8.00 -7.81
N ILE B 15 8.34 6.87 -7.13
CA ILE B 15 9.09 5.68 -7.54
C ILE B 15 8.16 4.57 -7.99
N THR B 16 8.42 4.06 -9.19
CA THR B 16 7.64 2.96 -9.73
C THR B 16 8.39 1.66 -9.44
N LEU B 17 7.67 0.62 -9.03
CA LEU B 17 8.33 -0.63 -8.70
C LEU B 17 7.36 -1.81 -8.77
N GLU B 18 7.60 -2.72 -9.71
CA GLU B 18 6.76 -3.90 -9.88
C GLU B 18 6.97 -4.91 -8.75
N VAL B 19 5.88 -5.50 -8.27
CA VAL B 19 5.92 -6.49 -7.20
C VAL B 19 4.67 -7.36 -7.21
N GLU B 20 4.87 -8.67 -7.06
CA GLU B 20 3.77 -9.60 -7.04
C GLU B 20 2.90 -9.40 -5.80
N PRO B 21 1.57 -9.45 -5.96
CA PRO B 21 0.63 -9.28 -4.85
C PRO B 21 0.92 -10.22 -3.69
N SER B 22 1.33 -11.43 -4.04
CA SER B 22 1.64 -12.44 -3.04
C SER B 22 2.85 -12.04 -2.20
N ASP B 23 3.77 -11.27 -2.79
CA ASP B 23 4.95 -10.81 -2.07
C ASP B 23 4.57 -10.07 -0.79
N THR B 24 5.24 -10.40 0.30
CA THR B 24 4.97 -9.77 1.58
C THR B 24 5.21 -8.27 1.55
N ILE B 25 4.42 -7.53 2.31
CA ILE B 25 4.54 -6.08 2.37
C ILE B 25 5.94 -5.70 2.83
N GLU B 26 6.54 -6.56 3.64
CA GLU B 26 7.88 -6.35 4.16
C GLU B 26 8.91 -6.39 3.02
N ASN B 27 8.68 -7.27 2.05
CA ASN B 27 9.59 -7.41 0.91
C ASN B 27 9.48 -6.21 -0.03
N VAL B 28 8.25 -5.83 -0.36
CA VAL B 28 8.03 -4.71 -1.27
C VAL B 28 8.66 -3.43 -0.72
N LYS B 29 8.52 -3.23 0.59
CA LYS B 29 9.10 -2.05 1.23
C LYS B 29 10.62 -2.11 1.20
N ALA B 30 11.16 -3.30 1.41
CA ALA B 30 12.61 -3.51 1.41
C ALA B 30 13.24 -2.97 0.12
N LYS B 31 12.59 -3.23 -1.01
CA LYS B 31 13.07 -2.78 -2.30
C LYS B 31 13.07 -1.26 -2.35
N ILE B 32 11.99 -0.67 -1.85
CA ILE B 32 11.87 0.77 -1.81
C ILE B 32 13.06 1.39 -1.09
N GLN B 33 13.54 0.70 -0.07
CA GLN B 33 14.71 1.15 0.67
C GLN B 33 15.91 1.19 -0.27
N ASP B 34 16.01 0.16 -1.10
CA ASP B 34 17.09 0.08 -2.08
C ASP B 34 16.96 1.24 -3.06
N LYS B 35 15.72 1.60 -3.36
CA LYS B 35 15.43 2.69 -4.28
C LYS B 35 16.00 4.01 -3.78
N GLU B 36 15.95 4.23 -2.47
CA GLU B 36 16.46 5.46 -1.89
C GLU B 36 17.17 5.19 -0.56
N GLY B 37 16.42 4.65 0.41
CA GLY B 37 16.99 4.36 1.71
C GLY B 37 16.09 4.79 2.85
N ILE B 38 14.80 4.47 2.72
CA ILE B 38 13.82 4.83 3.73
C ILE B 38 13.28 3.61 4.45
N PRO B 39 13.27 3.62 5.79
CA PRO B 39 12.75 2.50 6.59
C PRO B 39 11.35 2.10 6.14
N PRO B 40 11.07 0.78 6.08
CA PRO B 40 9.76 0.26 5.68
C PRO B 40 8.63 0.81 6.53
N ASP B 41 8.92 1.05 7.80
CA ASP B 41 7.93 1.57 8.73
C ASP B 41 7.46 2.97 8.33
N GLN B 42 8.38 3.77 7.81
CA GLN B 42 8.04 5.13 7.40
C GLN B 42 7.02 5.14 6.27
N GLN B 43 7.19 4.27 5.29
CA GLN B 43 6.26 4.19 4.16
C GLN B 43 4.85 3.88 4.64
N ARG B 44 3.91 4.75 4.28
CA ARG B 44 2.52 4.55 4.68
C ARG B 44 1.76 3.76 3.62
N LEU B 45 1.11 2.69 4.06
CA LEU B 45 0.35 1.85 3.15
C LEU B 45 -1.03 2.46 2.86
N ILE B 46 -1.37 2.54 1.57
CA ILE B 46 -2.65 3.11 1.15
C ILE B 46 -3.21 2.38 -0.06
N PHE B 47 -4.51 2.11 -0.02
CA PHE B 47 -5.19 1.42 -1.11
C PHE B 47 -6.32 2.28 -1.68
N ALA B 48 -6.56 2.17 -2.99
CA ALA B 48 -7.63 2.95 -3.63
C ALA B 48 -8.13 2.26 -4.89
N GLY B 49 -9.44 2.01 -4.93
CA GLY B 49 -10.04 1.36 -6.08
C GLY B 49 -10.11 2.25 -7.30
N LYS B 50 -11.23 2.19 -8.01
CA LYS B 50 -11.43 2.99 -9.21
C LYS B 50 -11.48 4.47 -8.88
N GLN B 51 -10.60 5.23 -9.52
CA GLN B 51 -10.56 6.67 -9.31
C GLN B 51 -11.74 7.31 -10.03
N LEU B 52 -12.74 7.71 -9.26
CA LEU B 52 -13.95 8.32 -9.81
C LEU B 52 -13.61 9.48 -10.73
N GLU B 53 -13.23 9.16 -11.96
CA GLU B 53 -12.87 10.17 -12.95
C GLU B 53 -14.07 11.07 -13.25
N GLY A 1 -2.98 -4.51 17.17
CA GLY A 1 -2.59 -3.12 16.77
C GLY A 1 -1.29 -3.09 15.99
N SER A 2 -1.16 -3.98 15.01
CA SER A 2 0.04 -4.06 14.20
C SER A 2 0.27 -2.75 13.43
N MET A 3 -0.72 -2.36 12.62
CA MET A 3 -0.64 -1.13 11.85
C MET A 3 -1.88 -0.94 10.97
N GLN A 4 -2.73 0.01 11.36
CA GLN A 4 -3.94 0.31 10.63
C GLN A 4 -3.60 0.95 9.28
N ILE A 5 -4.10 0.36 8.20
CA ILE A 5 -3.84 0.88 6.86
C ILE A 5 -4.93 1.84 6.42
N PHE A 6 -4.53 2.93 5.77
CA PHE A 6 -5.47 3.92 5.26
C PHE A 6 -5.93 3.52 3.86
N VAL A 7 -7.24 3.50 3.64
CA VAL A 7 -7.77 3.12 2.34
C VAL A 7 -9.03 3.90 1.98
N LYS A 8 -9.09 4.40 0.75
CA LYS A 8 -10.25 5.14 0.28
C LYS A 8 -11.22 4.20 -0.41
N THR A 9 -12.44 4.11 0.11
CA THR A 9 -13.45 3.23 -0.48
C THR A 9 -13.96 3.77 -1.81
N LEU A 10 -15.15 3.33 -2.19
CA LEU A 10 -15.75 3.77 -3.45
C LEU A 10 -16.40 5.15 -3.30
N THR A 11 -17.25 5.29 -2.28
CA THR A 11 -17.94 6.55 -2.03
C THR A 11 -16.97 7.64 -1.57
N GLY A 12 -16.09 7.29 -0.63
CA GLY A 12 -15.14 8.25 -0.12
C GLY A 12 -14.67 7.92 1.29
N LYS A 13 -15.58 7.37 2.09
CA LYS A 13 -15.27 7.02 3.47
C LYS A 13 -13.96 6.23 3.57
N THR A 14 -13.09 6.67 4.47
CA THR A 14 -11.82 6.01 4.70
C THR A 14 -12.00 4.79 5.59
N ILE A 15 -11.20 3.76 5.35
CA ILE A 15 -11.30 2.54 6.14
C ILE A 15 -9.95 2.16 6.75
N THR A 16 -9.97 1.90 8.05
CA THR A 16 -8.77 1.52 8.79
C THR A 16 -8.80 0.05 9.18
N LEU A 17 -7.64 -0.59 9.12
CA LEU A 17 -7.53 -1.99 9.48
C LEU A 17 -6.06 -2.38 9.68
N GLU A 18 -5.75 -2.87 10.87
CA GLU A 18 -4.39 -3.28 11.21
C GLU A 18 -4.03 -4.61 10.56
N VAL A 19 -2.79 -4.71 10.10
CA VAL A 19 -2.30 -5.94 9.46
C VAL A 19 -0.78 -6.06 9.61
N GLU A 20 -0.34 -7.25 10.00
CA GLU A 20 1.07 -7.52 10.18
C GLU A 20 1.86 -7.29 8.88
N PRO A 21 3.05 -6.67 8.98
CA PRO A 21 3.89 -6.40 7.80
C PRO A 21 4.19 -7.67 7.02
N SER A 22 4.42 -8.74 7.74
CA SER A 22 4.72 -10.04 7.13
C SER A 22 3.54 -10.55 6.30
N ASP A 23 2.33 -10.18 6.72
CA ASP A 23 1.14 -10.61 6.01
C ASP A 23 1.21 -10.22 4.54
N THR A 24 0.83 -11.14 3.66
CA THR A 24 0.85 -10.91 2.23
C THR A 24 -0.11 -9.81 1.82
N ILE A 25 0.28 -9.02 0.83
CA ILE A 25 -0.55 -7.93 0.33
C ILE A 25 -1.93 -8.43 -0.09
N GLU A 26 -1.96 -9.60 -0.72
CA GLU A 26 -3.22 -10.18 -1.18
C GLU A 26 -4.22 -10.32 -0.03
N ASN A 27 -3.75 -10.81 1.11
CA ASN A 27 -4.61 -10.98 2.28
C ASN A 27 -5.08 -9.62 2.79
N VAL A 28 -4.16 -8.67 2.91
CA VAL A 28 -4.48 -7.34 3.38
C VAL A 28 -5.62 -6.72 2.56
N LYS A 29 -5.50 -6.80 1.24
CA LYS A 29 -6.51 -6.25 0.34
C LYS A 29 -7.81 -7.05 0.43
N ALA A 30 -7.68 -8.36 0.62
CA ALA A 30 -8.83 -9.25 0.71
C ALA A 30 -9.79 -8.81 1.81
N LYS A 31 -9.24 -8.36 2.94
CA LYS A 31 -10.04 -7.89 4.06
C LYS A 31 -10.85 -6.69 3.63
N ILE A 32 -10.19 -5.79 2.92
CA ILE A 32 -10.81 -4.58 2.42
C ILE A 32 -12.03 -4.91 1.56
N GLN A 33 -11.94 -6.00 0.80
CA GLN A 33 -13.06 -6.42 -0.03
C GLN A 33 -14.27 -6.67 0.85
N ASP A 34 -14.01 -7.35 1.97
CA ASP A 34 -15.06 -7.63 2.94
C ASP A 34 -15.53 -6.32 3.57
N LYS A 35 -14.55 -5.44 3.79
CA LYS A 35 -14.81 -4.13 4.36
C LYS A 35 -15.41 -3.18 3.33
N GLU A 36 -15.66 -3.72 2.13
CA GLU A 36 -16.24 -2.94 1.05
C GLU A 36 -16.66 -3.86 -0.10
N GLY A 37 -15.85 -3.91 -1.15
CA GLY A 37 -16.17 -4.76 -2.28
C GLY A 37 -15.37 -4.39 -3.52
N ILE A 38 -14.07 -4.24 -3.36
CA ILE A 38 -13.20 -3.88 -4.48
C ILE A 38 -12.12 -4.93 -4.71
N PRO A 39 -11.99 -5.43 -5.94
CA PRO A 39 -10.98 -6.43 -6.29
C PRO A 39 -9.58 -6.04 -5.80
N PRO A 40 -8.77 -7.03 -5.38
CA PRO A 40 -7.42 -6.79 -4.87
C PRO A 40 -6.55 -6.05 -5.89
N ASP A 41 -6.73 -6.38 -7.17
CA ASP A 41 -5.96 -5.76 -8.24
C ASP A 41 -6.24 -4.26 -8.32
N GLN A 42 -7.50 -3.88 -8.12
CA GLN A 42 -7.89 -2.49 -8.19
C GLN A 42 -7.22 -1.66 -7.10
N GLN A 43 -7.10 -2.23 -5.91
CA GLN A 43 -6.48 -1.53 -4.79
C GLN A 43 -5.03 -1.16 -5.12
N ARG A 44 -4.80 0.14 -5.29
CA ARG A 44 -3.46 0.64 -5.61
C ARG A 44 -2.59 0.75 -4.36
N LEU A 45 -1.38 0.22 -4.44
CA LEU A 45 -0.46 0.28 -3.31
C LEU A 45 0.22 1.64 -3.24
N ILE A 46 0.30 2.19 -2.04
CA ILE A 46 0.94 3.48 -1.82
C ILE A 46 1.69 3.49 -0.50
N PHE A 47 2.91 3.99 -0.53
CA PHE A 47 3.75 4.04 0.67
C PHE A 47 4.30 5.44 0.90
N ALA A 48 4.34 5.87 2.17
CA ALA A 48 4.85 7.21 2.48
C ALA A 48 5.47 7.27 3.88
N GLY A 49 6.70 7.74 3.94
CA GLY A 49 7.41 7.85 5.21
C GLY A 49 6.71 8.78 6.18
N LYS A 50 6.71 8.40 7.46
CA LYS A 50 6.07 9.19 8.50
C LYS A 50 6.82 10.48 8.75
N GLN A 51 6.67 11.43 7.84
CA GLN A 51 7.30 12.72 7.98
C GLN A 51 6.63 13.46 9.11
N LEU A 52 7.29 13.51 10.26
CA LEU A 52 6.76 14.16 11.46
C LEU A 52 6.17 15.53 11.12
N GLU A 53 4.94 15.51 10.63
CA GLU A 53 4.24 16.75 10.26
C GLU A 53 5.04 17.56 9.25
N GLY B 1 5.28 -7.54 -14.96
CA GLY B 1 4.23 -6.48 -14.91
C GLY B 1 3.07 -6.83 -14.00
N SER B 2 3.39 -7.30 -12.80
CA SER B 2 2.37 -7.69 -11.83
C SER B 2 1.48 -6.49 -11.48
N MET B 3 2.11 -5.44 -10.96
CA MET B 3 1.38 -4.23 -10.58
C MET B 3 2.32 -3.17 -10.00
N GLN B 4 2.58 -2.13 -10.78
CA GLN B 4 3.43 -1.04 -10.35
C GLN B 4 2.78 -0.27 -9.20
N ILE B 5 3.53 -0.10 -8.11
CA ILE B 5 3.02 0.60 -6.95
C ILE B 5 3.46 2.06 -6.92
N PHE B 6 2.52 2.94 -6.58
CA PHE B 6 2.81 4.37 -6.49
C PHE B 6 3.28 4.74 -5.08
N VAL B 7 4.43 5.39 -4.99
CA VAL B 7 4.96 5.78 -3.69
C VAL B 7 5.81 7.04 -3.79
N LYS B 8 5.56 7.99 -2.90
CA LYS B 8 6.29 9.26 -2.87
C LYS B 8 7.60 9.12 -2.11
N THR B 9 8.70 9.56 -2.72
CA THR B 9 10.00 9.49 -2.10
C THR B 9 10.17 10.60 -1.06
N LEU B 10 11.43 10.94 -0.76
CA LEU B 10 11.74 11.98 0.21
C LEU B 10 11.63 13.37 -0.41
N THR B 11 12.28 13.55 -1.56
CA THR B 11 12.26 14.84 -2.24
C THR B 11 10.89 15.12 -2.87
N GLY B 12 10.33 14.13 -3.54
CA GLY B 12 9.03 14.30 -4.17
C GLY B 12 8.81 13.33 -5.32
N LYS B 13 9.87 13.04 -6.06
CA LYS B 13 9.80 12.14 -7.21
C LYS B 13 9.06 10.85 -6.85
N THR B 14 8.09 10.48 -7.69
CA THR B 14 7.31 9.27 -7.47
C THR B 14 8.05 8.04 -7.99
N ILE B 15 8.06 6.98 -7.19
CA ILE B 15 8.73 5.74 -7.57
C ILE B 15 7.73 4.71 -8.06
N THR B 16 8.03 4.11 -9.21
CA THR B 16 7.18 3.08 -9.77
C THR B 16 7.85 1.73 -9.58
N LEU B 17 7.09 0.73 -9.13
CA LEU B 17 7.67 -0.58 -8.88
C LEU B 17 6.60 -1.68 -8.78
N GLU B 18 6.64 -2.60 -9.75
CA GLU B 18 5.69 -3.70 -9.80
C GLU B 18 6.06 -4.79 -8.80
N VAL B 19 5.04 -5.37 -8.15
CA VAL B 19 5.25 -6.42 -7.16
C VAL B 19 4.03 -7.33 -7.06
N GLU B 20 4.28 -8.64 -7.01
CA GLU B 20 3.21 -9.62 -6.92
C GLU B 20 2.39 -9.41 -5.65
N PRO B 21 1.05 -9.55 -5.74
CA PRO B 21 0.14 -9.39 -4.60
C PRO B 21 0.52 -10.31 -3.44
N SER B 22 0.89 -11.54 -3.78
CA SER B 22 1.26 -12.53 -2.79
C SER B 22 2.51 -12.11 -2.02
N ASP B 23 3.38 -11.34 -2.69
CA ASP B 23 4.61 -10.88 -2.06
C ASP B 23 4.30 -10.12 -0.78
N THR B 24 5.08 -10.39 0.27
CA THR B 24 4.88 -9.74 1.56
C THR B 24 5.17 -8.25 1.48
N ILE B 25 4.43 -7.47 2.26
CA ILE B 25 4.58 -6.02 2.30
C ILE B 25 6.03 -5.63 2.64
N GLU B 26 6.64 -6.37 3.55
CA GLU B 26 8.01 -6.10 3.97
C GLU B 26 8.96 -6.11 2.77
N ASN B 27 8.75 -7.05 1.85
CA ASN B 27 9.60 -7.18 0.68
C ASN B 27 9.43 -6.00 -0.29
N VAL B 28 8.19 -5.66 -0.62
CA VAL B 28 7.93 -4.55 -1.54
C VAL B 28 8.56 -3.26 -1.02
N LYS B 29 8.44 -3.02 0.28
CA LYS B 29 9.00 -1.82 0.89
C LYS B 29 10.53 -1.88 0.91
N ALA B 30 11.06 -3.07 1.16
CA ALA B 30 12.50 -3.28 1.22
C ALA B 30 13.19 -2.79 -0.06
N LYS B 31 12.57 -3.08 -1.21
CA LYS B 31 13.13 -2.67 -2.49
C LYS B 31 13.07 -1.17 -2.63
N ILE B 32 12.00 -0.57 -2.14
CA ILE B 32 11.85 0.87 -2.20
C ILE B 32 13.02 1.54 -1.49
N GLN B 33 13.51 0.89 -0.43
CA GLN B 33 14.66 1.39 0.31
C GLN B 33 15.83 1.45 -0.64
N ASP B 34 15.96 0.42 -1.46
CA ASP B 34 17.01 0.35 -2.45
C ASP B 34 16.78 1.42 -3.50
N LYS B 35 15.50 1.62 -3.81
CA LYS B 35 15.07 2.62 -4.77
C LYS B 35 15.09 4.02 -4.14
N GLU B 36 15.54 4.08 -2.90
CA GLU B 36 15.61 5.34 -2.17
C GLU B 36 16.43 5.16 -0.88
N GLY B 37 15.74 5.14 0.26
CA GLY B 37 16.44 4.96 1.53
C GLY B 37 15.57 5.30 2.73
N ILE B 38 14.36 4.73 2.76
CA ILE B 38 13.44 4.98 3.86
C ILE B 38 12.95 3.68 4.49
N PRO B 39 13.22 3.50 5.80
CA PRO B 39 12.80 2.32 6.55
C PRO B 39 11.40 1.82 6.16
N PRO B 40 11.19 0.49 6.19
CA PRO B 40 9.89 -0.11 5.84
C PRO B 40 8.74 0.41 6.72
N ASP B 41 9.03 0.61 8.00
CA ASP B 41 8.03 1.09 8.95
C ASP B 41 7.52 2.47 8.55
N GLN B 42 8.43 3.32 8.08
CA GLN B 42 8.06 4.67 7.67
C GLN B 42 7.03 4.66 6.55
N GLN B 43 7.25 3.80 5.56
CA GLN B 43 6.35 3.70 4.42
C GLN B 43 4.92 3.44 4.88
N ARG B 44 4.04 4.40 4.61
CA ARG B 44 2.64 4.30 4.99
C ARG B 44 1.81 3.57 3.94
N LEU B 45 1.13 2.50 4.36
CA LEU B 45 0.29 1.74 3.43
C LEU B 45 -0.98 2.51 3.08
N ILE B 46 -1.30 2.54 1.79
CA ILE B 46 -2.49 3.23 1.31
C ILE B 46 -3.11 2.46 0.16
N PHE B 47 -4.42 2.24 0.24
CA PHE B 47 -5.13 1.51 -0.81
C PHE B 47 -6.34 2.31 -1.31
N ALA B 48 -6.66 2.14 -2.58
CA ALA B 48 -7.78 2.86 -3.18
C ALA B 48 -8.30 2.13 -4.43
N GLY B 49 -9.62 1.96 -4.50
CA GLY B 49 -10.22 1.30 -5.64
C GLY B 49 -10.04 2.06 -6.94
N LYS B 50 -9.81 1.34 -8.03
CA LYS B 50 -9.61 1.97 -9.34
C LYS B 50 -10.89 2.59 -9.86
N GLN B 51 -11.27 3.73 -9.30
CA GLN B 51 -12.44 4.44 -9.75
C GLN B 51 -12.19 4.97 -11.15
N LEU B 52 -12.90 4.42 -12.13
CA LEU B 52 -12.74 4.82 -13.52
C LEU B 52 -12.89 6.33 -13.68
N GLU B 53 -11.82 7.05 -13.38
CA GLU B 53 -11.83 8.51 -13.48
C GLU B 53 -12.93 9.12 -12.63
N GLY A 1 -2.48 -4.48 17.79
CA GLY A 1 -2.58 -4.31 16.31
C GLY A 1 -1.23 -4.28 15.64
N SER A 2 -1.10 -5.00 14.53
CA SER A 2 0.16 -5.05 13.79
C SER A 2 0.50 -3.69 13.20
N MET A 3 -0.41 -3.15 12.40
CA MET A 3 -0.21 -1.85 11.77
C MET A 3 -1.45 -1.41 10.99
N GLN A 4 -2.05 -0.32 11.45
CA GLN A 4 -3.25 0.23 10.82
C GLN A 4 -2.88 0.90 9.48
N ILE A 5 -3.67 0.63 8.45
CA ILE A 5 -3.42 1.20 7.12
C ILE A 5 -4.56 2.09 6.65
N PHE A 6 -4.20 3.14 5.92
CA PHE A 6 -5.20 4.08 5.38
C PHE A 6 -5.65 3.60 4.01
N VAL A 7 -6.97 3.61 3.78
CA VAL A 7 -7.51 3.17 2.49
C VAL A 7 -8.74 3.98 2.09
N LYS A 8 -8.78 4.35 0.81
CA LYS A 8 -9.88 5.12 0.26
C LYS A 8 -10.96 4.19 -0.29
N THR A 9 -12.22 4.48 0.03
CA THR A 9 -13.33 3.66 -0.45
C THR A 9 -13.56 3.85 -1.94
N LEU A 10 -14.79 3.55 -2.38
CA LEU A 10 -15.15 3.68 -3.79
C LEU A 10 -15.12 5.14 -4.24
N THR A 11 -15.99 5.96 -3.67
CA THR A 11 -16.03 7.37 -4.02
C THR A 11 -14.90 8.16 -3.37
N GLY A 12 -14.67 7.89 -2.09
CA GLY A 12 -13.61 8.57 -1.37
C GLY A 12 -13.86 8.61 0.12
N LYS A 13 -13.10 7.83 0.88
CA LYS A 13 -13.25 7.78 2.33
C LYS A 13 -12.07 7.06 2.97
N THR A 14 -11.45 7.70 3.95
CA THR A 14 -10.31 7.11 4.65
C THR A 14 -10.78 6.01 5.59
N ILE A 15 -10.10 4.86 5.54
CA ILE A 15 -10.46 3.74 6.40
C ILE A 15 -9.22 3.11 7.04
N THR A 16 -9.32 2.82 8.32
CA THR A 16 -8.21 2.22 9.06
C THR A 16 -8.30 0.70 9.01
N LEU A 17 -7.14 0.05 8.95
CA LEU A 17 -7.09 -1.41 8.89
C LEU A 17 -5.73 -1.95 9.31
N GLU A 18 -5.69 -2.66 10.43
CA GLU A 18 -4.46 -3.25 10.93
C GLU A 18 -4.21 -4.62 10.28
N VAL A 19 -3.00 -4.83 9.81
CA VAL A 19 -2.63 -6.09 9.16
C VAL A 19 -1.15 -6.41 9.35
N GLU A 20 -0.84 -7.68 9.53
CA GLU A 20 0.55 -8.10 9.72
C GLU A 20 1.37 -7.90 8.45
N PRO A 21 2.61 -7.41 8.59
CA PRO A 21 3.50 -7.16 7.45
C PRO A 21 3.79 -8.45 6.70
N SER A 22 3.92 -9.54 7.44
CA SER A 22 4.19 -10.85 6.84
C SER A 22 3.03 -11.28 5.96
N ASP A 23 1.84 -10.80 6.27
CA ASP A 23 0.65 -11.13 5.50
C ASP A 23 0.82 -10.70 4.05
N THR A 24 0.47 -11.60 3.13
CA THR A 24 0.58 -11.32 1.71
C THR A 24 -0.32 -10.18 1.28
N ILE A 25 0.14 -9.39 0.31
CA ILE A 25 -0.63 -8.27 -0.20
C ILE A 25 -2.03 -8.69 -0.62
N GLU A 26 -2.13 -9.88 -1.21
CA GLU A 26 -3.42 -10.41 -1.66
C GLU A 26 -4.39 -10.56 -0.48
N ASN A 27 -3.86 -11.02 0.65
CA ASN A 27 -4.69 -11.21 1.84
C ASN A 27 -5.19 -9.89 2.41
N VAL A 28 -4.29 -8.92 2.58
CA VAL A 28 -4.66 -7.62 3.12
C VAL A 28 -5.69 -6.92 2.21
N LYS A 29 -5.46 -6.96 0.90
CA LYS A 29 -6.38 -6.34 -0.04
C LYS A 29 -7.74 -7.00 0.05
N ALA A 30 -7.74 -8.33 0.11
CA ALA A 30 -8.97 -9.10 0.20
C ALA A 30 -9.73 -8.72 1.47
N LYS A 31 -8.99 -8.32 2.49
CA LYS A 31 -9.58 -7.92 3.76
C LYS A 31 -10.42 -6.67 3.56
N ILE A 32 -9.89 -5.73 2.79
CA ILE A 32 -10.60 -4.49 2.51
C ILE A 32 -11.95 -4.81 1.88
N GLN A 33 -12.00 -5.91 1.12
CA GLN A 33 -13.23 -6.34 0.49
C GLN A 33 -14.26 -6.55 1.59
N ASP A 34 -13.82 -7.28 2.61
CA ASP A 34 -14.67 -7.55 3.76
C ASP A 34 -15.04 -6.22 4.42
N LYS A 35 -14.07 -5.31 4.41
CA LYS A 35 -14.24 -3.98 4.97
C LYS A 35 -15.24 -3.17 4.16
N GLU A 36 -15.40 -3.52 2.90
CA GLU A 36 -16.33 -2.82 2.01
C GLU A 36 -16.83 -3.74 0.89
N GLY A 37 -16.12 -3.76 -0.23
CA GLY A 37 -16.53 -4.60 -1.34
C GLY A 37 -15.85 -4.23 -2.65
N ILE A 38 -14.52 -4.32 -2.68
CA ILE A 38 -13.76 -3.97 -3.88
C ILE A 38 -12.61 -4.95 -4.10
N PRO A 39 -12.64 -5.68 -5.23
CA PRO A 39 -11.60 -6.65 -5.59
C PRO A 39 -10.19 -6.16 -5.25
N PRO A 40 -9.29 -7.08 -4.85
CA PRO A 40 -7.91 -6.76 -4.49
C PRO A 40 -7.15 -6.11 -5.64
N ASP A 41 -7.43 -6.55 -6.86
CA ASP A 41 -6.77 -6.01 -8.04
C ASP A 41 -7.03 -4.52 -8.19
N GLN A 42 -8.25 -4.11 -7.88
CA GLN A 42 -8.64 -2.71 -7.99
C GLN A 42 -7.85 -1.85 -7.01
N GLN A 43 -7.65 -2.36 -5.81
CA GLN A 43 -6.91 -1.64 -4.77
C GLN A 43 -5.56 -1.16 -5.28
N ARG A 44 -5.29 0.13 -5.13
CA ARG A 44 -4.03 0.70 -5.58
C ARG A 44 -3.02 0.77 -4.45
N LEU A 45 -1.85 0.18 -4.67
CA LEU A 45 -0.80 0.19 -3.65
C LEU A 45 -0.07 1.53 -3.62
N ILE A 46 0.08 2.07 -2.42
CA ILE A 46 0.76 3.34 -2.24
C ILE A 46 1.59 3.34 -0.96
N PHE A 47 2.84 3.78 -1.08
CA PHE A 47 3.74 3.81 0.07
C PHE A 47 4.34 5.21 0.24
N ALA A 48 4.60 5.60 1.49
CA ALA A 48 5.17 6.92 1.76
C ALA A 48 5.90 6.95 3.10
N GLY A 49 7.15 7.43 3.06
CA GLY A 49 7.95 7.51 4.27
C GLY A 49 7.44 8.55 5.25
N LYS A 50 8.36 9.30 5.84
CA LYS A 50 7.99 10.34 6.81
C LYS A 50 7.92 11.70 6.17
N GLN A 51 6.85 11.93 5.42
CA GLN A 51 6.64 13.21 4.79
C GLN A 51 6.34 14.25 5.86
N LEU A 52 7.32 15.07 6.17
CA LEU A 52 7.20 16.09 7.20
C LEU A 52 5.88 16.85 7.09
N GLU A 53 4.81 16.25 7.60
CA GLU A 53 3.49 16.85 7.57
C GLU A 53 3.47 18.16 8.34
N GLY B 1 6.23 -7.66 -15.69
CA GLY B 1 6.08 -7.01 -14.36
C GLY B 1 4.81 -7.44 -13.65
N SER B 2 4.93 -7.76 -12.35
CA SER B 2 3.79 -8.19 -11.57
C SER B 2 2.77 -7.07 -11.43
N MET B 3 3.21 -5.93 -10.91
CA MET B 3 2.32 -4.78 -10.73
C MET B 3 3.04 -3.58 -10.11
N GLN B 4 3.27 -2.55 -10.91
CA GLN B 4 3.92 -1.34 -10.45
C GLN B 4 3.09 -0.66 -9.35
N ILE B 5 3.78 -0.06 -8.40
CA ILE B 5 3.11 0.62 -7.30
C ILE B 5 3.52 2.09 -7.23
N PHE B 6 2.57 2.95 -6.88
CA PHE B 6 2.85 4.37 -6.76
C PHE B 6 3.34 4.68 -5.35
N VAL B 7 4.44 5.41 -5.26
CA VAL B 7 5.02 5.74 -3.96
C VAL B 7 5.58 7.16 -3.94
N LYS B 8 5.48 7.80 -2.78
CA LYS B 8 5.99 9.16 -2.62
C LYS B 8 7.32 9.14 -1.88
N THR B 9 8.31 9.86 -2.40
CA THR B 9 9.63 9.91 -1.79
C THR B 9 9.60 10.65 -0.46
N LEU B 10 10.75 11.17 -0.05
CA LEU B 10 10.86 11.90 1.21
C LEU B 10 10.03 13.19 1.18
N THR B 11 10.43 14.11 0.30
CA THR B 11 9.72 15.38 0.17
C THR B 11 8.43 15.22 -0.61
N GLY B 12 8.51 14.49 -1.72
CA GLY B 12 7.34 14.25 -2.55
C GLY B 12 7.71 13.96 -3.99
N LYS B 13 7.52 12.71 -4.40
CA LYS B 13 7.83 12.31 -5.77
C LYS B 13 7.24 10.93 -6.07
N THR B 14 6.52 10.83 -7.18
CA THR B 14 5.91 9.57 -7.58
C THR B 14 6.97 8.60 -8.10
N ILE B 15 6.91 7.36 -7.66
CA ILE B 15 7.86 6.34 -8.08
C ILE B 15 7.17 5.01 -8.37
N THR B 16 7.34 4.52 -9.58
CA THR B 16 6.74 3.26 -10.00
C THR B 16 7.58 2.09 -9.49
N LEU B 17 6.91 0.99 -9.14
CA LEU B 17 7.62 -0.18 -8.63
C LEU B 17 6.73 -1.42 -8.70
N GLU B 18 7.11 -2.37 -9.56
CA GLU B 18 6.38 -3.61 -9.72
C GLU B 18 6.78 -4.63 -8.65
N VAL B 19 5.80 -5.37 -8.14
CA VAL B 19 6.05 -6.38 -7.11
C VAL B 19 4.96 -7.44 -7.09
N GLU B 20 5.34 -8.68 -6.78
CA GLU B 20 4.40 -9.78 -6.72
C GLU B 20 3.48 -9.65 -5.51
N PRO B 21 2.16 -9.84 -5.71
CA PRO B 21 1.18 -9.75 -4.63
C PRO B 21 1.49 -10.71 -3.48
N SER B 22 1.97 -11.89 -3.82
CA SER B 22 2.32 -12.90 -2.83
C SER B 22 3.45 -12.41 -1.95
N ASP B 23 4.27 -11.51 -2.49
CA ASP B 23 5.40 -10.97 -1.75
C ASP B 23 4.92 -10.23 -0.50
N THR B 24 5.56 -10.54 0.63
CA THR B 24 5.20 -9.92 1.91
C THR B 24 5.38 -8.42 1.87
N ILE B 25 4.53 -7.71 2.60
CA ILE B 25 4.58 -6.25 2.66
C ILE B 25 5.95 -5.77 3.10
N GLU B 26 6.56 -6.50 4.04
CA GLU B 26 7.88 -6.14 4.53
C GLU B 26 8.93 -6.15 3.42
N ASN B 27 8.86 -7.15 2.56
CA ASN B 27 9.80 -7.28 1.45
C ASN B 27 9.59 -6.17 0.42
N VAL B 28 8.33 -5.93 0.05
CA VAL B 28 8.00 -4.91 -0.93
C VAL B 28 8.43 -3.52 -0.45
N LYS B 29 8.20 -3.23 0.83
CA LYS B 29 8.58 -1.95 1.40
C LYS B 29 10.10 -1.80 1.41
N ALA B 30 10.77 -2.86 1.84
CA ALA B 30 12.23 -2.87 1.89
C ALA B 30 12.82 -2.58 0.52
N LYS B 31 12.06 -2.94 -0.52
CA LYS B 31 12.48 -2.71 -1.89
C LYS B 31 12.59 -1.22 -2.17
N ILE B 32 11.60 -0.48 -1.70
CA ILE B 32 11.59 0.96 -1.87
C ILE B 32 12.83 1.57 -1.25
N GLN B 33 13.35 0.93 -0.20
CA GLN B 33 14.57 1.39 0.45
C GLN B 33 15.67 1.39 -0.59
N ASP B 34 15.76 0.28 -1.31
CA ASP B 34 16.73 0.14 -2.37
C ASP B 34 16.46 1.19 -3.44
N LYS B 35 15.16 1.44 -3.66
CA LYS B 35 14.71 2.42 -4.62
C LYS B 35 15.09 3.83 -4.18
N GLU B 36 15.27 4.02 -2.88
CA GLU B 36 15.64 5.32 -2.33
C GLU B 36 16.43 5.17 -1.05
N GLY B 37 15.72 5.08 0.08
CA GLY B 37 16.40 4.94 1.36
C GLY B 37 15.51 5.28 2.55
N ILE B 38 14.38 4.60 2.67
CA ILE B 38 13.46 4.84 3.77
C ILE B 38 12.95 3.55 4.40
N PRO B 39 13.12 3.41 5.73
CA PRO B 39 12.68 2.23 6.46
C PRO B 39 11.28 1.78 6.06
N PRO B 40 11.02 0.46 6.05
CA PRO B 40 9.71 -0.09 5.69
C PRO B 40 8.60 0.41 6.60
N ASP B 41 8.93 0.60 7.88
CA ASP B 41 7.96 1.07 8.86
C ASP B 41 7.46 2.46 8.51
N GLN B 42 8.36 3.30 8.01
CA GLN B 42 8.01 4.66 7.65
C GLN B 42 7.01 4.68 6.50
N GLN B 43 7.16 3.75 5.56
CA GLN B 43 6.28 3.65 4.41
C GLN B 43 4.82 3.54 4.85
N ARG B 44 3.97 4.39 4.28
CA ARG B 44 2.55 4.39 4.60
C ARG B 44 1.75 3.60 3.59
N LEU B 45 0.99 2.60 4.07
CA LEU B 45 0.17 1.79 3.19
C LEU B 45 -1.11 2.50 2.81
N ILE B 46 -1.43 2.49 1.52
CA ILE B 46 -2.64 3.12 1.01
C ILE B 46 -3.23 2.30 -0.12
N PHE B 47 -4.53 2.05 -0.05
CA PHE B 47 -5.22 1.26 -1.07
C PHE B 47 -6.41 2.02 -1.63
N ALA B 48 -6.67 1.86 -2.93
CA ALA B 48 -7.79 2.56 -3.57
C ALA B 48 -8.30 1.79 -4.78
N GLY B 49 -9.61 1.59 -4.83
CA GLY B 49 -10.22 0.88 -5.94
C GLY B 49 -10.17 1.65 -7.23
N LYS B 50 -11.26 1.62 -7.99
CA LYS B 50 -11.34 2.32 -9.27
C LYS B 50 -12.03 3.65 -9.13
N GLN B 51 -11.33 4.62 -8.56
CA GLN B 51 -11.87 5.96 -8.41
C GLN B 51 -12.01 6.59 -9.79
N LEU B 52 -13.26 6.80 -10.20
CA LEU B 52 -13.53 7.38 -11.52
C LEU B 52 -12.75 8.68 -11.74
N GLU B 53 -11.48 8.53 -12.10
CA GLU B 53 -10.61 9.68 -12.34
C GLU B 53 -11.16 10.54 -13.48
N GLY A 1 -0.69 -6.20 17.49
CA GLY A 1 -0.49 -4.77 17.12
C GLY A 1 -0.21 -4.60 15.64
N SER A 2 -1.02 -5.24 14.81
CA SER A 2 -0.86 -5.15 13.35
C SER A 2 -0.97 -3.70 12.90
N MET A 3 -0.14 -3.33 11.92
CA MET A 3 -0.14 -1.98 11.39
C MET A 3 -1.38 -1.73 10.54
N GLN A 4 -2.22 -0.80 10.98
CA GLN A 4 -3.43 -0.47 10.25
C GLN A 4 -3.11 0.28 8.97
N ILE A 5 -3.58 -0.27 7.85
CA ILE A 5 -3.35 0.32 6.54
C ILE A 5 -4.41 1.35 6.20
N PHE A 6 -4.01 2.41 5.51
CA PHE A 6 -4.94 3.46 5.11
C PHE A 6 -5.54 3.12 3.75
N VAL A 7 -6.85 3.31 3.64
CA VAL A 7 -7.55 3.00 2.39
C VAL A 7 -8.75 3.93 2.19
N LYS A 8 -8.86 4.49 0.99
CA LYS A 8 -9.96 5.38 0.67
C LYS A 8 -11.07 4.64 -0.06
N THR A 9 -12.29 4.74 0.46
CA THR A 9 -13.43 4.08 -0.15
C THR A 9 -13.75 4.71 -1.50
N LEU A 10 -14.30 3.90 -2.40
CA LEU A 10 -14.67 4.37 -3.73
C LEU A 10 -15.39 5.72 -3.66
N THR A 11 -16.33 5.82 -2.72
CA THR A 11 -17.10 7.05 -2.54
C THR A 11 -16.27 8.12 -1.84
N GLY A 12 -15.56 7.73 -0.78
CA GLY A 12 -14.74 8.69 -0.04
C GLY A 12 -14.48 8.26 1.39
N LYS A 13 -15.42 7.53 1.96
CA LYS A 13 -15.30 7.06 3.34
C LYS A 13 -13.90 6.51 3.64
N THR A 14 -13.32 6.96 4.74
CA THR A 14 -11.98 6.51 5.13
C THR A 14 -12.02 5.08 5.68
N ILE A 15 -11.00 4.30 5.35
CA ILE A 15 -10.93 2.91 5.81
C ILE A 15 -9.59 2.62 6.47
N THR A 16 -9.63 1.88 7.56
CA THR A 16 -8.42 1.51 8.29
C THR A 16 -8.46 0.02 8.62
N LEU A 17 -7.31 -0.64 8.56
CA LEU A 17 -7.27 -2.08 8.81
C LEU A 17 -5.89 -2.56 9.24
N GLU A 18 -5.78 -3.04 10.49
CA GLU A 18 -4.52 -3.55 11.01
C GLU A 18 -4.16 -4.87 10.35
N VAL A 19 -2.92 -4.97 9.86
CA VAL A 19 -2.45 -6.19 9.20
C VAL A 19 -0.93 -6.32 9.35
N GLU A 20 -0.47 -7.54 9.61
CA GLU A 20 0.96 -7.80 9.78
C GLU A 20 1.70 -7.65 8.46
N PRO A 21 2.91 -7.06 8.50
CA PRO A 21 3.74 -6.87 7.31
C PRO A 21 3.96 -8.15 6.54
N SER A 22 4.09 -9.25 7.27
CA SER A 22 4.32 -10.55 6.68
C SER A 22 3.12 -10.99 5.83
N ASP A 23 1.94 -10.56 6.24
CA ASP A 23 0.72 -10.91 5.50
C ASP A 23 0.82 -10.47 4.05
N THR A 24 0.47 -11.37 3.14
CA THR A 24 0.52 -11.09 1.71
C THR A 24 -0.38 -9.92 1.34
N ILE A 25 0.05 -9.17 0.32
CA ILE A 25 -0.71 -8.00 -0.15
C ILE A 25 -2.14 -8.41 -0.50
N GLU A 26 -2.29 -9.60 -1.05
CA GLU A 26 -3.61 -10.10 -1.43
C GLU A 26 -4.47 -10.39 -0.21
N ASN A 27 -3.81 -10.78 0.88
CA ASN A 27 -4.51 -11.09 2.13
C ASN A 27 -5.09 -9.83 2.77
N VAL A 28 -4.28 -8.79 2.86
CA VAL A 28 -4.70 -7.53 3.45
C VAL A 28 -5.89 -6.94 2.67
N LYS A 29 -5.84 -7.06 1.35
CA LYS A 29 -6.90 -6.56 0.49
C LYS A 29 -8.19 -7.34 0.69
N ALA A 30 -8.06 -8.65 0.87
CA ALA A 30 -9.21 -9.53 1.06
C ALA A 30 -10.14 -8.99 2.15
N LYS A 31 -9.55 -8.43 3.20
CA LYS A 31 -10.33 -7.87 4.30
C LYS A 31 -11.07 -6.63 3.81
N ILE A 32 -10.37 -5.83 3.01
CA ILE A 32 -10.95 -4.62 2.46
C ILE A 32 -12.24 -4.93 1.71
N GLN A 33 -12.26 -6.08 1.03
CA GLN A 33 -13.44 -6.52 0.29
C GLN A 33 -14.59 -6.74 1.26
N ASP A 34 -14.27 -7.40 2.36
CA ASP A 34 -15.26 -7.68 3.39
C ASP A 34 -15.69 -6.37 4.05
N LYS A 35 -14.73 -5.45 4.13
CA LYS A 35 -14.96 -4.15 4.73
C LYS A 35 -15.84 -3.25 3.86
N GLU A 36 -15.75 -3.42 2.55
CA GLU A 36 -16.54 -2.61 1.63
C GLU A 36 -17.17 -3.46 0.53
N GLY A 37 -16.33 -4.13 -0.27
CA GLY A 37 -16.84 -4.96 -1.34
C GLY A 37 -16.29 -4.58 -2.70
N ILE A 38 -14.98 -4.59 -2.84
CA ILE A 38 -14.33 -4.24 -4.10
C ILE A 38 -13.07 -5.06 -4.32
N PRO A 39 -12.94 -5.66 -5.53
CA PRO A 39 -11.78 -6.48 -5.88
C PRO A 39 -10.45 -5.91 -5.39
N PRO A 40 -9.55 -6.79 -4.90
CA PRO A 40 -8.24 -6.37 -4.38
C PRO A 40 -7.38 -5.69 -5.45
N ASP A 41 -7.50 -6.15 -6.68
CA ASP A 41 -6.73 -5.58 -7.79
C ASP A 41 -7.02 -4.10 -7.94
N GLN A 42 -8.28 -3.73 -7.71
CA GLN A 42 -8.69 -2.33 -7.83
C GLN A 42 -7.92 -1.43 -6.88
N GLN A 43 -7.78 -1.87 -5.64
CA GLN A 43 -7.06 -1.09 -4.62
C GLN A 43 -5.66 -0.74 -5.12
N ARG A 44 -5.34 0.55 -5.12
CA ARG A 44 -4.04 1.02 -5.58
C ARG A 44 -3.06 1.11 -4.42
N LEU A 45 -1.93 0.41 -4.55
CA LEU A 45 -0.90 0.43 -3.52
C LEU A 45 -0.14 1.76 -3.52
N ILE A 46 0.02 2.34 -2.34
CA ILE A 46 0.71 3.61 -2.20
C ILE A 46 1.52 3.65 -0.90
N PHE A 47 2.77 4.11 -1.00
CA PHE A 47 3.65 4.19 0.15
C PHE A 47 4.26 5.58 0.29
N ALA A 48 4.45 6.04 1.53
CA ALA A 48 5.02 7.36 1.77
C ALA A 48 5.75 7.42 3.10
N GLY A 49 6.97 7.91 3.08
CA GLY A 49 7.77 8.01 4.30
C GLY A 49 7.09 8.84 5.37
N LYS A 50 7.18 8.37 6.61
CA LYS A 50 6.57 9.06 7.74
C LYS A 50 7.31 10.34 8.08
N GLN A 51 7.12 11.35 7.24
CA GLN A 51 7.75 12.64 7.48
C GLN A 51 7.16 13.24 8.74
N LEU A 52 7.90 13.11 9.84
CA LEU A 52 7.45 13.60 11.14
C LEU A 52 6.87 15.01 11.04
N GLU A 53 5.61 15.08 10.63
CA GLU A 53 4.92 16.36 10.48
C GLU A 53 5.68 17.28 9.53
N GLY B 1 5.21 -10.06 -14.75
CA GLY B 1 4.26 -8.92 -14.84
C GLY B 1 3.80 -8.44 -13.47
N SER B 2 4.75 -8.30 -12.55
CA SER B 2 4.45 -7.85 -11.19
C SER B 2 3.78 -6.47 -11.22
N MET B 3 2.83 -6.27 -10.31
CA MET B 3 2.11 -5.00 -10.22
C MET B 3 2.98 -3.92 -9.58
N GLN B 4 3.33 -2.91 -10.37
CA GLN B 4 4.15 -1.82 -9.88
C GLN B 4 3.37 -0.95 -8.89
N ILE B 5 3.93 -0.80 -7.69
CA ILE B 5 3.28 -0.01 -6.65
C ILE B 5 3.67 1.46 -6.73
N PHE B 6 2.72 2.32 -6.37
CA PHE B 6 2.96 3.76 -6.39
C PHE B 6 3.53 4.21 -5.05
N VAL B 7 4.55 5.07 -5.09
CA VAL B 7 5.18 5.56 -3.87
C VAL B 7 5.72 6.97 -4.06
N LYS B 8 5.52 7.81 -3.06
CA LYS B 8 6.00 9.20 -3.11
C LYS B 8 7.25 9.36 -2.25
N THR B 9 8.30 9.88 -2.86
CA THR B 9 9.55 10.12 -2.15
C THR B 9 9.38 11.21 -1.11
N LEU B 10 10.17 11.14 -0.04
CA LEU B 10 10.09 12.12 1.04
C LEU B 10 10.07 13.53 0.47
N THR B 11 10.91 13.78 -0.53
CA THR B 11 10.98 15.09 -1.16
C THR B 11 9.80 15.33 -2.09
N GLY B 12 9.47 14.33 -2.90
CA GLY B 12 8.36 14.46 -3.84
C GLY B 12 8.48 13.54 -5.04
N LYS B 13 9.71 13.25 -5.44
CA LYS B 13 9.98 12.39 -6.59
C LYS B 13 9.11 11.14 -6.58
N THR B 14 8.53 10.83 -7.73
CA THR B 14 7.68 9.65 -7.87
C THR B 14 8.51 8.38 -8.02
N ILE B 15 8.03 7.29 -7.45
CA ILE B 15 8.73 6.01 -7.53
C ILE B 15 7.75 4.86 -7.66
N THR B 16 8.06 3.94 -8.58
CA THR B 16 7.21 2.79 -8.85
C THR B 16 8.05 1.53 -9.08
N LEU B 17 7.56 0.40 -8.57
CA LEU B 17 8.26 -0.88 -8.73
C LEU B 17 7.29 -2.04 -8.74
N GLU B 18 7.44 -2.91 -9.74
CA GLU B 18 6.59 -4.08 -9.87
C GLU B 18 6.89 -5.10 -8.77
N VAL B 19 5.83 -5.60 -8.14
CA VAL B 19 5.96 -6.58 -7.07
C VAL B 19 4.74 -7.49 -7.03
N GLU B 20 4.97 -8.78 -6.86
CA GLU B 20 3.90 -9.76 -6.81
C GLU B 20 3.06 -9.61 -5.53
N PRO B 21 1.73 -9.72 -5.65
CA PRO B 21 0.81 -9.60 -4.51
C PRO B 21 1.20 -10.52 -3.36
N SER B 22 1.70 -11.70 -3.71
CA SER B 22 2.11 -12.69 -2.73
C SER B 22 3.26 -12.19 -1.89
N ASP B 23 4.13 -11.38 -2.50
CA ASP B 23 5.28 -10.82 -1.80
C ASP B 23 4.84 -10.06 -0.56
N THR B 24 5.51 -10.34 0.56
CA THR B 24 5.20 -9.69 1.83
C THR B 24 5.34 -8.18 1.75
N ILE B 25 4.52 -7.47 2.52
CA ILE B 25 4.55 -6.02 2.54
C ILE B 25 5.96 -5.51 2.86
N GLU B 26 6.66 -6.23 3.73
CA GLU B 26 8.01 -5.86 4.12
C GLU B 26 8.97 -6.04 2.94
N ASN B 27 8.67 -7.00 2.07
CA ASN B 27 9.49 -7.28 0.90
C ASN B 27 9.47 -6.12 -0.07
N VAL B 28 8.26 -5.70 -0.44
CA VAL B 28 8.09 -4.60 -1.38
C VAL B 28 8.77 -3.33 -0.88
N LYS B 29 8.66 -3.08 0.42
CA LYS B 29 9.27 -1.90 1.03
C LYS B 29 10.79 -1.98 0.97
N ALA B 30 11.32 -3.18 1.17
CA ALA B 30 12.77 -3.40 1.16
C ALA B 30 13.41 -2.81 -0.10
N LYS B 31 12.73 -2.97 -1.23
CA LYS B 31 13.23 -2.44 -2.49
C LYS B 31 13.17 -0.92 -2.47
N ILE B 32 12.09 -0.40 -1.90
CA ILE B 32 11.90 1.03 -1.78
C ILE B 32 13.10 1.66 -1.07
N GLN B 33 13.65 0.94 -0.10
CA GLN B 33 14.82 1.41 0.63
C GLN B 33 16.00 1.53 -0.32
N ASP B 34 16.16 0.51 -1.15
CA ASP B 34 17.23 0.48 -2.13
C ASP B 34 16.99 1.55 -3.18
N LYS B 35 15.71 1.80 -3.45
CA LYS B 35 15.29 2.78 -4.43
C LYS B 35 15.55 4.21 -3.96
N GLU B 36 15.47 4.44 -2.65
CA GLU B 36 15.70 5.78 -2.11
C GLU B 36 16.53 5.73 -0.83
N GLY B 37 16.06 4.96 0.15
CA GLY B 37 16.79 4.86 1.41
C GLY B 37 15.95 5.30 2.60
N ILE B 38 14.78 4.69 2.75
CA ILE B 38 13.89 5.03 3.85
C ILE B 38 13.32 3.77 4.50
N PRO B 39 13.30 3.72 5.85
CA PRO B 39 12.77 2.57 6.59
C PRO B 39 11.39 2.16 6.09
N PRO B 40 11.14 0.85 5.96
CA PRO B 40 9.85 0.32 5.49
C PRO B 40 8.68 0.77 6.35
N ASP B 41 8.92 0.89 7.66
CA ASP B 41 7.89 1.31 8.59
C ASP B 41 7.39 2.70 8.26
N GLN B 42 8.29 3.57 7.81
CA GLN B 42 7.92 4.94 7.48
C GLN B 42 6.91 5.00 6.34
N GLN B 43 7.14 4.20 5.30
CA GLN B 43 6.23 4.17 4.16
C GLN B 43 4.80 3.90 4.61
N ARG B 44 3.87 4.77 4.21
CA ARG B 44 2.48 4.64 4.59
C ARG B 44 1.68 3.87 3.55
N LEU B 45 1.04 2.78 3.98
CA LEU B 45 0.23 1.97 3.07
C LEU B 45 -1.08 2.66 2.73
N ILE B 46 -1.41 2.69 1.44
CA ILE B 46 -2.64 3.32 0.98
C ILE B 46 -3.25 2.53 -0.18
N PHE B 47 -4.55 2.30 -0.12
CA PHE B 47 -5.26 1.56 -1.16
C PHE B 47 -6.47 2.34 -1.65
N ALA B 48 -6.76 2.24 -2.94
CA ALA B 48 -7.90 2.93 -3.53
C ALA B 48 -8.43 2.21 -4.75
N GLY B 49 -9.75 2.03 -4.80
CA GLY B 49 -10.38 1.35 -5.92
C GLY B 49 -10.08 2.02 -7.24
N LYS B 50 -9.76 1.21 -8.25
CA LYS B 50 -9.44 1.72 -9.58
C LYS B 50 -10.68 2.25 -10.28
N GLN B 51 -11.14 3.41 -9.84
CA GLN B 51 -12.30 4.03 -10.46
C GLN B 51 -11.96 4.39 -11.89
N LEU B 52 -12.59 3.70 -12.84
CA LEU B 52 -12.33 3.93 -14.26
C LEU B 52 -12.50 5.40 -14.63
N GLU B 53 -11.47 6.19 -14.34
CA GLU B 53 -11.49 7.62 -14.63
C GLU B 53 -12.66 8.31 -13.94
N GLY A 1 -0.23 -6.71 18.09
CA GLY A 1 -1.17 -5.97 17.19
C GLY A 1 -0.76 -6.05 15.74
N SER A 2 -0.83 -4.91 15.05
CA SER A 2 -0.48 -4.85 13.63
C SER A 2 -0.27 -3.39 13.20
N MET A 3 -0.96 -2.98 12.14
CA MET A 3 -0.85 -1.62 11.64
C MET A 3 -2.06 -1.26 10.77
N GLN A 4 -2.81 -0.26 11.21
CA GLN A 4 -4.00 0.19 10.48
C GLN A 4 -3.61 0.71 9.10
N ILE A 5 -4.30 0.22 8.09
CA ILE A 5 -4.05 0.63 6.71
C ILE A 5 -5.04 1.72 6.26
N PHE A 6 -4.51 2.75 5.61
CA PHE A 6 -5.36 3.84 5.12
C PHE A 6 -5.84 3.51 3.72
N VAL A 7 -7.16 3.54 3.53
CA VAL A 7 -7.74 3.21 2.23
C VAL A 7 -9.01 4.01 1.96
N LYS A 8 -9.11 4.55 0.75
CA LYS A 8 -10.31 5.30 0.37
C LYS A 8 -11.29 4.37 -0.33
N THR A 9 -12.47 4.22 0.24
CA THR A 9 -13.48 3.35 -0.33
C THR A 9 -13.97 3.86 -1.68
N LEU A 10 -15.15 3.40 -2.10
CA LEU A 10 -15.73 3.81 -3.36
C LEU A 10 -16.44 5.16 -3.23
N THR A 11 -17.24 5.30 -2.18
CA THR A 11 -17.97 6.54 -1.95
C THR A 11 -17.05 7.64 -1.46
N GLY A 12 -16.19 7.30 -0.49
CA GLY A 12 -15.26 8.29 0.05
C GLY A 12 -14.77 7.92 1.43
N LYS A 13 -15.64 7.32 2.24
CA LYS A 13 -15.30 6.94 3.60
C LYS A 13 -13.97 6.19 3.65
N THR A 14 -13.12 6.59 4.60
CA THR A 14 -11.81 5.96 4.76
C THR A 14 -11.91 4.71 5.64
N ILE A 15 -11.29 3.63 5.19
CA ILE A 15 -11.30 2.38 5.93
C ILE A 15 -10.02 2.16 6.71
N THR A 16 -10.17 1.76 7.96
CA THR A 16 -9.03 1.48 8.82
C THR A 16 -8.94 -0.02 9.03
N LEU A 17 -7.74 -0.58 8.90
CA LEU A 17 -7.58 -2.02 9.06
C LEU A 17 -6.13 -2.40 9.36
N GLU A 18 -5.91 -2.95 10.56
CA GLU A 18 -4.58 -3.37 10.99
C GLU A 18 -4.21 -4.72 10.39
N VAL A 19 -2.97 -4.83 9.93
CA VAL A 19 -2.47 -6.07 9.34
C VAL A 19 -0.96 -6.18 9.48
N GLU A 20 -0.48 -7.35 9.87
CA GLU A 20 0.94 -7.60 10.04
C GLU A 20 1.71 -7.32 8.75
N PRO A 21 2.91 -6.72 8.86
CA PRO A 21 3.76 -6.40 7.70
C PRO A 21 4.06 -7.63 6.86
N SER A 22 4.32 -8.74 7.55
CA SER A 22 4.64 -9.99 6.88
C SER A 22 3.46 -10.50 6.05
N ASP A 23 2.25 -10.14 6.47
CA ASP A 23 1.04 -10.56 5.76
C ASP A 23 1.13 -10.17 4.29
N THR A 24 0.81 -11.12 3.41
CA THR A 24 0.86 -10.90 1.97
C THR A 24 -0.12 -9.82 1.53
N ILE A 25 0.29 -9.03 0.53
CA ILE A 25 -0.55 -7.96 0.00
C ILE A 25 -1.91 -8.48 -0.45
N GLU A 26 -1.93 -9.69 -1.00
CA GLU A 26 -3.16 -10.30 -1.47
C GLU A 26 -4.14 -10.53 -0.32
N ASN A 27 -3.62 -10.86 0.85
CA ASN A 27 -4.46 -11.12 2.01
C ASN A 27 -5.03 -9.82 2.59
N VAL A 28 -4.18 -8.82 2.77
CA VAL A 28 -4.63 -7.55 3.31
C VAL A 28 -5.73 -6.94 2.45
N LYS A 29 -5.56 -6.98 1.13
CA LYS A 29 -6.55 -6.44 0.22
C LYS A 29 -7.85 -7.25 0.32
N ALA A 30 -7.70 -8.56 0.46
CA ALA A 30 -8.85 -9.45 0.57
C ALA A 30 -9.78 -9.02 1.70
N LYS A 31 -9.20 -8.56 2.80
CA LYS A 31 -9.97 -8.10 3.95
C LYS A 31 -10.77 -6.86 3.58
N ILE A 32 -10.14 -5.98 2.81
CA ILE A 32 -10.80 -4.75 2.38
C ILE A 32 -12.08 -5.10 1.65
N GLN A 33 -12.07 -6.20 0.90
CA GLN A 33 -13.24 -6.65 0.18
C GLN A 33 -14.35 -6.91 1.19
N ASP A 34 -13.97 -7.58 2.27
CA ASP A 34 -14.91 -7.88 3.34
C ASP A 34 -15.31 -6.57 4.02
N LYS A 35 -14.36 -5.65 4.07
CA LYS A 35 -14.57 -4.33 4.68
C LYS A 35 -15.58 -3.52 3.86
N GLU A 36 -15.69 -3.85 2.58
CA GLU A 36 -16.63 -3.14 1.70
C GLU A 36 -17.12 -4.07 0.59
N GLY A 37 -16.31 -4.25 -0.45
CA GLY A 37 -16.70 -5.12 -1.55
C GLY A 37 -16.12 -4.70 -2.88
N ILE A 38 -14.80 -4.63 -2.95
CA ILE A 38 -14.12 -4.23 -4.18
C ILE A 38 -12.84 -5.05 -4.40
N PRO A 39 -12.69 -5.63 -5.61
CA PRO A 39 -11.52 -6.44 -5.97
C PRO A 39 -10.21 -5.85 -5.47
N PRO A 40 -9.27 -6.71 -5.03
CA PRO A 40 -7.95 -6.28 -4.53
C PRO A 40 -7.13 -5.55 -5.59
N ASP A 41 -7.24 -6.01 -6.83
CA ASP A 41 -6.50 -5.40 -7.93
C ASP A 41 -6.85 -3.93 -8.08
N GLN A 42 -8.10 -3.60 -7.82
CA GLN A 42 -8.57 -2.22 -7.92
C GLN A 42 -7.83 -1.30 -6.96
N GLN A 43 -7.66 -1.76 -5.72
CA GLN A 43 -6.96 -0.97 -4.71
C GLN A 43 -5.57 -0.57 -5.19
N ARG A 44 -5.30 0.73 -5.16
CA ARG A 44 -4.01 1.24 -5.60
C ARG A 44 -3.00 1.28 -4.46
N LEU A 45 -1.84 0.68 -4.67
CA LEU A 45 -0.79 0.66 -3.66
C LEU A 45 -0.10 2.01 -3.58
N ILE A 46 0.02 2.54 -2.37
CA ILE A 46 0.68 3.83 -2.17
C ILE A 46 1.47 3.83 -0.86
N PHE A 47 2.72 4.30 -0.95
CA PHE A 47 3.60 4.36 0.21
C PHE A 47 4.17 5.77 0.37
N ALA A 48 4.37 6.20 1.62
CA ALA A 48 4.91 7.52 1.89
C ALA A 48 5.71 7.54 3.19
N GLY A 49 6.96 7.99 3.11
CA GLY A 49 7.82 8.05 4.28
C GLY A 49 7.36 9.08 5.30
N LYS A 50 8.32 9.79 5.88
CA LYS A 50 8.04 10.81 6.88
C LYS A 50 7.37 12.03 6.26
N GLN A 51 6.09 11.88 5.93
CA GLN A 51 5.33 12.99 5.37
C GLN A 51 5.22 14.07 6.43
N LEU A 52 6.07 15.09 6.31
CA LEU A 52 6.10 16.20 7.26
C LEU A 52 4.70 16.70 7.60
N GLU A 53 4.03 15.98 8.49
CA GLU A 53 2.68 16.34 8.91
C GLU A 53 1.73 16.36 7.72
N GLY B 1 5.04 -10.87 -15.13
CA GLY B 1 5.41 -9.53 -14.58
C GLY B 1 4.98 -9.36 -13.14
N SER B 2 4.42 -8.19 -12.83
CA SER B 2 3.97 -7.89 -11.48
C SER B 2 3.03 -6.67 -11.48
N MET B 3 3.37 -5.66 -10.69
CA MET B 3 2.55 -4.45 -10.61
C MET B 3 3.34 -3.30 -9.99
N GLN B 4 3.54 -2.24 -10.76
CA GLN B 4 4.27 -1.07 -10.29
C GLN B 4 3.57 -0.43 -9.11
N ILE B 5 4.32 -0.16 -8.06
CA ILE B 5 3.78 0.45 -6.85
C ILE B 5 4.02 1.95 -6.83
N PHE B 6 2.97 2.71 -6.54
CA PHE B 6 3.07 4.16 -6.47
C PHE B 6 3.47 4.59 -5.07
N VAL B 7 4.59 5.28 -4.95
CA VAL B 7 5.06 5.73 -3.64
C VAL B 7 5.88 7.01 -3.75
N LYS B 8 5.52 7.99 -2.92
CA LYS B 8 6.22 9.27 -2.90
C LYS B 8 7.48 9.18 -2.04
N THR B 9 8.61 9.57 -2.61
CA THR B 9 9.88 9.52 -1.89
C THR B 9 9.94 10.58 -0.80
N LEU B 10 11.14 10.94 -0.40
CA LEU B 10 11.34 11.95 0.64
C LEU B 10 11.26 13.36 0.05
N THR B 11 11.98 13.58 -1.05
CA THR B 11 11.99 14.88 -1.70
C THR B 11 10.67 15.16 -2.41
N GLY B 12 10.16 14.16 -3.13
CA GLY B 12 8.90 14.33 -3.85
C GLY B 12 8.77 13.39 -5.03
N LYS B 13 9.89 13.10 -5.68
CA LYS B 13 9.91 12.22 -6.85
C LYS B 13 9.17 10.93 -6.58
N THR B 14 8.28 10.56 -7.50
CA THR B 14 7.51 9.33 -7.40
C THR B 14 8.35 8.15 -7.87
N ILE B 15 8.16 6.99 -7.27
CA ILE B 15 8.92 5.81 -7.66
C ILE B 15 8.03 4.61 -7.96
N THR B 16 8.20 4.06 -9.15
CA THR B 16 7.45 2.89 -9.58
C THR B 16 8.24 1.62 -9.26
N LEU B 17 7.54 0.55 -8.94
CA LEU B 17 8.20 -0.71 -8.60
C LEU B 17 7.21 -1.87 -8.66
N GLU B 18 7.44 -2.78 -9.60
CA GLU B 18 6.58 -3.95 -9.76
C GLU B 18 6.87 -5.03 -8.71
N VAL B 19 5.81 -5.62 -8.17
CA VAL B 19 5.93 -6.67 -7.16
C VAL B 19 4.68 -7.54 -7.12
N GLU B 20 4.88 -8.85 -7.11
CA GLU B 20 3.77 -9.80 -7.08
C GLU B 20 2.90 -9.58 -5.84
N PRO B 21 1.56 -9.64 -6.02
CA PRO B 21 0.62 -9.46 -4.91
C PRO B 21 0.93 -10.36 -3.73
N SER B 22 1.33 -11.58 -4.03
CA SER B 22 1.66 -12.57 -3.01
C SER B 22 2.86 -12.13 -2.19
N ASP B 23 3.76 -11.36 -2.80
CA ASP B 23 4.95 -10.87 -2.12
C ASP B 23 4.57 -10.15 -0.83
N THR B 24 5.24 -10.49 0.25
CA THR B 24 4.97 -9.89 1.55
C THR B 24 5.24 -8.38 1.56
N ILE B 25 4.41 -7.65 2.30
CA ILE B 25 4.53 -6.20 2.39
C ILE B 25 5.94 -5.80 2.85
N GLU B 26 6.52 -6.60 3.73
CA GLU B 26 7.85 -6.33 4.25
C GLU B 26 8.90 -6.37 3.14
N ASN B 27 8.72 -7.28 2.19
CA ASN B 27 9.65 -7.42 1.08
C ASN B 27 9.55 -6.26 0.10
N VAL B 28 8.31 -5.93 -0.31
CA VAL B 28 8.09 -4.84 -1.25
C VAL B 28 8.67 -3.53 -0.72
N LYS B 29 8.45 -3.25 0.56
CA LYS B 29 8.97 -2.04 1.19
C LYS B 29 10.49 -2.07 1.21
N ALA B 30 11.04 -3.26 1.47
CA ALA B 30 12.49 -3.43 1.52
C ALA B 30 13.14 -2.95 0.23
N LYS B 31 12.47 -3.18 -0.89
CA LYS B 31 12.97 -2.76 -2.19
C LYS B 31 13.03 -1.25 -2.24
N ILE B 32 11.98 -0.61 -1.74
CA ILE B 32 11.90 0.83 -1.71
C ILE B 32 13.14 1.42 -1.03
N GLN B 33 13.62 0.72 0.00
CA GLN B 33 14.82 1.15 0.70
C GLN B 33 15.97 1.21 -0.28
N ASP B 34 16.08 0.17 -1.09
CA ASP B 34 17.12 0.09 -2.10
C ASP B 34 16.85 1.15 -3.17
N LYS B 35 15.57 1.38 -3.40
CA LYS B 35 15.12 2.37 -4.37
C LYS B 35 15.50 3.77 -3.96
N GLU B 36 15.69 3.99 -2.66
CA GLU B 36 16.07 5.30 -2.14
C GLU B 36 16.85 5.17 -0.83
N GLY B 37 16.18 4.73 0.23
CA GLY B 37 16.84 4.59 1.51
C GLY B 37 15.97 5.03 2.67
N ILE B 38 14.78 4.45 2.77
CA ILE B 38 13.85 4.80 3.85
C ILE B 38 13.25 3.55 4.50
N PRO B 39 13.23 3.50 5.84
CA PRO B 39 12.67 2.37 6.58
C PRO B 39 11.27 2.00 6.10
N PRO B 40 10.97 0.70 5.99
CA PRO B 40 9.66 0.22 5.54
C PRO B 40 8.51 0.72 6.41
N ASP B 41 8.77 0.84 7.71
CA ASP B 41 7.76 1.30 8.65
C ASP B 41 7.32 2.72 8.33
N GLN B 42 8.26 3.54 7.88
CA GLN B 42 7.95 4.93 7.56
C GLN B 42 6.95 5.03 6.41
N GLN B 43 7.13 4.20 5.38
CA GLN B 43 6.22 4.21 4.23
C GLN B 43 4.79 3.99 4.69
N ARG B 44 3.90 4.90 4.29
CA ARG B 44 2.49 4.81 4.66
C ARG B 44 1.72 3.93 3.69
N LEU B 45 1.01 2.94 4.22
CA LEU B 45 0.22 2.04 3.40
C LEU B 45 -1.09 2.70 2.98
N ILE B 46 -1.37 2.69 1.68
CA ILE B 46 -2.59 3.30 1.15
C ILE B 46 -3.16 2.51 -0.02
N PHE B 47 -4.48 2.35 -0.03
CA PHE B 47 -5.17 1.62 -1.09
C PHE B 47 -6.35 2.43 -1.63
N ALA B 48 -6.66 2.25 -2.92
CA ALA B 48 -7.77 2.97 -3.53
C ALA B 48 -8.37 2.18 -4.70
N GLY B 49 -9.67 1.93 -4.62
CA GLY B 49 -10.35 1.17 -5.66
C GLY B 49 -10.40 1.91 -6.99
N LYS B 50 -11.53 1.79 -7.68
CA LYS B 50 -11.73 2.44 -8.98
C LYS B 50 -11.86 3.94 -8.83
N GLN B 51 -10.75 4.61 -8.59
CA GLN B 51 -10.76 6.06 -8.47
C GLN B 51 -11.16 6.64 -9.82
N LEU B 52 -12.34 7.24 -9.87
CA LEU B 52 -12.86 7.82 -11.10
C LEU B 52 -11.87 8.79 -11.73
N GLU B 53 -10.88 8.24 -12.43
CA GLU B 53 -9.85 9.04 -13.09
C GLU B 53 -9.14 9.94 -12.08
N GLY A 1 -4.29 -8.09 12.75
CA GLY A 1 -3.13 -7.40 12.15
C GLY A 1 -2.25 -6.72 13.18
N SER A 2 -1.87 -5.47 12.90
CA SER A 2 -1.03 -4.71 13.82
C SER A 2 -0.89 -3.26 13.37
N MET A 3 -0.55 -3.07 12.09
CA MET A 3 -0.39 -1.73 11.54
C MET A 3 -1.63 -1.31 10.75
N GLN A 4 -2.34 -0.33 11.27
CA GLN A 4 -3.55 0.19 10.64
C GLN A 4 -3.23 0.80 9.27
N ILE A 5 -3.85 0.27 8.22
CA ILE A 5 -3.61 0.74 6.85
C ILE A 5 -4.72 1.69 6.38
N PHE A 6 -4.33 2.71 5.62
CA PHE A 6 -5.27 3.68 5.07
C PHE A 6 -5.78 3.22 3.71
N VAL A 7 -7.09 3.32 3.49
CA VAL A 7 -7.67 2.91 2.21
C VAL A 7 -8.90 3.75 1.86
N LYS A 8 -8.95 4.21 0.61
CA LYS A 8 -10.06 5.03 0.14
C LYS A 8 -11.13 4.16 -0.50
N THR A 9 -12.38 4.34 -0.08
CA THR A 9 -13.49 3.57 -0.64
C THR A 9 -13.89 4.11 -2.00
N LEU A 10 -15.13 3.83 -2.40
CA LEU A 10 -15.63 4.28 -3.69
C LEU A 10 -16.14 5.72 -3.63
N THR A 11 -17.04 5.99 -2.70
CA THR A 11 -17.61 7.32 -2.53
C THR A 11 -16.60 8.29 -1.92
N GLY A 12 -15.91 7.84 -0.87
CA GLY A 12 -14.93 8.69 -0.21
C GLY A 12 -14.58 8.18 1.17
N LYS A 13 -15.52 7.47 1.79
CA LYS A 13 -15.32 6.93 3.13
C LYS A 13 -13.94 6.32 3.30
N THR A 14 -13.27 6.70 4.38
CA THR A 14 -11.95 6.17 4.69
C THR A 14 -12.08 4.91 5.53
N ILE A 15 -11.26 3.91 5.24
CA ILE A 15 -11.31 2.67 6.00
C ILE A 15 -9.95 2.29 6.56
N THR A 16 -9.95 1.91 7.84
CA THR A 16 -8.73 1.53 8.53
C THR A 16 -8.78 0.08 8.99
N LEU A 17 -7.63 -0.58 8.95
CA LEU A 17 -7.53 -1.97 9.37
C LEU A 17 -6.07 -2.38 9.49
N GLU A 18 -5.69 -2.89 10.67
CA GLU A 18 -4.32 -3.31 10.91
C GLU A 18 -4.02 -4.65 10.26
N VAL A 19 -2.80 -4.80 9.74
CA VAL A 19 -2.36 -6.03 9.09
C VAL A 19 -0.86 -6.22 9.24
N GLU A 20 -0.45 -7.42 9.63
CA GLU A 20 0.96 -7.72 9.81
C GLU A 20 1.72 -7.61 8.49
N PRO A 21 2.93 -7.01 8.52
CA PRO A 21 3.77 -6.84 7.34
C PRO A 21 3.98 -8.15 6.58
N SER A 22 4.08 -9.23 7.33
CA SER A 22 4.30 -10.54 6.75
C SER A 22 3.12 -10.97 5.88
N ASP A 23 1.92 -10.54 6.27
CA ASP A 23 0.72 -10.86 5.53
C ASP A 23 0.83 -10.41 4.07
N THR A 24 0.48 -11.30 3.15
CA THR A 24 0.54 -11.01 1.73
C THR A 24 -0.34 -9.82 1.35
N ILE A 25 0.10 -9.08 0.34
CA ILE A 25 -0.64 -7.91 -0.14
C ILE A 25 -2.08 -8.28 -0.48
N GLU A 26 -2.24 -9.40 -1.19
CA GLU A 26 -3.57 -9.87 -1.58
C GLU A 26 -4.43 -10.14 -0.35
N ASN A 27 -3.80 -10.63 0.71
CA ASN A 27 -4.50 -10.94 1.94
C ASN A 27 -5.09 -9.69 2.59
N VAL A 28 -4.28 -8.64 2.71
CA VAL A 28 -4.76 -7.39 3.31
C VAL A 28 -5.86 -6.75 2.48
N LYS A 29 -5.69 -6.78 1.15
CA LYS A 29 -6.68 -6.20 0.25
C LYS A 29 -8.01 -6.94 0.36
N ALA A 30 -7.93 -8.26 0.50
CA ALA A 30 -9.13 -9.08 0.62
C ALA A 30 -10.00 -8.60 1.77
N LYS A 31 -9.35 -8.17 2.85
CA LYS A 31 -10.06 -7.66 4.01
C LYS A 31 -10.82 -6.41 3.64
N ILE A 32 -10.18 -5.56 2.86
CA ILE A 32 -10.79 -4.31 2.40
C ILE A 32 -12.10 -4.64 1.70
N GLN A 33 -12.08 -5.72 0.94
CA GLN A 33 -13.26 -6.20 0.23
C GLN A 33 -14.34 -6.54 1.22
N ASP A 34 -13.94 -7.27 2.26
CA ASP A 34 -14.85 -7.66 3.31
C ASP A 34 -15.44 -6.43 3.99
N LYS A 35 -14.61 -5.40 4.13
CA LYS A 35 -15.04 -4.15 4.75
C LYS A 35 -16.08 -3.44 3.89
N GLU A 36 -15.86 -3.43 2.57
CA GLU A 36 -16.78 -2.78 1.66
C GLU A 36 -17.24 -3.76 0.57
N GLY A 37 -16.34 -4.12 -0.33
CA GLY A 37 -16.70 -5.06 -1.39
C GLY A 37 -15.74 -5.03 -2.56
N ILE A 38 -15.26 -3.84 -2.90
CA ILE A 38 -14.35 -3.67 -4.03
C ILE A 38 -13.24 -4.72 -4.05
N PRO A 39 -13.11 -5.43 -5.19
CA PRO A 39 -12.09 -6.46 -5.38
C PRO A 39 -10.70 -6.03 -4.92
N PRO A 40 -9.93 -6.95 -4.32
CA PRO A 40 -8.58 -6.67 -3.84
C PRO A 40 -7.67 -6.12 -4.93
N ASP A 41 -7.82 -6.63 -6.14
CA ASP A 41 -7.02 -6.21 -7.27
C ASP A 41 -7.18 -4.72 -7.55
N GLN A 42 -8.41 -4.24 -7.40
CA GLN A 42 -8.71 -2.82 -7.64
C GLN A 42 -7.91 -1.91 -6.72
N GLN A 43 -7.75 -2.31 -5.47
CA GLN A 43 -7.00 -1.51 -4.50
C GLN A 43 -5.61 -1.20 -5.03
N ARG A 44 -5.27 0.09 -5.09
CA ARG A 44 -3.98 0.53 -5.58
C ARG A 44 -2.96 0.62 -4.45
N LEU A 45 -1.80 -0.02 -4.65
CA LEU A 45 -0.75 0.00 -3.64
C LEU A 45 -0.05 1.36 -3.60
N ILE A 46 0.08 1.91 -2.40
CA ILE A 46 0.73 3.20 -2.22
C ILE A 46 1.53 3.22 -0.93
N PHE A 47 2.76 3.71 -1.01
CA PHE A 47 3.64 3.78 0.16
C PHE A 47 4.25 5.17 0.28
N ALA A 48 4.49 5.61 1.52
CA ALA A 48 5.08 6.92 1.75
C ALA A 48 5.77 7.00 3.12
N GLY A 49 7.05 7.35 3.10
CA GLY A 49 7.81 7.46 4.33
C GLY A 49 7.24 8.51 5.28
N LYS A 50 7.20 8.17 6.56
CA LYS A 50 6.68 9.09 7.57
C LYS A 50 7.46 10.38 7.59
N GLN A 51 6.74 11.46 7.35
CA GLN A 51 7.29 12.79 7.35
C GLN A 51 6.23 13.77 7.80
N LEU A 52 6.31 14.16 9.07
CA LEU A 52 5.34 15.07 9.67
C LEU A 52 5.05 16.27 8.75
N GLU A 53 4.18 16.05 7.77
CA GLU A 53 3.82 17.09 6.82
C GLU A 53 2.69 16.62 5.91
N GLY B 1 8.86 -8.24 -9.96
CA GLY B 1 7.45 -8.00 -9.53
C GLY B 1 6.45 -8.24 -10.64
N SER B 2 5.50 -7.32 -10.79
CA SER B 2 4.48 -7.43 -11.82
C SER B 2 3.61 -6.18 -11.87
N MET B 3 3.16 -5.72 -10.72
CA MET B 3 2.31 -4.53 -10.63
C MET B 3 3.07 -3.35 -10.02
N GLN B 4 3.23 -2.29 -10.80
CA GLN B 4 3.92 -1.09 -10.32
C GLN B 4 3.19 -0.47 -9.15
N ILE B 5 3.94 -0.17 -8.09
CA ILE B 5 3.38 0.46 -6.90
C ILE B 5 3.74 1.93 -6.84
N PHE B 6 2.80 2.76 -6.43
CA PHE B 6 3.04 4.20 -6.32
C PHE B 6 3.59 4.53 -4.94
N VAL B 7 4.69 5.27 -4.90
CA VAL B 7 5.32 5.62 -3.64
C VAL B 7 5.91 7.03 -3.69
N LYS B 8 5.65 7.81 -2.64
CA LYS B 8 6.16 9.17 -2.55
C LYS B 8 7.45 9.21 -1.74
N THR B 9 8.49 9.82 -2.31
CA THR B 9 9.77 9.91 -1.62
C THR B 9 9.73 11.00 -0.54
N LEU B 10 10.90 11.51 -0.18
CA LEU B 10 10.99 12.56 0.83
C LEU B 10 10.74 13.94 0.25
N THR B 11 11.46 14.26 -0.82
CA THR B 11 11.32 15.56 -1.48
C THR B 11 10.03 15.65 -2.29
N GLY B 12 9.75 14.59 -3.06
CA GLY B 12 8.54 14.58 -3.87
C GLY B 12 8.61 13.55 -4.97
N LYS B 13 9.82 13.25 -5.43
CA LYS B 13 10.02 12.28 -6.50
C LYS B 13 9.15 11.04 -6.33
N THR B 14 8.46 10.66 -7.39
CA THR B 14 7.59 9.49 -7.36
C THR B 14 8.36 8.24 -7.78
N ILE B 15 8.24 7.18 -6.98
CA ILE B 15 8.92 5.93 -7.29
C ILE B 15 7.97 4.86 -7.79
N THR B 16 8.32 4.26 -8.92
CA THR B 16 7.53 3.20 -9.49
C THR B 16 8.25 1.87 -9.30
N LEU B 17 7.52 0.84 -8.90
CA LEU B 17 8.16 -0.45 -8.64
C LEU B 17 7.13 -1.58 -8.61
N GLU B 18 7.25 -2.50 -9.56
CA GLU B 18 6.34 -3.64 -9.66
C GLU B 18 6.69 -4.71 -8.61
N VAL B 19 5.65 -5.30 -8.02
CA VAL B 19 5.84 -6.35 -7.01
C VAL B 19 4.65 -7.30 -7.00
N GLU B 20 4.93 -8.59 -6.88
CA GLU B 20 3.89 -9.61 -6.87
C GLU B 20 3.03 -9.51 -5.60
N PRO B 21 1.71 -9.70 -5.74
CA PRO B 21 0.77 -9.63 -4.62
C PRO B 21 1.17 -10.55 -3.47
N SER B 22 1.69 -11.72 -3.82
CA SER B 22 2.10 -12.70 -2.83
C SER B 22 3.25 -12.18 -1.97
N ASP B 23 4.11 -11.36 -2.59
CA ASP B 23 5.24 -10.79 -1.87
C ASP B 23 4.78 -10.03 -0.63
N THR B 24 5.45 -10.29 0.49
CA THR B 24 5.12 -9.65 1.76
C THR B 24 5.27 -8.13 1.68
N ILE B 25 4.44 -7.44 2.46
CA ILE B 25 4.48 -5.97 2.49
C ILE B 25 5.88 -5.47 2.82
N GLU B 26 6.51 -6.08 3.82
CA GLU B 26 7.85 -5.71 4.23
C GLU B 26 8.83 -5.85 3.08
N ASN B 27 8.70 -6.94 2.33
CA ASN B 27 9.57 -7.19 1.19
C ASN B 27 9.43 -6.09 0.15
N VAL B 28 8.19 -5.70 -0.12
CA VAL B 28 7.90 -4.65 -1.08
C VAL B 28 8.52 -3.32 -0.66
N LYS B 29 8.32 -2.96 0.59
CA LYS B 29 8.85 -1.71 1.13
C LYS B 29 10.38 -1.71 1.15
N ALA B 30 10.96 -2.88 1.43
CA ALA B 30 12.41 -3.02 1.48
C ALA B 30 13.04 -2.58 0.16
N LYS B 31 12.33 -2.81 -0.95
CA LYS B 31 12.83 -2.43 -2.25
C LYS B 31 12.85 -0.92 -2.38
N ILE B 32 11.88 -0.28 -1.74
CA ILE B 32 11.76 1.17 -1.77
C ILE B 32 12.98 1.85 -1.15
N GLN B 33 13.49 1.32 -0.04
CA GLN B 33 14.67 1.90 0.60
C GLN B 33 15.86 1.71 -0.33
N ASP B 34 15.98 0.49 -0.86
CA ASP B 34 17.04 0.19 -1.80
C ASP B 34 16.92 1.14 -2.98
N LYS B 35 15.66 1.49 -3.25
CA LYS B 35 15.32 2.39 -4.34
C LYS B 35 15.70 3.82 -3.98
N GLU B 36 15.63 4.15 -2.69
CA GLU B 36 15.97 5.49 -2.21
C GLU B 36 16.75 5.42 -0.89
N GLY B 37 16.10 4.92 0.16
CA GLY B 37 16.77 4.81 1.45
C GLY B 37 15.82 4.72 2.61
N ILE B 38 14.68 5.39 2.50
CA ILE B 38 13.67 5.40 3.56
C ILE B 38 13.35 4.00 4.07
N PRO B 39 13.40 3.80 5.40
CA PRO B 39 13.10 2.52 6.03
C PRO B 39 11.72 2.00 5.62
N PRO B 40 11.58 0.69 5.38
CA PRO B 40 10.32 0.08 4.97
C PRO B 40 9.17 0.44 5.92
N ASP B 41 9.47 0.52 7.20
CA ASP B 41 8.47 0.83 8.21
C ASP B 41 7.86 2.21 7.98
N GLN B 42 8.68 3.16 7.55
CA GLN B 42 8.21 4.52 7.32
C GLN B 42 7.15 4.57 6.22
N GLN B 43 7.33 3.78 5.17
CA GLN B 43 6.39 3.75 4.06
C GLN B 43 4.97 3.48 4.58
N ARG B 44 4.04 4.35 4.21
CA ARG B 44 2.65 4.22 4.65
C ARG B 44 1.81 3.44 3.65
N LEU B 45 1.13 2.41 4.15
CA LEU B 45 0.27 1.57 3.31
C LEU B 45 -1.01 2.31 2.91
N ILE B 46 -1.30 2.33 1.62
CA ILE B 46 -2.48 2.99 1.10
C ILE B 46 -3.07 2.21 -0.06
N PHE B 47 -4.39 1.98 -0.02
CA PHE B 47 -5.07 1.23 -1.06
C PHE B 47 -6.28 1.99 -1.58
N ALA B 48 -6.57 1.87 -2.87
CA ALA B 48 -7.71 2.56 -3.46
C ALA B 48 -8.21 1.86 -4.71
N GLY B 49 -9.51 1.53 -4.73
CA GLY B 49 -10.09 0.86 -5.87
C GLY B 49 -10.00 1.68 -7.14
N LYS B 50 -9.66 1.03 -8.24
CA LYS B 50 -9.54 1.70 -9.52
C LYS B 50 -10.84 2.37 -9.94
N GLN B 51 -10.76 3.67 -10.14
CA GLN B 51 -11.89 4.46 -10.56
C GLN B 51 -11.40 5.62 -11.41
N LEU B 52 -11.76 5.62 -12.68
CA LEU B 52 -11.34 6.66 -13.60
C LEU B 52 -11.73 8.05 -13.10
N GLU B 53 -10.95 8.57 -12.17
CA GLU B 53 -11.20 9.88 -11.59
C GLU B 53 -10.05 10.31 -10.68
N GLY A 1 -3.64 -3.39 16.89
CA GLY A 1 -3.23 -4.76 16.45
C GLY A 1 -1.91 -4.76 15.73
N SER A 2 -1.85 -5.48 14.60
CA SER A 2 -0.64 -5.56 13.81
C SER A 2 -0.22 -4.19 13.29
N MET A 3 -1.10 -3.58 12.50
CA MET A 3 -0.85 -2.25 11.95
C MET A 3 -2.00 -1.82 11.04
N GLN A 4 -2.73 -0.80 11.47
CA GLN A 4 -3.86 -0.30 10.69
C GLN A 4 -3.39 0.39 9.41
N ILE A 5 -3.99 0.00 8.29
CA ILE A 5 -3.65 0.55 6.99
C ILE A 5 -4.64 1.62 6.55
N PHE A 6 -4.14 2.61 5.81
CA PHE A 6 -4.99 3.69 5.31
C PHE A 6 -5.56 3.31 3.94
N VAL A 7 -6.87 3.38 3.80
CA VAL A 7 -7.52 3.03 2.54
C VAL A 7 -8.80 3.84 2.32
N LYS A 8 -8.99 4.32 1.09
CA LYS A 8 -10.17 5.10 0.76
C LYS A 8 -11.16 4.25 -0.06
N THR A 9 -12.42 4.24 0.37
CA THR A 9 -13.43 3.46 -0.32
C THR A 9 -13.73 4.04 -1.70
N LEU A 10 -14.91 3.75 -2.23
CA LEU A 10 -15.30 4.25 -3.55
C LEU A 10 -15.94 5.64 -3.45
N THR A 11 -16.93 5.77 -2.58
CA THR A 11 -17.62 7.04 -2.39
C THR A 11 -16.74 8.06 -1.67
N GLY A 12 -16.09 7.63 -0.60
CA GLY A 12 -15.25 8.53 0.16
C GLY A 12 -14.91 8.00 1.54
N LYS A 13 -15.83 7.22 2.11
CA LYS A 13 -15.64 6.65 3.45
C LYS A 13 -14.23 6.10 3.62
N THR A 14 -13.58 6.50 4.72
CA THR A 14 -12.23 6.06 5.02
C THR A 14 -12.23 4.78 5.85
N ILE A 15 -11.34 3.86 5.49
CA ILE A 15 -11.23 2.59 6.21
C ILE A 15 -9.82 2.38 6.75
N THR A 16 -9.73 1.97 8.00
CA THR A 16 -8.46 1.71 8.64
C THR A 16 -8.49 0.29 9.22
N LEU A 17 -7.80 -0.63 8.56
CA LEU A 17 -7.78 -2.02 8.99
C LEU A 17 -6.37 -2.53 9.23
N GLU A 18 -6.14 -3.10 10.40
CA GLU A 18 -4.84 -3.66 10.76
C GLU A 18 -4.58 -4.96 9.99
N VAL A 19 -3.34 -5.12 9.52
CA VAL A 19 -2.95 -6.31 8.78
C VAL A 19 -1.48 -6.62 9.00
N GLU A 20 -1.17 -7.89 9.24
CA GLU A 20 0.20 -8.32 9.46
C GLU A 20 1.06 -8.10 8.23
N PRO A 21 2.30 -7.60 8.42
CA PRO A 21 3.24 -7.36 7.31
C PRO A 21 3.53 -8.61 6.51
N SER A 22 3.60 -9.73 7.22
CA SER A 22 3.88 -11.01 6.60
C SER A 22 2.77 -11.41 5.64
N ASP A 23 1.54 -11.03 5.97
CA ASP A 23 0.39 -11.35 5.13
C ASP A 23 0.58 -10.77 3.73
N THR A 24 0.31 -11.59 2.73
CA THR A 24 0.45 -11.18 1.33
C THR A 24 -0.43 -9.97 1.02
N ILE A 25 0.02 -9.14 0.08
CA ILE A 25 -0.73 -7.96 -0.31
C ILE A 25 -2.15 -8.35 -0.69
N GLU A 26 -2.26 -9.50 -1.36
CA GLU A 26 -3.55 -10.02 -1.77
C GLU A 26 -4.46 -10.23 -0.56
N ASN A 27 -3.89 -10.77 0.51
CA ASN A 27 -4.64 -11.03 1.74
C ASN A 27 -5.12 -9.71 2.34
N VAL A 28 -4.23 -8.72 2.38
CA VAL A 28 -4.56 -7.40 2.91
C VAL A 28 -5.74 -6.79 2.18
N LYS A 29 -5.68 -6.81 0.85
CA LYS A 29 -6.75 -6.25 0.03
C LYS A 29 -8.03 -7.05 0.19
N ALA A 30 -7.89 -8.36 0.35
CA ALA A 30 -9.03 -9.25 0.52
C ALA A 30 -9.91 -8.81 1.68
N LYS A 31 -9.28 -8.34 2.75
CA LYS A 31 -9.99 -7.88 3.94
C LYS A 31 -10.77 -6.61 3.61
N ILE A 32 -10.15 -5.75 2.80
CA ILE A 32 -10.80 -4.51 2.40
C ILE A 32 -12.11 -4.81 1.69
N GLN A 33 -12.14 -5.92 0.95
CA GLN A 33 -13.35 -6.33 0.27
C GLN A 33 -14.41 -6.64 1.30
N ASP A 34 -14.00 -7.36 2.35
CA ASP A 34 -14.90 -7.70 3.43
C ASP A 34 -15.39 -6.40 4.07
N LYS A 35 -14.49 -5.41 4.03
CA LYS A 35 -14.78 -4.08 4.57
C LYS A 35 -15.76 -3.34 3.66
N GLU A 36 -15.73 -3.63 2.37
CA GLU A 36 -16.62 -2.98 1.41
C GLU A 36 -17.12 -3.96 0.36
N GLY A 37 -16.22 -4.46 -0.48
CA GLY A 37 -16.60 -5.41 -1.51
C GLY A 37 -15.72 -5.34 -2.74
N ILE A 38 -15.23 -4.14 -3.03
CA ILE A 38 -14.39 -3.92 -4.20
C ILE A 38 -13.25 -4.94 -4.31
N PRO A 39 -13.14 -5.59 -5.47
CA PRO A 39 -12.08 -6.58 -5.73
C PRO A 39 -10.70 -6.10 -5.29
N PRO A 40 -9.76 -7.02 -5.07
CA PRO A 40 -8.40 -6.68 -4.64
C PRO A 40 -7.70 -5.74 -5.62
N ASP A 41 -7.95 -5.96 -6.91
CA ASP A 41 -7.35 -5.14 -7.96
C ASP A 41 -7.76 -3.68 -7.80
N GLN A 42 -8.98 -3.46 -7.32
CA GLN A 42 -9.49 -2.12 -7.12
C GLN A 42 -8.52 -1.28 -6.29
N GLN A 43 -8.19 -1.77 -5.11
CA GLN A 43 -7.27 -1.07 -4.21
C GLN A 43 -5.93 -0.78 -4.88
N ARG A 44 -5.51 0.47 -4.83
CA ARG A 44 -4.25 0.89 -5.44
C ARG A 44 -3.13 0.92 -4.40
N LEU A 45 -2.04 0.22 -4.69
CA LEU A 45 -0.89 0.20 -3.78
C LEU A 45 -0.20 1.55 -3.76
N ILE A 46 -0.10 2.14 -2.57
CA ILE A 46 0.52 3.45 -2.42
C ILE A 46 1.31 3.53 -1.11
N PHE A 47 2.55 3.98 -1.20
CA PHE A 47 3.41 4.10 -0.03
C PHE A 47 4.05 5.48 0.03
N ALA A 48 4.23 6.00 1.24
CA ALA A 48 4.84 7.32 1.42
C ALA A 48 5.67 7.37 2.70
N GLY A 49 6.92 7.81 2.56
CA GLY A 49 7.81 7.89 3.72
C GLY A 49 7.42 8.99 4.69
N LYS A 50 8.43 9.66 5.24
CA LYS A 50 8.22 10.74 6.20
C LYS A 50 7.67 11.98 5.51
N GLN A 51 6.39 11.93 5.17
CA GLN A 51 5.75 13.07 4.55
C GLN A 51 5.71 14.23 5.53
N LEU A 52 6.62 15.18 5.35
CA LEU A 52 6.72 16.35 6.21
C LEU A 52 5.36 16.96 6.52
N GLU A 53 4.65 16.36 7.47
CA GLU A 53 3.33 16.83 7.86
C GLU A 53 3.39 18.24 8.42
N GLY B 1 6.34 -6.11 -15.23
CA GLY B 1 6.64 -7.27 -14.36
C GLY B 1 5.42 -7.72 -13.57
N SER B 2 5.63 -7.99 -12.28
CA SER B 2 4.54 -8.43 -11.41
C SER B 2 3.46 -7.36 -11.32
N MET B 3 3.84 -6.19 -10.82
CA MET B 3 2.92 -5.06 -10.68
C MET B 3 3.61 -3.86 -10.05
N GLN B 4 3.80 -2.81 -10.84
CA GLN B 4 4.45 -1.61 -10.35
C GLN B 4 3.55 -0.87 -9.36
N ILE B 5 4.09 -0.58 -8.18
CA ILE B 5 3.35 0.11 -7.14
C ILE B 5 3.68 1.60 -7.10
N PHE B 6 2.72 2.41 -6.68
CA PHE B 6 2.91 3.85 -6.60
C PHE B 6 3.46 4.23 -5.22
N VAL B 7 4.54 5.01 -5.21
CA VAL B 7 5.17 5.43 -3.96
C VAL B 7 5.83 6.80 -4.11
N LYS B 8 5.65 7.66 -3.10
CA LYS B 8 6.25 8.99 -3.12
C LYS B 8 7.45 9.05 -2.18
N THR B 9 8.57 9.54 -2.69
CA THR B 9 9.79 9.64 -1.88
C THR B 9 9.66 10.71 -0.79
N LEU B 10 10.81 11.19 -0.33
CA LEU B 10 10.85 12.21 0.72
C LEU B 10 10.65 13.62 0.15
N THR B 11 11.50 13.98 -0.79
CA THR B 11 11.42 15.31 -1.41
C THR B 11 10.21 15.44 -2.32
N GLY B 12 9.97 14.43 -3.16
CA GLY B 12 8.84 14.47 -4.06
C GLY B 12 8.95 13.46 -5.19
N LYS B 13 10.18 13.13 -5.56
CA LYS B 13 10.43 12.17 -6.64
C LYS B 13 9.50 10.96 -6.53
N THR B 14 8.81 10.66 -7.62
CA THR B 14 7.90 9.52 -7.67
C THR B 14 8.62 8.24 -8.03
N ILE B 15 8.28 7.16 -7.34
CA ILE B 15 8.89 5.86 -7.61
C ILE B 15 7.84 4.82 -7.92
N THR B 16 8.02 4.13 -9.03
CA THR B 16 7.12 3.07 -9.44
C THR B 16 7.92 1.80 -9.63
N LEU B 17 7.71 0.83 -8.74
CA LEU B 17 8.46 -0.42 -8.81
C LEU B 17 7.56 -1.63 -8.60
N GLU B 18 7.70 -2.61 -9.50
CA GLU B 18 6.92 -3.83 -9.46
C GLU B 18 7.32 -4.71 -8.28
N VAL B 19 6.32 -5.36 -7.69
CA VAL B 19 6.53 -6.28 -6.57
C VAL B 19 5.45 -7.34 -6.53
N GLU B 20 5.86 -8.60 -6.34
CA GLU B 20 4.92 -9.71 -6.31
C GLU B 20 3.92 -9.57 -5.16
N PRO B 21 2.63 -9.87 -5.43
CA PRO B 21 1.57 -9.80 -4.42
C PRO B 21 1.85 -10.70 -3.23
N SER B 22 2.37 -11.88 -3.53
CA SER B 22 2.70 -12.87 -2.52
C SER B 22 3.78 -12.35 -1.59
N ASP B 23 4.66 -11.51 -2.12
CA ASP B 23 5.74 -10.94 -1.34
C ASP B 23 5.19 -10.13 -0.18
N THR B 24 5.74 -10.36 1.01
CA THR B 24 5.30 -9.66 2.21
C THR B 24 5.41 -8.15 2.05
N ILE B 25 4.53 -7.42 2.73
CA ILE B 25 4.54 -5.97 2.68
C ILE B 25 5.92 -5.45 3.04
N GLU B 26 6.53 -6.11 4.01
CA GLU B 26 7.87 -5.75 4.47
C GLU B 26 8.86 -5.86 3.33
N ASN B 27 8.68 -6.87 2.47
CA ASN B 27 9.56 -7.09 1.34
C ASN B 27 9.45 -5.97 0.31
N VAL B 28 8.23 -5.60 -0.06
CA VAL B 28 8.03 -4.54 -1.04
C VAL B 28 8.62 -3.22 -0.56
N LYS B 29 8.42 -2.91 0.72
CA LYS B 29 8.95 -1.67 1.29
C LYS B 29 10.46 -1.71 1.31
N ALA B 30 11.01 -2.89 1.59
CA ALA B 30 12.47 -3.08 1.64
C ALA B 30 13.10 -2.65 0.32
N LYS B 31 12.40 -2.92 -0.78
CA LYS B 31 12.89 -2.57 -2.11
C LYS B 31 12.90 -1.06 -2.27
N ILE B 32 11.86 -0.40 -1.75
CA ILE B 32 11.77 1.04 -1.82
C ILE B 32 12.99 1.67 -1.17
N GLN B 33 13.50 1.02 -0.13
CA GLN B 33 14.69 1.50 0.56
C GLN B 33 15.85 1.47 -0.41
N ASP B 34 15.99 0.35 -1.11
CA ASP B 34 17.03 0.19 -2.10
C ASP B 34 16.86 1.28 -3.15
N LYS B 35 15.60 1.65 -3.35
CA LYS B 35 15.23 2.68 -4.30
C LYS B 35 15.56 4.08 -3.76
N GLU B 36 15.58 4.20 -2.43
CA GLU B 36 15.89 5.48 -1.80
C GLU B 36 16.74 5.28 -0.54
N GLY B 37 16.16 4.66 0.47
CA GLY B 37 16.89 4.43 1.71
C GLY B 37 16.01 4.42 2.94
N ILE B 38 14.96 5.22 2.90
CA ILE B 38 14.03 5.34 4.01
C ILE B 38 13.54 3.98 4.52
N PRO B 39 13.63 3.75 5.85
CA PRO B 39 13.19 2.51 6.47
C PRO B 39 11.80 2.08 6.00
N PRO B 40 11.48 0.78 6.13
CA PRO B 40 10.17 0.25 5.71
C PRO B 40 9.01 0.96 6.42
N ASP B 41 9.22 1.29 7.69
CA ASP B 41 8.20 1.97 8.48
C ASP B 41 7.82 3.30 7.85
N GLN B 42 8.81 3.95 7.23
CA GLN B 42 8.60 5.25 6.59
C GLN B 42 7.41 5.18 5.62
N GLN B 43 7.47 4.24 4.69
CA GLN B 43 6.42 4.08 3.69
C GLN B 43 5.06 3.85 4.35
N ARG B 44 4.08 4.64 3.95
CA ARG B 44 2.73 4.54 4.49
C ARG B 44 1.83 3.68 3.60
N LEU B 45 1.21 2.67 4.19
CA LEU B 45 0.31 1.79 3.44
C LEU B 45 -0.95 2.54 3.06
N ILE B 46 -1.23 2.60 1.76
CA ILE B 46 -2.41 3.29 1.27
C ILE B 46 -3.00 2.56 0.06
N PHE B 47 -4.30 2.33 0.11
CA PHE B 47 -5.00 1.63 -0.97
C PHE B 47 -6.25 2.41 -1.40
N ALA B 48 -6.54 2.38 -2.70
CA ALA B 48 -7.71 3.08 -3.22
C ALA B 48 -8.35 2.32 -4.38
N GLY B 49 -9.66 2.10 -4.27
CA GLY B 49 -10.38 1.36 -5.29
C GLY B 49 -10.51 2.12 -6.60
N LYS B 50 -11.67 1.99 -7.24
CA LYS B 50 -11.93 2.65 -8.51
C LYS B 50 -12.20 4.14 -8.31
N GLN B 51 -11.14 4.89 -8.06
CA GLN B 51 -11.26 6.32 -7.89
C GLN B 51 -11.72 6.93 -9.21
N LEU B 52 -12.95 7.44 -9.24
CA LEU B 52 -13.50 8.03 -10.46
C LEU B 52 -12.55 9.09 -11.04
N GLU B 53 -11.55 8.62 -11.76
CA GLU B 53 -10.57 9.51 -12.39
C GLU B 53 -11.25 10.46 -13.37
N GLY A 1 -3.87 1.79 16.63
CA GLY A 1 -4.60 0.62 16.07
C GLY A 1 -3.70 -0.34 15.33
N SER A 2 -2.53 -0.63 15.91
CA SER A 2 -1.57 -1.53 15.29
C SER A 2 -1.19 -1.06 13.90
N MET A 3 -1.05 -1.99 12.96
CA MET A 3 -0.68 -1.67 11.59
C MET A 3 -1.90 -1.23 10.78
N GLN A 4 -2.69 -0.31 11.34
CA GLN A 4 -3.87 0.19 10.65
C GLN A 4 -3.48 0.88 9.35
N ILE A 5 -3.86 0.26 8.24
CA ILE A 5 -3.56 0.79 6.92
C ILE A 5 -4.62 1.80 6.49
N PHE A 6 -4.18 2.86 5.82
CA PHE A 6 -5.09 3.88 5.34
C PHE A 6 -5.61 3.50 3.96
N VAL A 7 -6.93 3.54 3.78
CA VAL A 7 -7.53 3.18 2.50
C VAL A 7 -8.75 4.03 2.20
N LYS A 8 -8.95 4.33 0.92
CA LYS A 8 -10.10 5.13 0.49
C LYS A 8 -11.11 4.26 -0.24
N THR A 9 -12.37 4.34 0.17
CA THR A 9 -13.42 3.55 -0.45
C THR A 9 -13.68 4.00 -1.89
N LEU A 10 -14.88 3.71 -2.38
CA LEU A 10 -15.27 4.08 -3.74
C LEU A 10 -15.21 5.59 -3.93
N THR A 11 -15.86 6.32 -3.04
CA THR A 11 -15.87 7.78 -3.12
C THR A 11 -14.55 8.36 -2.62
N GLY A 12 -14.07 7.85 -1.49
CA GLY A 12 -12.82 8.32 -0.93
C GLY A 12 -12.85 8.35 0.58
N LYS A 13 -13.57 7.42 1.18
CA LYS A 13 -13.68 7.36 2.64
C LYS A 13 -12.48 6.65 3.24
N THR A 14 -11.89 7.26 4.26
CA THR A 14 -10.73 6.68 4.94
C THR A 14 -11.17 5.49 5.80
N ILE A 15 -10.39 4.42 5.75
CA ILE A 15 -10.70 3.22 6.52
C ILE A 15 -9.45 2.59 7.12
N THR A 16 -9.47 2.43 8.44
CA THR A 16 -8.35 1.82 9.15
C THR A 16 -8.47 0.31 9.18
N LEU A 17 -7.35 -0.37 9.09
CA LEU A 17 -7.32 -1.82 9.10
C LEU A 17 -5.94 -2.31 9.53
N GLU A 18 -5.88 -2.94 10.69
CA GLU A 18 -4.63 -3.44 11.23
C GLU A 18 -4.34 -4.87 10.75
N VAL A 19 -3.11 -5.09 10.29
CA VAL A 19 -2.68 -6.40 9.80
C VAL A 19 -1.17 -6.51 9.80
N GLU A 20 -0.67 -7.72 10.06
CA GLU A 20 0.76 -7.97 10.10
C GLU A 20 1.43 -7.56 8.79
N PRO A 21 2.61 -6.94 8.86
CA PRO A 21 3.36 -6.50 7.67
C PRO A 21 3.75 -7.67 6.77
N SER A 22 4.16 -8.78 7.40
CA SER A 22 4.58 -9.97 6.66
C SER A 22 3.40 -10.54 5.87
N ASP A 23 2.19 -10.18 6.28
CA ASP A 23 0.99 -10.66 5.61
C ASP A 23 1.01 -10.29 4.13
N THR A 24 0.68 -11.24 3.27
CA THR A 24 0.67 -11.02 1.83
C THR A 24 -0.24 -9.85 1.46
N ILE A 25 0.18 -9.07 0.46
CA ILE A 25 -0.61 -7.94 0.00
C ILE A 25 -1.99 -8.39 -0.45
N GLU A 26 -2.04 -9.53 -1.13
CA GLU A 26 -3.29 -10.09 -1.62
C GLU A 26 -4.25 -10.35 -0.46
N ASN A 27 -3.75 -10.93 0.61
CA ASN A 27 -4.56 -11.23 1.78
C ASN A 27 -5.07 -9.95 2.45
N VAL A 28 -4.18 -8.97 2.60
CA VAL A 28 -4.53 -7.70 3.22
C VAL A 28 -5.66 -7.01 2.46
N LYS A 29 -5.51 -6.91 1.14
CA LYS A 29 -6.51 -6.27 0.31
C LYS A 29 -7.83 -7.05 0.36
N ALA A 30 -7.71 -8.37 0.43
CA ALA A 30 -8.88 -9.24 0.50
C ALA A 30 -9.79 -8.83 1.64
N LYS A 31 -9.19 -8.39 2.74
CA LYS A 31 -9.95 -7.96 3.91
C LYS A 31 -10.67 -6.65 3.60
N ILE A 32 -10.00 -5.76 2.87
CA ILE A 32 -10.59 -4.48 2.49
C ILE A 32 -11.92 -4.72 1.77
N GLN A 33 -11.94 -5.77 0.95
CA GLN A 33 -13.14 -6.14 0.21
C GLN A 33 -14.25 -6.47 1.20
N ASP A 34 -13.92 -7.30 2.17
CA ASP A 34 -14.86 -7.67 3.20
C ASP A 34 -15.25 -6.45 4.01
N LYS A 35 -14.31 -5.52 4.11
CA LYS A 35 -14.51 -4.27 4.84
C LYS A 35 -15.47 -3.34 4.08
N GLU A 36 -15.43 -3.41 2.75
CA GLU A 36 -16.30 -2.57 1.93
C GLU A 36 -16.87 -3.36 0.75
N GLY A 37 -16.00 -3.78 -0.15
CA GLY A 37 -16.46 -4.55 -1.30
C GLY A 37 -15.50 -4.50 -2.48
N ILE A 38 -14.93 -3.33 -2.74
CA ILE A 38 -14.02 -3.16 -3.85
C ILE A 38 -12.98 -4.29 -3.95
N PRO A 39 -12.89 -4.91 -5.13
CA PRO A 39 -11.93 -6.00 -5.37
C PRO A 39 -10.54 -5.68 -4.85
N PRO A 40 -9.86 -6.67 -4.24
CA PRO A 40 -8.50 -6.48 -3.72
C PRO A 40 -7.54 -5.98 -4.78
N ASP A 41 -7.67 -6.52 -5.98
CA ASP A 41 -6.81 -6.14 -7.10
C ASP A 41 -7.06 -4.69 -7.51
N GLN A 42 -8.31 -4.27 -7.44
CA GLN A 42 -8.67 -2.91 -7.82
C GLN A 42 -7.94 -1.87 -6.96
N GLN A 43 -7.77 -2.20 -5.69
CA GLN A 43 -7.08 -1.30 -4.76
C GLN A 43 -5.69 -0.94 -5.26
N ARG A 44 -5.37 0.35 -5.23
CA ARG A 44 -4.07 0.81 -5.68
C ARG A 44 -3.07 0.89 -4.53
N LEU A 45 -1.92 0.23 -4.70
CA LEU A 45 -0.89 0.24 -3.67
C LEU A 45 -0.17 1.58 -3.64
N ILE A 46 -0.01 2.14 -2.45
CA ILE A 46 0.66 3.41 -2.27
C ILE A 46 1.47 3.44 -1.00
N PHE A 47 2.71 3.90 -1.10
CA PHE A 47 3.61 3.97 0.05
C PHE A 47 4.23 5.36 0.17
N ALA A 48 4.42 5.85 1.39
CA ALA A 48 4.99 7.17 1.60
C ALA A 48 5.63 7.29 2.99
N GLY A 49 6.89 7.72 3.01
CA GLY A 49 7.60 7.89 4.26
C GLY A 49 7.13 9.10 5.04
N LYS A 50 7.00 8.96 6.35
CA LYS A 50 6.57 10.05 7.21
C LYS A 50 6.95 9.80 8.65
N GLN A 51 8.24 9.99 8.91
CA GLN A 51 8.76 9.82 10.25
C GLN A 51 8.27 10.98 11.11
N LEU A 52 7.31 10.70 11.98
CA LEU A 52 6.73 11.72 12.84
C LEU A 52 7.82 12.53 13.55
N GLU A 53 8.38 13.51 12.84
CA GLU A 53 9.43 14.34 13.39
C GLU A 53 8.92 15.12 14.60
N GLY B 1 4.16 -1.68 -16.70
CA GLY B 1 5.32 -2.07 -15.87
C GLY B 1 4.95 -3.09 -14.80
N SER B 2 4.17 -4.09 -15.18
CA SER B 2 3.74 -5.13 -14.26
C SER B 2 3.03 -4.52 -13.05
N MET B 3 3.28 -5.07 -11.87
CA MET B 3 2.64 -4.59 -10.64
C MET B 3 3.38 -3.36 -10.09
N GLN B 4 3.65 -2.38 -10.96
CA GLN B 4 4.34 -1.17 -10.54
C GLN B 4 3.53 -0.42 -9.50
N ILE B 5 4.06 -0.39 -8.28
CA ILE B 5 3.41 0.28 -7.16
C ILE B 5 3.77 1.77 -7.14
N PHE B 6 2.80 2.61 -6.79
CA PHE B 6 3.04 4.04 -6.71
C PHE B 6 3.54 4.40 -5.32
N VAL B 7 4.66 5.09 -5.26
CA VAL B 7 5.25 5.47 -3.98
C VAL B 7 5.88 6.86 -4.04
N LYS B 8 5.68 7.62 -2.99
CA LYS B 8 6.22 8.98 -2.89
C LYS B 8 7.45 9.00 -1.99
N THR B 9 8.52 9.63 -2.47
CA THR B 9 9.75 9.72 -1.70
C THR B 9 9.57 10.61 -0.48
N LEU B 10 10.67 11.16 0.03
CA LEU B 10 10.60 12.03 1.21
C LEU B 10 9.76 13.27 0.91
N THR B 11 10.07 13.94 -0.20
CA THR B 11 9.34 15.13 -0.59
C THR B 11 7.96 14.78 -1.17
N GLY B 12 7.94 13.78 -2.04
CA GLY B 12 6.70 13.35 -2.65
C GLY B 12 6.86 12.94 -4.11
N LYS B 13 8.02 12.36 -4.43
CA LYS B 13 8.29 11.92 -5.79
C LYS B 13 7.67 10.56 -6.08
N THR B 14 6.91 10.47 -7.16
CA THR B 14 6.28 9.22 -7.55
C THR B 14 7.31 8.24 -8.10
N ILE B 15 7.21 6.98 -7.67
CA ILE B 15 8.15 5.95 -8.12
C ILE B 15 7.43 4.64 -8.44
N THR B 16 7.78 4.04 -9.57
CA THR B 16 7.17 2.78 -9.98
C THR B 16 8.01 1.60 -9.54
N LEU B 17 7.33 0.52 -9.17
CA LEU B 17 8.03 -0.69 -8.73
C LEU B 17 7.14 -1.92 -8.90
N GLU B 18 7.55 -2.80 -9.81
CA GLU B 18 6.81 -4.02 -10.09
C GLU B 18 7.23 -5.14 -9.14
N VAL B 19 6.24 -5.77 -8.51
CA VAL B 19 6.48 -6.85 -7.56
C VAL B 19 5.24 -7.73 -7.44
N GLU B 20 5.47 -9.03 -7.27
CA GLU B 20 4.38 -9.98 -7.14
C GLU B 20 3.45 -9.62 -5.99
N PRO B 21 2.13 -9.70 -6.19
CA PRO B 21 1.14 -9.38 -5.16
C PRO B 21 1.30 -10.25 -3.92
N SER B 22 1.58 -11.52 -4.13
CA SER B 22 1.76 -12.46 -3.03
C SER B 22 2.96 -12.07 -2.17
N ASP B 23 3.90 -11.36 -2.77
CA ASP B 23 5.10 -10.92 -2.06
C ASP B 23 4.72 -10.18 -0.78
N THR B 24 5.40 -10.52 0.32
CA THR B 24 5.13 -9.89 1.61
C THR B 24 5.30 -8.38 1.53
N ILE B 25 4.44 -7.66 2.27
CA ILE B 25 4.50 -6.20 2.29
C ILE B 25 5.87 -5.73 2.77
N GLU B 26 6.40 -6.42 3.76
CA GLU B 26 7.70 -6.10 4.32
C GLU B 26 8.78 -6.16 3.25
N ASN B 27 8.75 -7.21 2.44
CA ASN B 27 9.73 -7.39 1.39
C ASN B 27 9.61 -6.31 0.32
N VAL B 28 8.37 -6.01 -0.07
CA VAL B 28 8.10 -5.00 -1.08
C VAL B 28 8.64 -3.64 -0.64
N LYS B 29 8.33 -3.24 0.59
CA LYS B 29 8.78 -1.96 1.12
C LYS B 29 10.30 -1.94 1.26
N ALA B 30 10.87 -3.10 1.62
CA ALA B 30 12.32 -3.23 1.78
C ALA B 30 13.06 -2.78 0.53
N LYS B 31 12.45 -3.02 -0.64
CA LYS B 31 13.05 -2.63 -1.91
C LYS B 31 12.93 -1.12 -2.10
N ILE B 32 11.87 -0.54 -1.57
CA ILE B 32 11.65 0.89 -1.69
C ILE B 32 12.81 1.68 -1.11
N GLN B 33 13.32 1.28 0.05
CA GLN B 33 14.45 1.98 0.65
C GLN B 33 15.67 1.79 -0.25
N ASP B 34 15.80 0.60 -0.81
CA ASP B 34 16.89 0.32 -1.73
C ASP B 34 16.75 1.25 -2.93
N LYS B 35 15.49 1.55 -3.25
CA LYS B 35 15.14 2.43 -4.34
C LYS B 35 15.42 3.89 -3.98
N GLU B 36 15.28 4.21 -2.69
CA GLU B 36 15.52 5.57 -2.22
C GLU B 36 16.26 5.57 -0.89
N GLY B 37 15.64 5.03 0.15
CA GLY B 37 16.27 4.98 1.45
C GLY B 37 15.29 4.87 2.60
N ILE B 38 14.12 5.48 2.42
CA ILE B 38 13.08 5.48 3.45
C ILE B 38 12.82 4.10 4.03
N PRO B 39 12.94 3.95 5.35
CA PRO B 39 12.70 2.68 6.03
C PRO B 39 11.38 2.06 5.58
N PRO B 40 11.35 0.74 5.35
CA PRO B 40 10.14 0.05 4.91
C PRO B 40 8.95 0.30 5.84
N ASP B 41 9.21 0.35 7.14
CA ASP B 41 8.17 0.57 8.12
C ASP B 41 7.62 2.00 8.03
N GLN B 42 8.50 2.95 7.74
CA GLN B 42 8.09 4.35 7.65
C GLN B 42 7.03 4.54 6.56
N GLN B 43 7.17 3.81 5.47
CA GLN B 43 6.24 3.90 4.35
C GLN B 43 4.81 3.62 4.80
N ARG B 44 3.89 4.48 4.40
CA ARG B 44 2.48 4.33 4.76
C ARG B 44 1.72 3.53 3.71
N LEU B 45 1.03 2.48 4.16
CA LEU B 45 0.24 1.64 3.27
C LEU B 45 -1.06 2.34 2.87
N ILE B 46 -1.34 2.35 1.57
CA ILE B 46 -2.54 2.99 1.05
C ILE B 46 -3.11 2.20 -0.12
N PHE B 47 -4.42 1.98 -0.10
CA PHE B 47 -5.10 1.24 -1.16
C PHE B 47 -6.31 2.02 -1.68
N ALA B 48 -6.55 1.97 -2.98
CA ALA B 48 -7.68 2.70 -3.55
C ALA B 48 -8.17 2.07 -4.84
N GLY B 49 -9.46 1.70 -4.87
CA GLY B 49 -10.04 1.11 -6.05
C GLY B 49 -10.20 2.09 -7.19
N LYS B 50 -9.86 1.66 -8.40
CA LYS B 50 -9.98 2.51 -9.58
C LYS B 50 -10.03 1.69 -10.84
N GLN B 51 -11.19 1.08 -11.07
CA GLN B 51 -11.39 0.28 -12.26
C GLN B 51 -11.41 1.19 -13.48
N LEU B 52 -10.43 1.01 -14.35
CA LEU B 52 -10.31 1.83 -15.55
C LEU B 52 -11.58 1.77 -16.39
N GLU B 53 -12.58 2.54 -15.98
CA GLU B 53 -13.87 2.59 -16.69
C GLU B 53 -13.69 3.15 -18.09
#